data_9ERU
#
_entry.id   9ERU
#
_cell.length_a   37.150
_cell.length_b   79.000
_cell.length_c   117.590
_cell.angle_alpha   77.675
_cell.angle_beta   87.706
_cell.angle_gamma   84.290
#
_symmetry.space_group_name_H-M   'P 1'
#
loop_
_entity.id
_entity.type
_entity.pdbx_description
1 polymer "2',3'-cyclic-nucleotide 3'-phosphodiesterase"
2 polymer 'Chains: G,C,E,H'
3 water water
#
loop_
_entity_poly.entity_id
_entity_poly.type
_entity_poly.pdbx_seq_one_letter_code
_entity_poly.pdbx_strand_id
1 'polypeptide(L)'
;GLEKDFLPLYFGWFLTKKSSETLRKAGQVFLEELGNHKAFKKELRHFISGDEPKEKLELVSYFGKRPPGVLHCTTKFCDY
GKAAGAEEYAQQEVVKRSYGKAFKLSISALFVTPKTAGAQVVLTDQELQLWPSDLDKPSASEGLPPGSRAHVTLGCAADV
QPVQTGLDLLDILQQVKGGSQGEAVGELPRGKLYSLGKGRWMLSLTKKMEVKAIFTGYYG
;
B,A,D,F
2 'polypeptide(L)'
;EVQLEESGGGWVHPGGSLRLSCAASGNVFGVNTMAWYRQAPGKQREQRELVASITDYGTTEYADSVKGRFTISGDNAKAT
VYLQMNSLKPEDTAVYYCNMDLTVMTATSSLYAYDYWGQGTQVTVSS
;
G,C,E,H
#
# COMPACT_ATOMS: atom_id res chain seq x y z
N LEU A 2 4.96 -4.27 -2.12
CA LEU A 2 4.80 -3.08 -2.95
C LEU A 2 3.35 -2.92 -3.39
N GLU A 3 2.62 -4.05 -3.42
CA GLU A 3 1.23 -4.06 -3.84
C GLU A 3 1.13 -3.84 -5.35
N LYS A 4 1.77 -4.69 -6.14
CA LYS A 4 1.76 -4.57 -7.59
C LYS A 4 0.35 -4.47 -8.14
N ASP A 5 -0.26 -3.30 -8.01
CA ASP A 5 -1.60 -3.01 -8.51
C ASP A 5 -2.14 -1.76 -7.81
N PHE A 6 -2.19 -1.82 -6.47
CA PHE A 6 -2.66 -0.72 -5.63
C PHE A 6 -1.45 0.09 -5.17
N LEU A 7 -1.28 1.27 -5.75
CA LEU A 7 -0.13 2.14 -5.61
C LEU A 7 -0.36 3.17 -4.51
N PRO A 8 0.71 3.68 -3.89
CA PRO A 8 0.54 4.70 -2.86
C PRO A 8 0.46 6.10 -3.44
N LEU A 9 0.27 7.10 -2.58
CA LEU A 9 0.34 8.48 -3.03
C LEU A 9 1.77 8.85 -3.42
N TYR A 10 2.75 8.30 -2.70
CA TYR A 10 4.15 8.48 -3.04
C TYR A 10 5.00 7.49 -2.25
N PHE A 11 6.16 7.16 -2.81
CA PHE A 11 7.17 6.38 -2.11
C PHE A 11 8.10 7.33 -1.35
N GLY A 12 9.02 6.75 -0.58
CA GLY A 12 10.03 7.55 0.09
C GLY A 12 10.50 6.90 1.37
N TRP A 13 11.40 7.59 2.05
CA TRP A 13 11.97 7.16 3.32
C TRP A 13 11.26 7.91 4.43
N PHE A 14 10.65 7.18 5.35
CA PHE A 14 9.88 7.78 6.43
C PHE A 14 10.59 7.52 7.75
N LEU A 15 10.85 8.60 8.49
CA LEU A 15 11.61 8.49 9.72
C LEU A 15 10.79 7.83 10.82
N THR A 16 11.47 7.05 11.66
CA THR A 16 10.81 6.42 12.78
C THR A 16 10.42 7.48 13.82
N LYS A 17 9.69 7.05 14.84
CA LYS A 17 9.21 8.02 15.84
C LYS A 17 10.38 8.73 16.51
N LYS A 18 11.45 8.01 16.85
CA LYS A 18 12.58 8.66 17.52
C LYS A 18 13.36 9.56 16.58
N SER A 19 13.89 8.98 15.48
CA SER A 19 14.61 9.82 14.53
C SER A 19 13.80 11.03 14.13
N SER A 20 12.48 10.87 13.98
CA SER A 20 11.65 11.99 13.56
C SER A 20 11.74 13.13 14.59
N GLU A 21 11.78 12.83 15.89
CA GLU A 21 11.87 13.91 16.85
C GLU A 21 13.30 14.42 17.02
N THR A 22 14.29 13.52 16.89
CA THR A 22 15.66 14.01 16.92
C THR A 22 15.85 15.08 15.87
N LEU A 23 15.36 14.82 14.65
CA LEU A 23 15.46 15.81 13.59
C LEU A 23 14.50 16.97 13.84
N ARG A 24 13.26 16.66 14.21
CA ARG A 24 12.26 17.70 14.40
C ARG A 24 12.69 18.68 15.48
N LYS A 25 13.14 18.17 16.63
CA LYS A 25 13.55 19.06 17.72
C LYS A 25 14.84 19.79 17.36
N ALA A 26 15.75 19.11 16.66
CA ALA A 26 16.97 19.76 16.20
C ALA A 26 16.65 20.91 15.26
N GLY A 27 15.65 20.74 14.40
CA GLY A 27 15.25 21.81 13.51
C GLY A 27 14.61 22.98 14.22
N GLN A 28 13.99 22.73 15.38
CA GLN A 28 13.41 23.84 16.13
C GLN A 28 14.49 24.70 16.77
N VAL A 29 15.42 24.07 17.50
CA VAL A 29 16.48 24.84 18.15
C VAL A 29 17.27 25.63 17.12
N PHE A 30 17.48 25.05 15.94
CA PHE A 30 18.12 25.79 14.86
C PHE A 30 17.35 27.06 14.55
N LEU A 31 16.05 26.93 14.27
CA LEU A 31 15.23 28.11 14.02
C LEU A 31 15.23 29.05 15.21
N GLU A 32 15.40 28.53 16.42
CA GLU A 32 15.45 29.39 17.59
C GLU A 32 16.77 30.16 17.64
N GLU A 33 17.86 29.55 17.19
CA GLU A 33 19.15 30.22 17.18
C GLU A 33 19.27 31.20 16.02
N LEU A 34 18.84 30.79 14.82
CA LEU A 34 18.91 31.68 13.66
C LEU A 34 18.14 32.96 13.92
N GLY A 35 16.91 32.84 14.44
CA GLY A 35 16.09 34.01 14.68
C GLY A 35 16.65 34.93 15.75
N ASN A 36 17.51 34.41 16.63
CA ASN A 36 18.12 35.21 17.68
C ASN A 36 19.59 35.53 17.37
N HIS A 37 20.05 35.23 16.17
CA HIS A 37 21.45 35.43 15.81
C HIS A 37 21.63 36.80 15.16
N LYS A 38 22.72 37.48 15.53
CA LYS A 38 22.94 38.85 15.08
C LYS A 38 22.98 38.94 13.55
N ALA A 39 23.63 37.98 12.90
CA ALA A 39 23.68 37.99 11.44
C ALA A 39 22.29 37.99 10.84
N PHE A 40 21.46 37.01 11.22
CA PHE A 40 20.10 36.93 10.68
C PHE A 40 19.31 38.21 10.95
N LYS A 41 19.45 38.77 12.15
CA LYS A 41 18.73 40.00 12.48
C LYS A 41 19.14 41.15 11.56
N LYS A 42 20.38 41.18 11.11
CA LYS A 42 20.80 42.25 10.20
C LYS A 42 19.99 42.21 8.92
N GLU A 43 20.05 41.10 8.18
CA GLU A 43 19.43 40.99 6.87
C GLU A 43 17.96 40.59 6.94
N LEU A 44 17.25 40.97 8.01
CA LEU A 44 15.85 40.58 8.13
C LEU A 44 14.99 41.15 7.01
N ARG A 45 15.25 42.39 6.61
CA ARG A 45 14.49 42.98 5.51
C ARG A 45 14.71 42.22 4.21
N HIS A 46 15.69 41.32 4.17
CA HIS A 46 15.93 40.44 3.03
C HIS A 46 15.18 39.13 3.17
N PHE A 47 14.33 39.01 4.19
CA PHE A 47 13.65 37.77 4.51
C PHE A 47 12.14 37.91 4.58
N ILE A 48 11.61 39.14 4.50
CA ILE A 48 10.19 39.38 4.67
C ILE A 48 9.79 40.63 3.89
N GLU A 55 7.31 42.25 14.00
CA GLU A 55 7.79 42.39 15.37
C GLU A 55 9.04 41.50 15.49
N LYS A 56 9.22 40.84 16.63
CA LYS A 56 10.17 39.73 16.74
C LYS A 56 9.63 38.58 15.90
N LEU A 57 10.25 38.32 14.75
CA LEU A 57 9.78 37.28 13.85
C LEU A 57 10.33 35.93 14.35
N GLU A 58 9.52 35.27 15.18
CA GLU A 58 9.86 33.93 15.67
C GLU A 58 9.75 32.93 14.53
N LEU A 59 10.90 32.46 14.04
CA LEU A 59 10.91 31.60 12.87
C LEU A 59 10.07 30.34 13.05
N VAL A 60 9.93 29.87 14.29
CA VAL A 60 9.16 28.64 14.53
C VAL A 60 7.74 28.79 14.00
N SER A 61 7.01 29.78 14.51
CA SER A 61 5.64 29.99 14.05
C SER A 61 5.61 30.33 12.56
N TYR A 62 6.63 31.01 12.06
CA TYR A 62 6.66 31.36 10.65
C TYR A 62 6.63 30.12 9.77
N PHE A 63 7.37 29.08 10.17
CA PHE A 63 7.49 27.85 9.39
C PHE A 63 6.56 26.74 9.88
N GLY A 64 5.53 27.08 10.65
CA GLY A 64 4.63 26.08 11.21
C GLY A 64 3.41 25.79 10.36
N LYS A 65 3.58 25.75 9.04
CA LYS A 65 2.50 25.50 8.11
C LYS A 65 2.66 24.19 7.36
N ARG A 66 3.67 23.41 7.70
CA ARG A 66 3.91 22.14 7.00
C ARG A 66 2.68 21.24 7.16
N PRO A 67 2.27 20.54 6.12
CA PRO A 67 1.14 19.61 6.25
C PRO A 67 1.41 18.57 7.33
N PRO A 68 0.51 18.44 8.31
CA PRO A 68 0.73 17.46 9.38
C PRO A 68 1.00 16.06 8.83
N GLY A 69 2.04 15.43 9.35
CA GLY A 69 2.43 14.11 8.90
C GLY A 69 3.82 13.77 9.36
N VAL A 70 4.20 12.52 9.10
CA VAL A 70 5.51 12.03 9.52
C VAL A 70 6.58 12.63 8.61
N LEU A 71 7.68 13.09 9.23
CA LEU A 71 8.82 13.59 8.45
C LEU A 71 9.31 12.50 7.49
N HIS A 72 9.73 12.92 6.32
CA HIS A 72 10.06 11.95 5.29
C HIS A 72 10.92 12.57 4.20
N CYS A 73 11.67 11.72 3.50
CA CYS A 73 12.38 12.11 2.28
C CYS A 73 11.70 11.38 1.13
N THR A 74 10.92 12.13 0.35
CA THR A 74 10.22 11.55 -0.78
C THR A 74 11.18 11.10 -1.86
N THR A 75 10.81 10.00 -2.53
CA THR A 75 11.48 9.57 -3.74
C THR A 75 10.60 9.83 -4.96
N LYS A 76 9.53 9.07 -5.15
CA LYS A 76 8.68 9.20 -6.32
C LYS A 76 7.25 9.50 -5.88
N PHE A 77 6.71 10.61 -6.38
CA PHE A 77 5.30 10.92 -6.22
C PHE A 77 4.51 10.13 -7.26
N CYS A 78 3.56 9.32 -6.80
CA CYS A 78 2.85 8.40 -7.69
C CYS A 78 1.37 8.72 -7.88
N ASP A 79 0.72 9.32 -6.89
CA ASP A 79 -0.70 9.61 -6.97
C ASP A 79 -1.51 8.37 -7.35
N TYR A 80 -1.18 7.25 -6.70
CA TYR A 80 -1.85 5.98 -6.93
C TYR A 80 -1.75 5.57 -8.40
N GLY A 81 -0.61 5.88 -9.02
CA GLY A 81 -0.34 5.52 -10.39
C GLY A 81 -0.72 6.55 -11.43
N LYS A 82 -1.45 7.61 -11.04
CA LYS A 82 -1.82 8.62 -12.02
C LYS A 82 -0.63 9.50 -12.40
N ALA A 83 0.35 9.65 -11.50
CA ALA A 83 1.52 10.46 -11.81
C ALA A 83 2.38 9.78 -12.87
N ALA A 84 3.00 10.58 -13.73
CA ALA A 84 3.80 10.05 -14.81
C ALA A 84 5.01 9.29 -14.29
N GLY A 85 5.22 8.09 -14.84
CA GLY A 85 6.31 7.24 -14.42
C GLY A 85 6.07 6.40 -13.19
N ALA A 86 4.93 6.60 -12.51
CA ALA A 86 4.67 5.87 -11.27
C ALA A 86 4.76 4.37 -11.47
N GLU A 87 4.00 3.84 -12.44
CA GLU A 87 3.95 2.39 -12.62
C GLU A 87 5.34 1.80 -12.86
N GLU A 88 6.15 2.45 -13.69
CA GLU A 88 7.50 1.95 -13.95
C GLU A 88 8.34 1.91 -12.68
N TYR A 89 8.29 2.99 -11.88
CA TYR A 89 9.10 3.05 -10.68
C TYR A 89 8.74 1.91 -9.73
N ALA A 90 7.45 1.73 -9.45
CA ALA A 90 7.03 0.70 -8.51
C ALA A 90 7.37 -0.70 -9.02
N GLN A 91 7.22 -0.92 -10.32
CA GLN A 91 7.53 -2.22 -10.90
C GLN A 91 9.04 -2.51 -10.94
N GLN A 92 9.90 -1.58 -10.53
CA GLN A 92 11.33 -1.84 -10.51
C GLN A 92 11.67 -2.88 -9.46
N GLU A 93 12.67 -3.71 -9.76
CA GLU A 93 13.05 -4.78 -8.84
C GLU A 93 13.65 -4.25 -7.56
N VAL A 94 14.47 -3.19 -7.65
CA VAL A 94 15.05 -2.62 -6.45
C VAL A 94 13.96 -2.02 -5.57
N VAL A 95 12.95 -1.40 -6.19
CA VAL A 95 11.87 -0.81 -5.40
C VAL A 95 11.03 -1.90 -4.76
N LYS A 96 10.75 -2.97 -5.50
CA LYS A 96 9.97 -4.06 -4.93
C LYS A 96 10.74 -4.76 -3.82
N ARG A 97 12.04 -4.95 -4.00
CA ARG A 97 12.83 -5.70 -3.04
C ARG A 97 13.26 -4.84 -1.85
N SER A 98 12.90 -3.56 -1.84
CA SER A 98 13.22 -2.67 -0.74
C SER A 98 12.00 -2.25 0.09
N TYR A 99 10.80 -2.57 -0.36
CA TYR A 99 9.60 -2.18 0.38
C TYR A 99 9.65 -2.71 1.81
N GLY A 100 9.52 -1.80 2.77
CA GLY A 100 9.61 -2.17 4.16
C GLY A 100 11.01 -2.31 4.70
N LYS A 101 12.02 -2.29 3.83
CA LYS A 101 13.41 -2.38 4.28
C LYS A 101 13.83 -1.06 4.93
N ALA A 102 14.64 -1.17 5.98
CA ALA A 102 15.09 0.00 6.73
C ALA A 102 16.42 0.51 6.16
N PHE A 103 16.49 1.83 5.97
CA PHE A 103 17.69 2.50 5.51
C PHE A 103 18.09 3.56 6.53
N LYS A 104 19.33 4.06 6.39
CA LYS A 104 19.86 5.12 7.24
C LYS A 104 20.15 6.33 6.36
N LEU A 105 19.52 7.46 6.68
CA LEU A 105 19.65 8.69 5.90
C LEU A 105 20.56 9.66 6.64
N SER A 106 21.54 10.22 5.93
CA SER A 106 22.51 11.12 6.50
C SER A 106 22.08 12.56 6.29
N ILE A 107 21.94 13.31 7.38
CA ILE A 107 21.62 14.73 7.34
C ILE A 107 22.93 15.50 7.46
N SER A 108 23.35 16.16 6.38
CA SER A 108 24.60 16.89 6.35
C SER A 108 24.48 18.35 6.77
N ALA A 109 23.29 18.94 6.72
CA ALA A 109 23.14 20.34 7.10
C ALA A 109 21.66 20.69 7.16
N LEU A 110 21.34 21.64 8.01
CA LEU A 110 20.02 22.26 8.07
C LEU A 110 20.04 23.56 7.27
N PHE A 111 18.85 24.00 6.87
CA PHE A 111 18.74 25.22 6.09
C PHE A 111 17.35 25.81 6.23
N VAL A 112 17.26 27.11 5.96
CA VAL A 112 16.00 27.84 5.99
C VAL A 112 16.04 28.90 4.89
N THR A 113 14.89 29.16 4.30
CA THR A 113 14.74 30.23 3.33
C THR A 113 13.43 30.95 3.64
N PRO A 114 13.11 32.05 2.98
CA PRO A 114 11.84 32.73 3.26
C PRO A 114 10.62 31.84 3.05
N LYS A 115 10.75 30.75 2.30
CA LYS A 115 9.63 29.88 1.95
C LYS A 115 9.61 28.58 2.72
N THR A 116 10.76 27.93 2.88
CA THR A 116 10.81 26.61 3.51
C THR A 116 11.96 26.53 4.50
N ALA A 117 11.90 25.52 5.35
CA ALA A 117 12.98 25.19 6.28
C ALA A 117 13.11 23.67 6.27
N GLY A 118 14.25 23.17 5.78
CA GLY A 118 14.40 21.75 5.59
C GLY A 118 15.73 21.19 6.05
N ALA A 119 16.05 19.97 5.63
CA ALA A 119 17.29 19.31 5.98
C ALA A 119 17.83 18.60 4.75
N GLN A 120 19.13 18.74 4.51
CA GLN A 120 19.75 18.17 3.33
C GLN A 120 20.10 16.70 3.59
N VAL A 121 19.76 15.85 2.64
CA VAL A 121 19.98 14.42 2.73
C VAL A 121 21.05 14.03 1.72
N VAL A 122 22.07 13.31 2.20
CA VAL A 122 23.15 12.82 1.33
C VAL A 122 22.96 11.32 1.12
N LEU A 123 22.28 10.95 0.04
CA LEU A 123 21.94 9.56 -0.16
C LEU A 123 23.19 8.72 -0.43
N THR A 124 23.16 7.48 0.04
CA THR A 124 24.23 6.54 -0.21
C THR A 124 24.09 5.94 -1.60
N ASP A 125 25.08 5.14 -1.98
CA ASP A 125 25.07 4.56 -3.32
C ASP A 125 23.83 3.71 -3.53
N GLN A 126 23.48 2.90 -2.52
CA GLN A 126 22.30 2.03 -2.64
C GLN A 126 21.02 2.83 -2.56
N GLU A 127 20.97 3.83 -1.68
CA GLU A 127 19.79 4.70 -1.60
C GLU A 127 19.52 5.40 -2.94
N LEU A 128 20.57 5.73 -3.68
CA LEU A 128 20.38 6.33 -4.99
C LEU A 128 19.77 5.34 -5.98
N GLN A 129 19.89 4.03 -5.72
CA GLN A 129 19.22 3.06 -6.58
C GLN A 129 17.71 3.27 -6.58
N LEU A 130 17.16 3.78 -5.47
CA LEU A 130 15.74 4.08 -5.37
C LEU A 130 15.40 5.50 -5.77
N TRP A 131 16.38 6.39 -5.86
CA TRP A 131 16.12 7.77 -6.28
C TRP A 131 15.66 7.80 -7.73
N PRO A 132 14.54 8.45 -8.04
CA PRO A 132 14.06 8.45 -9.43
C PRO A 132 14.94 9.34 -10.28
N SER A 133 14.67 9.32 -11.59
CA SER A 133 15.40 10.16 -12.52
C SER A 133 14.41 11.06 -13.26
N ASP A 134 13.67 11.85 -12.47
CA ASP A 134 12.74 12.84 -13.01
C ASP A 134 12.68 13.99 -12.00
N LEU A 135 12.85 13.65 -10.72
CA LEU A 135 12.91 14.62 -9.64
C LEU A 135 14.29 15.22 -9.45
N ASP A 136 15.05 15.35 -10.53
CA ASP A 136 16.42 15.86 -10.42
C ASP A 136 16.80 16.57 -11.72
N LYS A 137 15.93 17.48 -12.17
CA LYS A 137 16.23 18.32 -13.31
C LYS A 137 15.35 19.56 -13.35
N PRO A 138 15.28 20.38 -12.27
CA PRO A 138 14.50 21.62 -12.35
C PRO A 138 15.26 22.74 -13.06
N SER A 139 15.93 23.63 -12.32
CA SER A 139 16.65 24.77 -12.88
C SER A 139 18.13 24.77 -12.52
N ALA A 140 18.47 24.41 -11.28
CA ALA A 140 19.85 24.29 -10.84
C ALA A 140 20.38 22.87 -10.89
N SER A 141 19.52 21.87 -11.06
CA SER A 141 19.99 20.49 -11.15
C SER A 141 20.94 20.26 -12.31
N GLU A 142 21.00 21.18 -13.27
CA GLU A 142 22.00 21.08 -14.34
C GLU A 142 23.33 21.54 -13.75
N GLY A 143 24.25 20.60 -13.56
CA GLY A 143 25.52 20.83 -12.93
C GLY A 143 25.55 20.44 -11.46
N LEU A 144 24.39 20.25 -10.84
CA LEU A 144 24.33 19.62 -9.53
C LEU A 144 24.24 18.11 -9.70
N PRO A 145 24.85 17.33 -8.81
CA PRO A 145 24.88 15.87 -9.00
C PRO A 145 23.52 15.24 -8.76
N PRO A 146 23.29 14.02 -9.27
CA PRO A 146 22.00 13.36 -9.01
C PRO A 146 21.79 13.14 -7.52
N GLY A 147 20.56 13.44 -7.07
CA GLY A 147 20.20 13.25 -5.69
C GLY A 147 20.43 14.46 -4.81
N SER A 148 20.85 15.59 -5.37
CA SER A 148 21.06 16.78 -4.56
C SER A 148 19.75 17.31 -4.00
N ARG A 149 18.63 17.10 -4.71
CA ARG A 149 17.34 17.57 -4.21
C ARG A 149 16.88 16.80 -2.98
N ALA A 150 17.47 15.64 -2.71
CA ALA A 150 17.08 14.84 -1.55
C ALA A 150 17.07 15.68 -0.29
N HIS A 151 15.94 15.67 0.41
CA HIS A 151 15.76 16.52 1.57
C HIS A 151 14.68 15.95 2.48
N VAL A 152 14.56 16.55 3.66
CA VAL A 152 13.47 16.28 4.58
C VAL A 152 12.90 17.63 4.98
N THR A 153 11.67 17.90 4.57
CA THR A 153 11.04 19.18 4.89
C THR A 153 10.71 19.26 6.38
N LEU A 154 11.22 20.29 7.04
CA LEU A 154 10.92 20.51 8.45
C LEU A 154 9.86 21.60 8.67
N GLY A 155 9.69 22.52 7.73
CA GLY A 155 8.74 23.59 7.91
C GLY A 155 8.40 24.25 6.58
N CYS A 156 7.33 25.03 6.59
CA CYS A 156 6.86 25.74 5.41
C CYS A 156 6.19 27.05 5.82
N ALA A 157 6.29 28.04 4.94
CA ALA A 157 5.61 29.32 5.14
C ALA A 157 4.14 29.17 4.76
N ALA A 158 3.41 30.29 4.76
CA ALA A 158 1.96 30.28 4.60
C ALA A 158 1.50 29.41 3.43
N ASP A 159 1.72 29.87 2.20
CA ASP A 159 1.26 29.16 1.01
C ASP A 159 2.45 28.57 0.30
N VAL A 160 3.04 27.55 0.92
CA VAL A 160 4.24 26.89 0.40
C VAL A 160 3.99 25.39 0.38
N GLN A 161 4.00 24.81 -0.79
CA GLN A 161 3.86 23.37 -0.95
C GLN A 161 5.19 22.69 -0.66
N PRO A 162 5.19 21.54 0.05
CA PRO A 162 6.47 20.93 0.42
C PRO A 162 7.41 20.67 -0.74
N VAL A 163 6.88 20.61 -1.97
CA VAL A 163 7.75 20.46 -3.13
C VAL A 163 8.73 21.62 -3.23
N GLN A 164 8.38 22.78 -2.65
CA GLN A 164 9.29 23.93 -2.67
C GLN A 164 10.59 23.65 -1.94
N THR A 165 10.53 22.85 -0.87
CA THR A 165 11.73 22.63 -0.06
C THR A 165 12.86 22.04 -0.89
N GLY A 166 12.53 21.12 -1.81
CA GLY A 166 13.56 20.53 -2.64
C GLY A 166 14.20 21.52 -3.59
N LEU A 167 13.40 22.44 -4.13
CA LEU A 167 13.93 23.43 -5.06
C LEU A 167 14.77 24.48 -4.33
N ASP A 168 14.33 24.91 -3.14
CA ASP A 168 15.14 25.84 -2.37
C ASP A 168 16.49 25.24 -2.01
N LEU A 169 16.54 23.92 -1.79
CA LEU A 169 17.81 23.28 -1.50
C LEU A 169 18.74 23.37 -2.70
N LEU A 170 18.22 23.06 -3.89
CA LEU A 170 19.03 23.15 -5.09
C LEU A 170 19.50 24.59 -5.30
N ASP A 171 18.64 25.55 -4.97
CA ASP A 171 19.05 26.95 -5.02
C ASP A 171 20.17 27.21 -4.03
N ILE A 172 20.07 26.64 -2.82
CA ILE A 172 21.10 26.83 -1.82
C ILE A 172 22.40 26.16 -2.26
N LEU A 173 22.29 24.92 -2.76
CA LEU A 173 23.49 24.18 -3.15
C LEU A 173 24.17 24.83 -4.34
N GLN A 174 23.37 25.36 -5.29
CA GLN A 174 23.94 26.02 -6.45
C GLN A 174 24.87 27.15 -6.05
N GLN A 175 24.49 27.94 -5.05
CA GLN A 175 25.39 28.98 -4.57
C GLN A 175 26.52 28.41 -3.72
N VAL A 176 26.21 27.44 -2.85
CA VAL A 176 27.26 26.84 -2.01
C VAL A 176 28.37 26.29 -2.89
N LYS A 177 28.02 25.74 -4.04
CA LYS A 177 29.04 25.26 -4.97
C LYS A 177 29.82 26.42 -5.57
N GLY A 178 29.13 27.50 -5.93
CA GLY A 178 29.79 28.61 -6.58
C GLY A 178 30.73 29.39 -5.68
N GLY A 179 30.99 28.89 -4.47
CA GLY A 179 31.85 29.61 -3.56
C GLY A 179 31.31 30.93 -3.13
N SER A 180 30.04 31.19 -3.40
CA SER A 180 29.40 32.45 -3.08
C SER A 180 28.62 32.41 -1.79
N GLN A 181 28.73 31.32 -1.01
CA GLN A 181 28.13 31.31 0.31
C GLN A 181 28.80 32.32 1.24
N GLY A 182 30.05 32.70 0.94
CA GLY A 182 30.78 33.62 1.78
C GLY A 182 31.51 32.91 2.91
N GLU A 183 31.65 33.60 4.04
CA GLU A 183 32.35 33.09 5.20
C GLU A 183 31.36 32.81 6.33
N ALA A 184 31.71 31.87 7.19
CA ALA A 184 30.84 31.52 8.31
C ALA A 184 30.51 32.79 9.07
N VAL A 185 29.25 33.20 9.02
CA VAL A 185 28.79 34.39 9.73
C VAL A 185 28.69 34.09 11.23
N GLY A 186 28.95 32.85 11.60
CA GLY A 186 28.90 32.49 13.00
C GLY A 186 29.05 30.99 13.15
N GLU A 187 29.31 30.59 14.39
CA GLU A 187 29.45 29.18 14.75
C GLU A 187 28.33 28.86 15.74
N LEU A 188 27.36 28.08 15.30
CA LEU A 188 26.32 27.58 16.18
C LEU A 188 26.81 26.35 16.93
N PRO A 189 26.15 25.99 18.03
CA PRO A 189 26.57 24.78 18.77
C PRO A 189 26.66 23.55 17.88
N ARG A 190 25.78 23.44 16.88
CA ARG A 190 25.77 22.28 16.00
C ARG A 190 26.74 22.42 14.83
N GLY A 191 27.02 23.63 14.39
CA GLY A 191 27.91 23.81 13.25
C GLY A 191 28.11 25.27 12.91
N LYS A 192 28.49 25.50 11.66
CA LYS A 192 28.86 26.82 11.17
C LYS A 192 27.69 27.42 10.40
N LEU A 193 27.23 28.58 10.83
CA LEU A 193 26.18 29.29 10.10
C LEU A 193 26.77 30.01 8.89
N TYR A 194 26.04 29.99 7.79
CA TYR A 194 26.47 30.62 6.55
C TYR A 194 25.32 31.43 5.98
N SER A 195 25.58 32.71 5.70
CA SER A 195 24.61 33.57 5.04
C SER A 195 24.87 33.53 3.54
N LEU A 196 23.86 33.12 2.77
CA LEU A 196 23.98 33.01 1.33
C LEU A 196 23.20 34.10 0.59
N GLY A 197 22.63 35.06 1.31
CA GLY A 197 21.92 36.14 0.67
C GLY A 197 20.60 35.72 0.09
N LYS A 198 19.76 36.67 -0.29
CA LYS A 198 18.43 36.37 -0.84
C LYS A 198 17.63 35.47 0.12
N GLY A 199 17.90 35.61 1.42
CA GLY A 199 17.15 34.93 2.45
C GLY A 199 17.62 33.53 2.83
N ARG A 200 18.57 32.96 2.09
CA ARG A 200 19.00 31.59 2.35
C ARG A 200 19.98 31.53 3.52
N TRP A 201 19.90 30.43 4.27
CA TRP A 201 20.79 30.20 5.40
C TRP A 201 21.08 28.72 5.53
N MET A 202 22.29 28.39 5.97
CA MET A 202 22.70 27.00 6.11
C MET A 202 23.50 26.81 7.39
N LEU A 203 23.13 25.80 8.17
CA LEU A 203 23.89 25.38 9.34
C LEU A 203 24.63 24.12 8.91
N SER A 204 25.85 24.30 8.40
CA SER A 204 26.68 23.15 8.05
C SER A 204 27.00 22.37 9.31
N LEU A 205 26.47 21.16 9.42
CA LEU A 205 26.60 20.37 10.64
C LEU A 205 28.01 19.81 10.75
N THR A 206 28.70 20.16 11.84
CA THR A 206 30.01 19.61 12.09
C THR A 206 29.97 18.08 12.15
N LYS A 207 28.88 17.52 12.66
CA LYS A 207 28.70 16.09 12.75
C LYS A 207 27.43 15.71 11.98
N LYS A 208 27.57 14.81 11.01
CA LYS A 208 26.42 14.38 10.23
C LYS A 208 25.38 13.74 11.15
N MET A 209 24.18 14.32 11.18
CA MET A 209 23.07 13.71 11.92
C MET A 209 22.62 12.44 11.21
N GLU A 210 22.55 11.35 11.96
CA GLU A 210 22.13 10.06 11.43
C GLU A 210 20.71 9.77 11.91
N VAL A 211 19.81 9.48 10.97
CA VAL A 211 18.41 9.26 11.26
C VAL A 211 17.97 7.93 10.65
N LYS A 212 17.21 7.15 11.42
CA LYS A 212 16.67 5.88 10.94
C LYS A 212 15.37 6.10 10.18
N ALA A 213 15.23 5.42 9.05
CA ALA A 213 14.08 5.64 8.18
C ALA A 213 13.77 4.37 7.42
N ILE A 214 12.48 4.18 7.13
CA ILE A 214 11.98 3.01 6.42
C ILE A 214 11.52 3.44 5.04
N PHE A 215 11.93 2.70 4.01
CA PHE A 215 11.46 2.94 2.65
C PHE A 215 10.16 2.18 2.42
N THR A 216 9.09 2.91 2.15
CA THR A 216 7.79 2.30 1.91
C THR A 216 6.91 3.28 1.15
N GLY A 217 5.65 2.94 0.98
CA GLY A 217 4.68 3.80 0.33
C GLY A 217 3.71 4.35 1.35
N TYR A 218 3.20 5.55 1.06
CA TYR A 218 2.25 6.24 1.94
C TYR A 218 0.96 6.43 1.17
N TYR A 219 -0.15 5.94 1.73
CA TYR A 219 -1.45 6.01 1.08
C TYR A 219 -2.34 7.12 1.64
N GLY A 220 -2.03 7.64 2.82
CA GLY A 220 -2.78 8.74 3.38
C GLY A 220 -4.19 8.36 3.76
N GLU B 1 -3.67 -1.36 14.69
CA GLU B 1 -4.36 -1.78 15.95
C GLU B 1 -3.86 -0.95 17.12
N VAL B 2 -4.35 0.28 17.22
CA VAL B 2 -3.99 1.19 18.29
C VAL B 2 -5.19 1.32 19.23
N GLN B 3 -4.91 1.69 20.48
CA GLN B 3 -5.94 1.94 21.48
C GLN B 3 -5.64 3.28 22.14
N LEU B 4 -6.62 4.18 22.16
CA LEU B 4 -6.45 5.45 22.85
C LEU B 4 -7.01 5.33 24.26
N GLU B 5 -6.20 5.71 25.24
CA GLU B 5 -6.50 5.58 26.67
C GLU B 5 -6.43 6.95 27.34
N GLU B 6 -7.60 7.42 27.81
CA GLU B 6 -7.67 8.68 28.51
C GLU B 6 -7.30 8.55 29.99
N SER B 7 -7.14 9.70 30.63
CA SER B 7 -6.91 9.78 32.07
C SER B 7 -7.31 11.18 32.51
N GLY B 8 -7.19 11.44 33.81
CA GLY B 8 -7.64 12.69 34.38
C GLY B 8 -9.16 12.73 34.52
N GLY B 9 -9.67 13.94 34.69
CA GLY B 9 -11.10 14.11 34.84
C GLY B 9 -11.56 13.93 36.26
N GLY B 10 -12.68 14.56 36.62
CA GLY B 10 -13.19 14.47 37.97
C GLY B 10 -14.20 15.58 38.22
N TRP B 11 -14.49 15.80 39.50
CA TRP B 11 -15.42 16.84 39.91
C TRP B 11 -14.64 18.01 40.50
N VAL B 12 -14.90 19.21 39.99
CA VAL B 12 -14.15 20.39 40.41
C VAL B 12 -15.11 21.55 40.64
N HIS B 13 -14.83 22.35 41.64
CA HIS B 13 -15.61 23.57 41.81
C HIS B 13 -15.09 24.67 40.89
N PRO B 14 -15.99 25.50 40.33
CA PRO B 14 -15.56 26.56 39.41
C PRO B 14 -14.32 27.32 39.88
N GLY B 15 -13.29 27.33 39.04
CA GLY B 15 -12.02 27.92 39.37
C GLY B 15 -10.91 26.96 39.70
N GLY B 16 -11.08 25.67 39.40
CA GLY B 16 -10.05 24.68 39.60
C GLY B 16 -9.42 24.25 38.28
N SER B 17 -8.65 23.16 38.36
CA SER B 17 -7.89 22.72 37.21
C SER B 17 -7.66 21.22 37.25
N LEU B 18 -7.79 20.58 36.09
CA LEU B 18 -7.44 19.19 35.90
C LEU B 18 -6.53 19.11 34.68
N ARG B 19 -5.76 18.02 34.59
CA ARG B 19 -4.89 17.79 33.45
C ARG B 19 -5.32 16.49 32.77
N LEU B 20 -6.10 16.62 31.70
CA LEU B 20 -6.54 15.46 30.95
C LEU B 20 -5.43 15.00 30.02
N SER B 21 -5.03 13.75 30.15
CA SER B 21 -4.02 13.13 29.30
C SER B 21 -4.66 12.06 28.44
N CYS B 22 -3.87 11.53 27.50
CA CYS B 22 -4.36 10.53 26.57
C CYS B 22 -3.19 9.91 25.80
N ALA B 23 -2.80 8.71 26.20
CA ALA B 23 -1.76 7.98 25.49
C ALA B 23 -2.36 7.13 24.36
N ALA B 24 -1.48 6.58 23.54
CA ALA B 24 -1.86 5.73 22.42
C ALA B 24 -1.06 4.45 22.51
N SER B 25 -1.75 3.32 22.63
CA SER B 25 -1.10 2.02 22.77
C SER B 25 -1.26 1.24 21.48
N GLY B 26 -0.21 0.52 21.09
CA GLY B 26 -0.25 -0.29 19.89
C GLY B 26 0.92 -0.09 18.95
N ASN B 27 0.67 -0.28 17.66
CA ASN B 27 1.70 -0.21 16.63
C ASN B 27 1.54 1.08 15.83
N VAL B 28 1.85 2.20 16.48
CA VAL B 28 1.75 3.52 15.87
C VAL B 28 3.11 3.90 15.30
N PHE B 29 3.12 4.27 14.01
CA PHE B 29 4.36 4.66 13.34
C PHE B 29 4.72 6.12 13.53
N GLY B 30 3.73 7.01 13.63
CA GLY B 30 3.99 8.40 13.92
C GLY B 30 2.69 9.14 14.13
N VAL B 31 2.79 10.29 14.79
CA VAL B 31 1.63 11.11 15.10
C VAL B 31 1.58 12.28 14.12
N ASN B 32 0.41 12.50 13.54
CA ASN B 32 0.21 13.63 12.65
C ASN B 32 -0.55 14.77 13.31
N THR B 33 -1.50 14.44 14.19
CA THR B 33 -2.31 15.44 14.87
C THR B 33 -2.90 14.81 16.12
N MET B 34 -3.10 15.64 17.15
CA MET B 34 -3.74 15.22 18.38
C MET B 34 -4.66 16.34 18.82
N ALA B 35 -5.90 16.01 19.15
CA ALA B 35 -6.88 17.02 19.49
C ALA B 35 -7.79 16.52 20.61
N TRP B 36 -8.53 17.46 21.18
CA TRP B 36 -9.48 17.19 22.24
C TRP B 36 -10.83 17.77 21.84
N TYR B 37 -11.84 16.91 21.73
CA TYR B 37 -13.22 17.31 21.54
C TYR B 37 -13.99 17.07 22.83
N ARG B 38 -15.13 17.72 22.96
CA ARG B 38 -15.94 17.58 24.16
C ARG B 38 -17.41 17.57 23.79
N GLN B 39 -18.19 16.90 24.63
CA GLN B 39 -19.64 16.74 24.46
C GLN B 39 -20.31 17.06 25.78
N ALA B 40 -21.12 18.13 25.79
CA ALA B 40 -21.72 18.61 27.02
C ALA B 40 -22.87 17.68 27.45
N PRO B 41 -23.28 17.78 28.71
CA PRO B 41 -24.44 17.00 29.16
C PRO B 41 -25.65 17.29 28.29
N GLY B 42 -26.26 16.23 27.76
CA GLY B 42 -27.41 16.40 26.90
C GLY B 42 -27.10 16.17 25.44
N LYS B 43 -25.91 16.57 24.99
CA LYS B 43 -25.56 16.48 23.58
C LYS B 43 -25.56 15.02 23.14
N GLN B 44 -25.47 14.81 21.82
CA GLN B 44 -25.70 13.50 21.25
C GLN B 44 -24.46 12.79 20.71
N ARG B 45 -23.33 13.49 20.54
CA ARG B 45 -22.07 12.98 20.01
C ARG B 45 -21.88 13.60 18.63
N GLU B 46 -23.00 13.96 17.99
CA GLU B 46 -22.98 14.71 16.73
C GLU B 46 -22.53 16.14 16.95
N GLN B 47 -22.51 16.58 18.21
CA GLN B 47 -22.19 17.96 18.59
C GLN B 47 -20.89 18.03 19.37
N ARG B 48 -19.97 17.12 19.08
CA ARG B 48 -18.63 17.12 19.68
C ARG B 48 -17.86 18.30 19.12
N GLU B 49 -17.58 19.29 19.98
CA GLU B 49 -16.91 20.51 19.56
C GLU B 49 -15.41 20.39 19.83
N LEU B 50 -14.61 21.02 18.96
CA LEU B 50 -13.17 21.01 19.14
C LEU B 50 -12.81 21.91 20.31
N VAL B 51 -11.93 21.42 21.19
CA VAL B 51 -11.49 22.15 22.36
C VAL B 51 -10.04 22.60 22.22
N ALA B 52 -9.19 21.75 21.65
CA ALA B 52 -7.78 22.07 21.49
C ALA B 52 -7.18 21.10 20.50
N SER B 53 -6.21 21.58 19.72
CA SER B 53 -5.54 20.76 18.73
C SER B 53 -4.04 21.03 18.81
N ILE B 54 -3.26 20.04 18.38
CA ILE B 54 -1.80 20.13 18.38
C ILE B 54 -1.28 19.28 17.23
N THR B 55 -0.29 19.80 16.53
CA THR B 55 0.30 19.12 15.39
C THR B 55 1.64 18.50 15.79
N ASP B 56 2.14 17.60 14.93
CA ASP B 56 3.49 17.08 15.11
C ASP B 56 4.50 18.20 15.23
N TYR B 57 4.32 19.27 14.46
CA TYR B 57 5.21 20.41 14.52
C TYR B 57 5.08 21.19 15.82
N GLY B 58 3.95 21.08 16.51
CA GLY B 58 3.70 21.81 17.74
C GLY B 58 2.72 22.95 17.59
N THR B 59 2.15 23.14 16.41
CA THR B 59 1.20 24.23 16.20
C THR B 59 -0.12 23.91 16.89
N THR B 60 -0.60 24.84 17.71
CA THR B 60 -1.82 24.65 18.48
C THR B 60 -2.94 25.54 17.96
N GLU B 61 -4.16 25.00 17.95
CA GLU B 61 -5.37 25.75 17.70
C GLU B 61 -6.33 25.52 18.85
N TYR B 62 -6.98 26.58 19.31
CA TYR B 62 -7.88 26.52 20.44
C TYR B 62 -9.22 27.14 20.07
N ALA B 63 -10.22 26.90 20.90
CA ALA B 63 -11.52 27.54 20.76
C ALA B 63 -11.54 28.78 21.66
N ASP B 64 -12.10 29.87 21.15
CA ASP B 64 -12.09 31.13 21.90
C ASP B 64 -12.66 30.94 23.30
N SER B 65 -13.66 30.08 23.43
CA SER B 65 -14.26 29.83 24.73
C SER B 65 -13.21 29.37 25.75
N VAL B 66 -12.20 28.64 25.31
CA VAL B 66 -11.18 28.12 26.20
C VAL B 66 -9.81 28.77 25.99
N LYS B 67 -9.60 29.48 24.89
CA LYS B 67 -8.29 30.04 24.61
C LYS B 67 -7.85 30.97 25.74
N GLY B 68 -6.71 30.65 26.35
CA GLY B 68 -6.19 31.37 27.49
C GLY B 68 -6.45 30.68 28.80
N ARG B 69 -7.51 29.88 28.87
CA ARG B 69 -7.80 29.11 30.07
C ARG B 69 -7.19 27.71 29.98
N PHE B 70 -7.32 27.06 28.83
CA PHE B 70 -6.78 25.73 28.61
C PHE B 70 -5.44 25.84 27.89
N THR B 71 -4.65 24.75 27.98
CA THR B 71 -3.34 24.72 27.33
C THR B 71 -3.03 23.28 26.95
N ILE B 72 -2.97 23.01 25.66
CA ILE B 72 -2.71 21.68 25.14
C ILE B 72 -1.20 21.47 25.03
N SER B 73 -0.72 20.33 25.47
CA SER B 73 0.67 19.92 25.37
C SER B 73 0.75 18.69 24.47
N GLY B 74 1.96 18.15 24.32
CA GLY B 74 2.14 17.01 23.43
C GLY B 74 3.47 16.33 23.65
N ASP B 75 3.61 15.17 23.03
CA ASP B 75 4.83 14.38 23.08
C ASP B 75 4.77 13.32 21.98
N ASN B 76 5.22 13.67 20.77
CA ASN B 76 5.09 12.76 19.64
C ASN B 76 5.82 11.45 19.87
N ALA B 77 6.88 11.45 20.68
CA ALA B 77 7.66 10.23 20.87
C ALA B 77 6.87 9.16 21.61
N LYS B 78 6.04 9.57 22.56
CA LYS B 78 5.26 8.65 23.36
C LYS B 78 3.80 8.64 22.95
N ALA B 79 3.44 9.34 21.88
CA ALA B 79 2.07 9.36 21.36
C ALA B 79 1.12 9.74 22.49
N THR B 80 1.48 10.76 23.23
CA THR B 80 0.69 11.26 24.36
C THR B 80 0.35 12.72 24.16
N VAL B 81 -0.85 13.10 24.61
CA VAL B 81 -1.31 14.48 24.57
C VAL B 81 -1.80 14.84 25.97
N TYR B 82 -1.77 16.14 26.28
CA TYR B 82 -2.23 16.63 27.57
C TYR B 82 -3.08 17.86 27.34
N LEU B 83 -4.04 18.09 28.24
CA LEU B 83 -4.88 19.28 28.20
C LEU B 83 -4.99 19.77 29.65
N GLN B 84 -4.09 20.65 30.04
CA GLN B 84 -4.12 21.26 31.37
C GLN B 84 -5.16 22.38 31.33
N MET B 85 -6.27 22.18 32.04
CA MET B 85 -7.39 23.11 32.05
C MET B 85 -7.31 24.00 33.29
N ASN B 86 -7.40 25.31 33.09
CA ASN B 86 -7.27 26.27 34.17
C ASN B 86 -8.56 27.08 34.29
N SER B 87 -8.76 27.67 35.47
CA SER B 87 -9.94 28.48 35.77
C SER B 87 -11.19 27.89 35.12
N LEU B 88 -11.62 26.72 35.57
CA LEU B 88 -12.74 26.03 34.94
C LEU B 88 -14.06 26.70 35.29
N LYS B 89 -14.96 26.73 34.32
CA LYS B 89 -16.28 27.31 34.46
C LYS B 89 -17.33 26.21 34.43
N PRO B 90 -18.54 26.47 34.95
CA PRO B 90 -19.59 25.45 34.87
C PRO B 90 -19.94 25.06 33.44
N GLU B 91 -19.87 25.99 32.50
CA GLU B 91 -20.15 25.67 31.10
C GLU B 91 -19.16 24.70 30.50
N ASP B 92 -18.05 24.42 31.17
CA ASP B 92 -17.05 23.49 30.66
C ASP B 92 -17.39 22.03 30.94
N THR B 93 -18.41 21.78 31.75
CA THR B 93 -18.80 20.40 32.05
C THR B 93 -19.09 19.64 30.77
N ALA B 94 -18.43 18.49 30.61
CA ALA B 94 -18.62 17.66 29.43
C ALA B 94 -17.80 16.38 29.53
N VAL B 95 -17.93 15.52 28.52
CA VAL B 95 -17.05 14.36 28.35
C VAL B 95 -16.03 14.77 27.28
N TYR B 96 -14.74 14.70 27.62
CA TYR B 96 -13.68 15.15 26.73
C TYR B 96 -13.08 13.95 26.02
N TYR B 97 -13.29 13.91 24.71
CA TYR B 97 -12.86 12.78 23.89
C TYR B 97 -11.55 13.11 23.18
N CYS B 98 -10.69 12.11 23.07
CA CYS B 98 -9.33 12.27 22.55
C CYS B 98 -9.30 11.78 21.12
N ASN B 99 -8.90 12.67 20.21
CA ASN B 99 -8.76 12.35 18.80
C ASN B 99 -7.29 12.32 18.44
N MET B 100 -6.94 11.50 17.45
CA MET B 100 -5.54 11.35 17.04
C MET B 100 -5.50 10.89 15.60
N ASP B 101 -4.99 11.74 14.71
CA ASP B 101 -4.67 11.35 13.34
C ASP B 101 -3.24 10.81 13.36
N LEU B 102 -3.08 9.52 13.10
CA LEU B 102 -1.82 8.81 13.28
C LEU B 102 -1.47 8.05 12.00
N THR B 103 -0.17 7.88 11.78
CA THR B 103 0.30 7.01 10.71
C THR B 103 0.58 5.64 11.31
N VAL B 104 0.11 4.60 10.62
CA VAL B 104 0.19 3.22 11.11
C VAL B 104 0.73 2.37 9.98
N MET B 105 1.57 1.40 10.32
CA MET B 105 2.18 0.51 9.34
C MET B 105 1.42 -0.81 9.28
N THR B 106 1.00 -1.20 8.08
CA THR B 106 0.32 -2.47 7.88
C THR B 106 1.36 -3.59 7.93
N ALA B 107 0.94 -4.82 7.63
CA ALA B 107 1.87 -5.94 7.67
C ALA B 107 2.84 -5.91 6.49
N THR B 108 2.42 -5.42 5.34
CA THR B 108 3.28 -5.33 4.18
C THR B 108 4.25 -4.15 4.25
N SER B 109 4.28 -3.44 5.37
CA SER B 109 5.13 -2.29 5.66
C SER B 109 4.54 -1.01 5.08
N SER B 110 3.43 -1.08 4.36
CA SER B 110 2.78 0.12 3.85
C SER B 110 2.36 1.01 5.01
N LEU B 111 2.20 2.30 4.73
CA LEU B 111 1.79 3.28 5.72
C LEU B 111 0.43 3.86 5.37
N TYR B 112 -0.40 4.07 6.39
CA TYR B 112 -1.71 4.65 6.25
C TYR B 112 -1.92 5.64 7.40
N ALA B 113 -2.81 6.59 7.18
CA ALA B 113 -3.16 7.59 8.19
C ALA B 113 -4.55 7.24 8.71
N TYR B 114 -4.66 6.94 10.00
CA TYR B 114 -5.91 6.55 10.61
C TYR B 114 -6.34 7.59 11.62
N ASP B 115 -7.64 7.61 11.89
CA ASP B 115 -8.24 8.49 12.88
C ASP B 115 -8.79 7.63 14.00
N TYR B 116 -8.25 7.78 15.20
CA TYR B 116 -8.69 7.02 16.36
C TYR B 116 -9.39 7.93 17.35
N TRP B 117 -10.35 7.36 18.06
CA TRP B 117 -11.12 8.06 19.06
C TRP B 117 -10.96 7.36 20.40
N GLY B 118 -11.09 8.13 21.47
CA GLY B 118 -11.03 7.60 22.81
C GLY B 118 -12.40 7.43 23.42
N GLN B 119 -12.43 6.66 24.52
CA GLN B 119 -13.71 6.36 25.17
C GLN B 119 -14.33 7.61 25.79
N GLY B 120 -13.52 8.39 26.50
CA GLY B 120 -14.01 9.60 27.13
C GLY B 120 -13.58 9.74 28.56
N THR B 121 -13.58 10.96 29.08
CA THR B 121 -13.25 11.24 30.46
C THR B 121 -14.24 12.27 30.98
N GLN B 122 -14.81 12.00 32.15
CA GLN B 122 -15.86 12.86 32.68
C GLN B 122 -15.23 14.07 33.37
N VAL B 123 -15.77 15.25 33.07
CA VAL B 123 -15.30 16.51 33.64
C VAL B 123 -16.53 17.25 34.16
N THR B 124 -16.54 17.53 35.46
CA THR B 124 -17.65 18.23 36.09
C THR B 124 -17.18 19.46 36.84
N VAL B 125 -17.93 20.55 36.69
CA VAL B 125 -17.60 21.84 37.27
C VAL B 125 -18.82 22.32 38.04
N SER B 126 -18.73 22.30 39.37
CA SER B 126 -19.83 22.75 40.21
C SER B 126 -19.39 22.96 41.65
N PHE C 6 14.71 -9.24 8.01
CA PHE C 6 13.80 -9.25 6.86
C PHE C 6 13.15 -10.63 6.70
N LEU C 7 11.89 -10.76 7.14
CA LEU C 7 11.24 -12.06 7.10
C LEU C 7 10.31 -12.15 5.88
N PRO C 8 10.05 -13.36 5.39
CA PRO C 8 9.18 -13.50 4.21
C PRO C 8 7.70 -13.53 4.54
N LEU C 9 6.87 -13.62 3.50
CA LEU C 9 5.44 -13.84 3.71
C LEU C 9 5.18 -15.24 4.25
N TYR C 10 5.93 -16.23 3.77
CA TYR C 10 5.85 -17.58 4.31
C TYR C 10 7.03 -18.40 3.78
N PHE C 11 7.41 -19.40 4.56
CA PHE C 11 8.39 -20.39 4.14
C PHE C 11 7.68 -21.55 3.46
N GLY C 12 8.46 -22.49 2.94
CA GLY C 12 7.89 -23.68 2.36
C GLY C 12 8.77 -24.24 1.26
N TRP C 13 8.27 -25.28 0.63
CA TRP C 13 8.94 -25.93 -0.48
C TRP C 13 8.25 -25.51 -1.77
N PHE C 14 9.01 -24.91 -2.67
CA PHE C 14 8.48 -24.38 -3.93
C PHE C 14 8.99 -25.24 -5.07
N LEU C 15 8.07 -25.74 -5.90
CA LEU C 15 8.45 -26.65 -6.95
C LEU C 15 9.19 -25.92 -8.08
N THR C 16 10.15 -26.62 -8.68
CA THR C 16 10.86 -26.06 -9.82
C THR C 16 9.93 -26.00 -11.03
N LYS C 17 10.42 -25.37 -12.10
CA LYS C 17 9.60 -25.24 -13.30
C LYS C 17 9.11 -26.60 -13.79
N LYS C 18 10.00 -27.60 -13.76
CA LYS C 18 9.66 -28.91 -14.29
C LYS C 18 8.65 -29.61 -13.40
N SER C 19 9.01 -29.83 -12.14
CA SER C 19 8.08 -30.45 -11.20
C SER C 19 6.75 -29.72 -11.15
N SER C 20 6.79 -28.38 -11.13
CA SER C 20 5.56 -27.60 -11.06
C SER C 20 4.63 -27.94 -12.22
N GLU C 21 5.17 -28.08 -13.43
CA GLU C 21 4.32 -28.39 -14.57
C GLU C 21 3.93 -29.86 -14.65
N THR C 22 4.79 -30.76 -14.16
CA THR C 22 4.41 -32.17 -14.09
C THR C 22 3.15 -32.34 -13.25
N LEU C 23 3.12 -31.73 -12.07
CA LEU C 23 1.97 -31.87 -11.18
C LEU C 23 0.76 -31.11 -11.69
N ARG C 24 0.96 -29.88 -12.18
CA ARG C 24 -0.18 -29.07 -12.58
C ARG C 24 -1.02 -29.76 -13.64
N LYS C 25 -0.39 -30.26 -14.70
CA LYS C 25 -1.16 -30.93 -15.74
C LYS C 25 -1.67 -32.28 -15.24
N ALA C 26 -0.90 -32.97 -14.40
CA ALA C 26 -1.39 -34.21 -13.81
C ALA C 26 -2.66 -33.95 -13.00
N GLY C 27 -2.69 -32.85 -12.24
CA GLY C 27 -3.90 -32.47 -11.53
C GLY C 27 -4.98 -31.97 -12.46
N GLN C 28 -4.59 -31.43 -13.62
CA GLN C 28 -5.56 -30.99 -14.61
C GLN C 28 -6.24 -32.18 -15.27
N VAL C 29 -5.45 -33.13 -15.78
CA VAL C 29 -6.05 -34.30 -16.42
C VAL C 29 -6.95 -35.04 -15.45
N PHE C 30 -6.54 -35.12 -14.18
CA PHE C 30 -7.40 -35.73 -13.16
C PHE C 30 -8.75 -35.04 -13.13
N LEU C 31 -8.77 -33.71 -12.98
CA LEU C 31 -10.04 -32.99 -13.01
C LEU C 31 -10.79 -33.25 -14.30
N GLU C 32 -10.06 -33.49 -15.39
CA GLU C 32 -10.70 -33.84 -16.66
C GLU C 32 -11.29 -35.24 -16.61
N GLU C 33 -10.64 -36.15 -15.88
CA GLU C 33 -11.14 -37.52 -15.77
C GLU C 33 -12.30 -37.60 -14.78
N LEU C 34 -12.14 -36.96 -13.61
CA LEU C 34 -13.19 -37.00 -12.59
C LEU C 34 -14.49 -36.40 -13.11
N GLY C 35 -14.42 -35.23 -13.74
CA GLY C 35 -15.62 -34.54 -14.18
C GLY C 35 -16.40 -35.25 -15.26
N ASN C 36 -15.76 -36.16 -16.00
CA ASN C 36 -16.44 -36.90 -17.06
C ASN C 36 -16.74 -38.35 -16.66
N HIS C 37 -16.54 -38.71 -15.39
CA HIS C 37 -16.74 -40.07 -14.93
C HIS C 37 -18.15 -40.25 -14.40
N LYS C 38 -18.75 -41.40 -14.72
CA LYS C 38 -20.15 -41.62 -14.38
C LYS C 38 -20.38 -41.50 -12.88
N ALA C 39 -19.45 -42.02 -12.07
CA ALA C 39 -19.58 -41.91 -10.63
C ALA C 39 -19.73 -40.45 -10.20
N PHE C 40 -18.77 -39.60 -10.58
CA PHE C 40 -18.85 -38.20 -10.19
C PHE C 40 -20.15 -37.57 -10.68
N LYS C 41 -20.55 -37.90 -11.91
CA LYS C 41 -21.82 -37.39 -12.45
C LYS C 41 -23.00 -37.84 -11.60
N LYS C 42 -22.93 -39.04 -11.02
CA LYS C 42 -24.02 -39.49 -10.14
C LYS C 42 -24.15 -38.57 -8.93
N GLU C 43 -23.08 -38.44 -8.14
CA GLU C 43 -23.12 -37.72 -6.87
C GLU C 43 -22.90 -36.22 -7.04
N LEU C 44 -23.27 -35.65 -8.18
CA LEU C 44 -23.03 -34.22 -8.39
C LEU C 44 -23.78 -33.38 -7.36
N ARG C 45 -24.99 -33.79 -6.98
CA ARG C 45 -25.75 -33.07 -5.97
C ARG C 45 -25.06 -33.06 -4.62
N HIS C 46 -24.04 -33.89 -4.42
CA HIS C 46 -23.23 -33.83 -3.21
C HIS C 46 -21.98 -32.97 -3.40
N PHE C 47 -21.91 -32.24 -4.51
CA PHE C 47 -20.76 -31.40 -4.84
C PHE C 47 -21.12 -29.95 -5.09
N ILE C 48 -22.41 -29.62 -5.25
CA ILE C 48 -22.82 -28.27 -5.60
C ILE C 48 -24.25 -28.03 -5.15
N GLU C 58 -17.32 -28.08 -16.11
CA GLU C 58 -16.10 -28.88 -16.02
C GLU C 58 -15.29 -28.41 -14.82
N LEU C 59 -14.65 -29.35 -14.12
CA LEU C 59 -14.02 -29.04 -12.85
C LEU C 59 -12.82 -28.11 -13.00
N VAL C 60 -12.12 -28.15 -14.13
CA VAL C 60 -10.95 -27.28 -14.29
C VAL C 60 -11.34 -25.82 -14.07
N SER C 61 -12.31 -25.33 -14.83
CA SER C 61 -12.76 -23.96 -14.64
C SER C 61 -13.33 -23.75 -13.24
N TYR C 62 -13.97 -24.79 -12.67
CA TYR C 62 -14.54 -24.69 -11.33
C TYR C 62 -13.46 -24.38 -10.30
N PHE C 63 -12.28 -25.00 -10.45
CA PHE C 63 -11.18 -24.83 -9.52
C PHE C 63 -10.16 -23.80 -10.00
N GLY C 64 -10.53 -22.94 -10.94
CA GLY C 64 -9.59 -21.97 -11.49
C GLY C 64 -9.57 -20.64 -10.78
N LYS C 65 -9.72 -20.66 -9.46
CA LYS C 65 -9.69 -19.45 -8.64
C LYS C 65 -8.52 -19.46 -7.65
N ARG C 66 -7.62 -20.42 -7.74
CA ARG C 66 -6.45 -20.41 -6.88
C ARG C 66 -5.66 -19.12 -7.16
N PRO C 67 -5.16 -18.45 -6.13
CA PRO C 67 -4.32 -17.27 -6.37
C PRO C 67 -3.12 -17.63 -7.23
N PRO C 68 -2.93 -16.94 -8.36
CA PRO C 68 -1.81 -17.25 -9.25
C PRO C 68 -0.47 -17.25 -8.52
N GLY C 69 0.34 -18.26 -8.80
CA GLY C 69 1.62 -18.39 -8.14
C GLY C 69 2.23 -19.75 -8.36
N VAL C 70 3.46 -19.89 -7.87
CA VAL C 70 4.20 -21.13 -8.02
C VAL C 70 3.64 -22.19 -7.06
N LEU C 71 3.46 -23.40 -7.56
CA LEU C 71 3.04 -24.50 -6.70
C LEU C 71 4.03 -24.68 -5.55
N HIS C 72 3.51 -24.99 -4.37
CA HIS C 72 4.35 -25.02 -3.18
C HIS C 72 3.65 -25.76 -2.05
N CYS C 73 4.45 -26.26 -1.13
CA CYS C 73 3.97 -26.84 0.12
C CYS C 73 4.42 -25.92 1.25
N THR C 74 3.47 -25.15 1.79
CA THR C 74 3.78 -24.21 2.86
C THR C 74 4.24 -24.94 4.11
N THR C 75 5.17 -24.29 4.83
CA THR C 75 5.52 -24.72 6.18
C THR C 75 4.97 -23.72 7.20
N LYS C 76 5.53 -22.53 7.29
CA LYS C 76 5.11 -21.54 8.27
C LYS C 76 4.72 -20.25 7.56
N PHE C 77 3.48 -19.82 7.75
CA PHE C 77 3.03 -18.51 7.30
C PHE C 77 3.49 -17.47 8.32
N CYS C 78 4.25 -16.47 7.87
CA CYS C 78 4.89 -15.52 8.77
C CYS C 78 4.35 -14.11 8.68
N ASP C 79 3.83 -13.69 7.52
CA ASP C 79 3.37 -12.31 7.37
C ASP C 79 4.48 -11.32 7.68
N TYR C 80 5.68 -11.60 7.16
CA TYR C 80 6.85 -10.75 7.36
C TYR C 80 7.14 -10.57 8.84
N GLY C 81 6.92 -11.62 9.62
CA GLY C 81 7.19 -11.58 11.04
C GLY C 81 6.02 -11.14 11.90
N LYS C 82 4.94 -10.63 11.29
CA LYS C 82 3.79 -10.22 12.08
C LYS C 82 3.04 -11.42 12.63
N ALA C 83 3.08 -12.55 11.93
CA ALA C 83 2.37 -13.75 12.35
C ALA C 83 3.00 -14.36 13.61
N ALA C 84 2.14 -14.93 14.45
CA ALA C 84 2.60 -15.53 15.69
C ALA C 84 3.50 -16.72 15.42
N GLY C 85 4.64 -16.77 16.12
CA GLY C 85 5.61 -17.83 15.95
C GLY C 85 6.55 -17.65 14.79
N ALA C 86 6.34 -16.64 13.93
CA ALA C 86 7.19 -16.43 12.78
C ALA C 86 8.65 -16.29 13.19
N GLU C 87 8.93 -15.34 14.11
CA GLU C 87 10.30 -15.09 14.50
C GLU C 87 10.97 -16.35 15.04
N GLU C 88 10.28 -17.10 15.88
CA GLU C 88 10.87 -18.32 16.42
C GLU C 88 11.21 -19.29 15.29
N TYR C 89 10.27 -19.49 14.36
CA TYR C 89 10.48 -20.45 13.28
C TYR C 89 11.71 -20.08 12.46
N ALA C 90 11.78 -18.83 12.00
CA ALA C 90 12.90 -18.41 11.16
C ALA C 90 14.21 -18.48 11.93
N GLN C 91 14.21 -18.10 13.20
CA GLN C 91 15.43 -18.11 13.98
C GLN C 91 15.94 -19.52 14.27
N GLN C 92 15.21 -20.55 13.85
CA GLN C 92 15.67 -21.92 14.06
C GLN C 92 16.90 -22.18 13.20
N GLU C 93 17.83 -22.98 13.73
CA GLU C 93 19.04 -23.28 12.98
C GLU C 93 18.74 -24.16 11.77
N VAL C 94 17.81 -25.09 11.92
CA VAL C 94 17.45 -25.95 10.80
C VAL C 94 16.83 -25.13 9.68
N VAL C 95 16.04 -24.12 10.02
CA VAL C 95 15.44 -23.27 9.00
C VAL C 95 16.50 -22.38 8.34
N LYS C 96 17.43 -21.86 9.13
CA LYS C 96 18.49 -21.04 8.56
C LYS C 96 19.40 -21.85 7.65
N ARG C 97 19.70 -23.07 8.07
CA ARG C 97 20.66 -23.93 7.38
C ARG C 97 20.05 -24.70 6.22
N SER C 98 18.73 -24.58 6.01
CA SER C 98 18.06 -25.26 4.91
C SER C 98 17.61 -24.30 3.83
N TYR C 99 17.70 -22.99 4.07
CA TYR C 99 17.29 -21.99 3.10
C TYR C 99 18.03 -22.21 1.78
N GLY C 100 17.27 -22.36 0.70
CA GLY C 100 17.83 -22.63 -0.61
C GLY C 100 18.16 -24.08 -0.89
N LYS C 101 18.12 -24.95 0.12
CA LYS C 101 18.37 -26.36 -0.13
C LYS C 101 17.21 -26.99 -0.89
N ALA C 102 17.54 -27.92 -1.80
CA ALA C 102 16.54 -28.62 -2.58
C ALA C 102 16.13 -29.89 -1.85
N PHE C 103 14.83 -30.13 -1.75
CA PHE C 103 14.27 -31.34 -1.17
C PHE C 103 13.44 -32.03 -2.24
N LYS C 104 13.12 -33.29 -2.00
CA LYS C 104 12.26 -34.06 -2.89
C LYS C 104 11.01 -34.45 -2.13
N LEU C 105 9.85 -34.02 -2.63
CA LEU C 105 8.57 -34.22 -1.96
C LEU C 105 7.79 -35.30 -2.68
N SER C 106 7.28 -36.27 -1.91
CA SER C 106 6.56 -37.42 -2.45
C SER C 106 5.07 -37.13 -2.42
N ILE C 107 4.43 -37.20 -3.59
CA ILE C 107 3.00 -36.99 -3.72
C ILE C 107 2.35 -38.37 -3.69
N SER C 108 1.64 -38.68 -2.60
CA SER C 108 1.04 -39.98 -2.43
C SER C 108 -0.38 -40.09 -2.98
N ALA C 109 -1.07 -38.97 -3.17
CA ALA C 109 -2.42 -39.01 -3.71
C ALA C 109 -2.88 -37.61 -4.06
N LEU C 110 -3.75 -37.53 -5.07
CA LEU C 110 -4.47 -36.33 -5.41
C LEU C 110 -5.88 -36.39 -4.83
N PHE C 111 -6.49 -35.23 -4.69
CA PHE C 111 -7.84 -35.18 -4.12
C PHE C 111 -8.54 -33.90 -4.57
N VAL C 112 -9.87 -33.95 -4.52
CA VAL C 112 -10.70 -32.80 -4.85
C VAL C 112 -11.93 -32.83 -3.95
N THR C 113 -12.39 -31.65 -3.57
CA THR C 113 -13.62 -31.48 -2.79
C THR C 113 -14.39 -30.30 -3.37
N PRO C 114 -15.59 -29.99 -2.87
CA PRO C 114 -16.32 -28.83 -3.42
C PRO C 114 -15.57 -27.52 -3.29
N LYS C 115 -14.58 -27.43 -2.41
CA LYS C 115 -13.86 -26.20 -2.15
C LYS C 115 -12.47 -26.16 -2.74
N THR C 116 -11.69 -27.24 -2.63
CA THR C 116 -10.31 -27.23 -3.07
C THR C 116 -10.00 -28.49 -3.87
N ALA C 117 -8.86 -28.43 -4.57
CA ALA C 117 -8.30 -29.56 -5.29
C ALA C 117 -6.80 -29.55 -5.03
N GLY C 118 -6.30 -30.57 -4.35
CA GLY C 118 -4.92 -30.55 -3.92
C GLY C 118 -4.16 -31.84 -4.15
N ALA C 119 -2.98 -31.96 -3.53
CA ALA C 119 -2.12 -33.13 -3.64
C ALA C 119 -1.50 -33.39 -2.27
N GLN C 120 -1.49 -34.66 -1.88
CA GLN C 120 -1.01 -35.04 -0.56
C GLN C 120 0.50 -35.23 -0.59
N VAL C 121 1.19 -34.66 0.41
CA VAL C 121 2.64 -34.73 0.52
C VAL C 121 2.99 -35.60 1.72
N VAL C 122 3.86 -36.57 1.52
CA VAL C 122 4.32 -37.47 2.59
C VAL C 122 5.74 -37.00 2.91
N LEU C 123 5.84 -36.13 3.92
CA LEU C 123 7.11 -35.50 4.26
C LEU C 123 8.09 -36.50 4.88
N THR C 124 9.37 -36.29 4.60
CA THR C 124 10.44 -37.12 5.15
C THR C 124 10.75 -36.70 6.59
N ASP C 125 11.64 -37.45 7.23
CA ASP C 125 11.96 -37.21 8.64
C ASP C 125 12.58 -35.84 8.86
N GLN C 126 13.59 -35.48 8.07
CA GLN C 126 14.24 -34.20 8.25
C GLN C 126 13.37 -33.07 7.71
N GLU C 127 12.62 -33.32 6.64
CA GLU C 127 11.74 -32.28 6.10
C GLU C 127 10.75 -31.82 7.17
N LEU C 128 10.34 -32.72 8.07
CA LEU C 128 9.44 -32.34 9.15
C LEU C 128 10.15 -31.45 10.18
N GLN C 129 11.50 -31.51 10.24
CA GLN C 129 12.18 -30.55 11.10
C GLN C 129 11.83 -29.12 10.72
N LEU C 130 11.47 -28.92 9.45
CA LEU C 130 11.01 -27.63 8.98
C LEU C 130 9.50 -27.46 9.10
N TRP C 131 8.77 -28.54 9.31
CA TRP C 131 7.33 -28.44 9.56
C TRP C 131 7.13 -27.70 10.88
N PRO C 132 6.24 -26.70 10.94
CA PRO C 132 6.15 -25.89 12.16
C PRO C 132 5.64 -26.74 13.32
N SER C 133 4.34 -26.70 13.63
CA SER C 133 3.81 -27.55 14.69
C SER C 133 2.35 -27.23 14.99
N ASP C 134 2.02 -25.94 15.13
CA ASP C 134 0.61 -25.60 15.35
C ASP C 134 -0.23 -25.84 14.11
N LEU C 135 0.38 -26.18 12.97
CA LEU C 135 -0.39 -26.61 11.81
C LEU C 135 -0.65 -28.11 11.94
N ASP C 136 -0.83 -28.56 13.18
CA ASP C 136 -1.04 -29.97 13.48
C ASP C 136 -1.93 -30.10 14.70
N LYS C 137 -2.53 -29.00 15.17
CA LYS C 137 -3.59 -29.11 16.19
C LYS C 137 -4.80 -29.83 15.64
N PRO C 138 -5.40 -29.41 14.52
CA PRO C 138 -6.59 -30.14 14.01
C PRO C 138 -6.29 -31.54 13.50
N SER C 139 -5.00 -31.91 13.42
CA SER C 139 -4.59 -33.23 12.95
C SER C 139 -4.46 -34.25 14.07
N ALA C 140 -4.03 -33.83 15.26
CA ALA C 140 -3.90 -34.75 16.38
C ALA C 140 -5.15 -34.82 17.22
N SER C 141 -6.07 -33.86 17.08
CA SER C 141 -7.35 -33.97 17.78
C SER C 141 -8.15 -35.16 17.27
N GLU C 142 -7.81 -35.69 16.10
CA GLU C 142 -8.47 -36.86 15.56
C GLU C 142 -7.54 -38.05 15.35
N GLY C 143 -6.33 -38.02 15.89
CA GLY C 143 -5.47 -39.18 15.76
C GLY C 143 -4.52 -39.19 14.59
N LEU C 144 -4.57 -38.20 13.71
CA LEU C 144 -3.64 -38.21 12.59
C LEU C 144 -2.25 -37.72 13.02
N PRO C 145 -1.21 -38.27 12.42
CA PRO C 145 0.18 -37.97 12.84
C PRO C 145 0.62 -36.58 12.43
N PRO C 146 1.69 -36.06 13.05
CA PRO C 146 2.20 -34.73 12.66
C PRO C 146 2.64 -34.71 11.21
N GLY C 147 2.24 -33.67 10.50
CA GLY C 147 2.60 -33.51 9.11
C GLY C 147 1.60 -34.09 8.13
N SER C 148 0.46 -34.56 8.61
CA SER C 148 -0.54 -35.10 7.70
C SER C 148 -1.14 -34.00 6.82
N ARG C 149 -1.18 -32.76 7.32
CA ARG C 149 -1.73 -31.66 6.54
C ARG C 149 -0.87 -31.27 5.34
N ALA C 150 0.39 -31.71 5.29
CA ALA C 150 1.28 -31.34 4.18
C ALA C 150 0.59 -31.59 2.84
N HIS C 151 0.56 -30.55 2.00
CA HIS C 151 -0.17 -30.63 0.75
C HIS C 151 0.37 -29.59 -0.22
N VAL C 152 -0.07 -29.71 -1.47
CA VAL C 152 0.18 -28.73 -2.51
C VAL C 152 -1.17 -28.42 -3.17
N THR C 153 -1.68 -27.21 -2.96
CA THR C 153 -2.95 -26.80 -3.55
C THR C 153 -2.79 -26.66 -5.06
N LEU C 154 -3.63 -27.37 -5.81
CA LEU C 154 -3.62 -27.26 -7.26
C LEU C 154 -4.73 -26.37 -7.80
N GLY C 155 -5.82 -26.20 -7.05
CA GLY C 155 -6.93 -25.38 -7.50
C GLY C 155 -7.80 -25.01 -6.32
N CYS C 156 -8.68 -24.03 -6.56
CA CYS C 156 -9.56 -23.53 -5.52
C CYS C 156 -10.87 -23.08 -6.14
N ALA C 157 -11.95 -23.22 -5.38
CA ALA C 157 -13.25 -22.72 -5.81
C ALA C 157 -13.35 -21.23 -5.56
N ALA C 158 -14.53 -20.68 -5.84
CA ALA C 158 -14.77 -19.24 -5.79
C ALA C 158 -14.31 -18.62 -4.48
N ASP C 159 -14.99 -18.91 -3.39
CA ASP C 159 -14.70 -18.28 -2.10
C ASP C 159 -14.01 -19.28 -1.18
N VAL C 160 -12.78 -19.64 -1.56
CA VAL C 160 -12.00 -20.60 -0.79
C VAL C 160 -10.56 -20.10 -0.67
N GLN C 161 -10.12 -19.86 0.56
CA GLN C 161 -8.73 -19.50 0.80
C GLN C 161 -7.87 -20.77 0.80
N PRO C 162 -6.68 -20.73 0.18
CA PRO C 162 -5.87 -21.96 0.08
C PRO C 162 -5.63 -22.69 1.38
N VAL C 163 -5.75 -21.99 2.51
CA VAL C 163 -5.62 -22.67 3.80
C VAL C 163 -6.65 -23.78 3.92
N GLN C 164 -7.77 -23.67 3.20
CA GLN C 164 -8.79 -24.71 3.22
C GLN C 164 -8.25 -26.04 2.73
N THR C 165 -7.32 -26.00 1.76
CA THR C 165 -6.84 -27.24 1.15
C THR C 165 -6.24 -28.19 2.18
N GLY C 166 -5.50 -27.66 3.14
CA GLY C 166 -4.93 -28.50 4.17
C GLY C 166 -6.00 -29.12 5.04
N LEU C 167 -7.07 -28.38 5.31
CA LEU C 167 -8.15 -28.90 6.16
C LEU C 167 -8.96 -29.96 5.44
N ASP C 168 -9.24 -29.76 4.15
CA ASP C 168 -9.95 -30.78 3.40
C ASP C 168 -9.17 -32.09 3.33
N LEU C 169 -7.84 -32.01 3.26
CA LEU C 169 -7.03 -33.22 3.22
C LEU C 169 -7.17 -34.02 4.51
N LEU C 170 -7.06 -33.34 5.66
CA LEU C 170 -7.18 -34.02 6.93
C LEU C 170 -8.56 -34.65 7.08
N ASP C 171 -9.60 -33.98 6.58
CA ASP C 171 -10.94 -34.56 6.61
C ASP C 171 -10.98 -35.85 5.80
N ILE C 172 -10.33 -35.86 4.65
CA ILE C 172 -10.27 -37.09 3.84
C ILE C 172 -9.49 -38.15 4.58
N LEU C 173 -8.37 -37.76 5.20
CA LEU C 173 -7.55 -38.75 5.90
C LEU C 173 -8.31 -39.33 7.09
N GLN C 174 -9.11 -38.51 7.76
CA GLN C 174 -9.92 -38.99 8.88
C GLN C 174 -10.83 -40.14 8.46
N GLN C 175 -11.43 -40.04 7.27
CA GLN C 175 -12.26 -41.13 6.78
C GLN C 175 -11.42 -42.31 6.31
N VAL C 176 -10.37 -42.04 5.53
CA VAL C 176 -9.54 -43.12 5.00
C VAL C 176 -8.93 -43.95 6.13
N LYS C 177 -8.57 -43.29 7.24
CA LYS C 177 -8.04 -44.03 8.38
C LYS C 177 -9.12 -44.86 9.05
N GLY C 178 -10.32 -44.31 9.20
CA GLY C 178 -11.39 -45.02 9.88
C GLY C 178 -11.95 -46.21 9.14
N GLY C 179 -11.30 -46.60 8.04
CA GLY C 179 -11.78 -47.71 7.24
C GLY C 179 -13.11 -47.46 6.56
N SER C 180 -13.57 -46.21 6.53
CA SER C 180 -14.85 -45.86 5.92
C SER C 180 -14.71 -45.31 4.52
N GLN C 181 -13.51 -45.37 3.93
CA GLN C 181 -13.33 -44.93 2.55
C GLN C 181 -14.11 -45.78 1.57
N GLY C 182 -14.41 -47.03 1.92
CA GLY C 182 -15.13 -47.91 1.00
C GLY C 182 -14.19 -48.55 0.00
N GLU C 183 -14.75 -48.89 -1.17
CA GLU C 183 -14.01 -49.55 -2.25
C GLU C 183 -13.94 -48.64 -3.47
N ALA C 184 -12.88 -48.84 -4.25
CA ALA C 184 -12.63 -48.05 -5.44
C ALA C 184 -13.82 -48.05 -6.39
N VAL C 185 -14.40 -46.86 -6.58
CA VAL C 185 -15.51 -46.69 -7.52
C VAL C 185 -14.99 -46.73 -8.95
N GLY C 186 -13.68 -46.84 -9.11
CA GLY C 186 -13.09 -46.90 -10.44
C GLY C 186 -11.58 -46.85 -10.35
N GLU C 187 -10.96 -47.19 -11.47
CA GLU C 187 -9.50 -47.18 -11.61
C GLU C 187 -9.12 -46.20 -12.71
N LEU C 188 -8.48 -45.10 -12.33
CA LEU C 188 -7.94 -44.15 -13.29
C LEU C 188 -6.59 -44.64 -13.80
N PRO C 189 -6.13 -44.13 -14.94
CA PRO C 189 -4.82 -44.54 -15.45
C PRO C 189 -3.70 -44.35 -14.44
N ARG C 190 -3.78 -43.31 -13.62
CA ARG C 190 -2.75 -43.01 -12.64
C ARG C 190 -2.94 -43.75 -11.33
N GLY C 191 -4.17 -44.12 -10.99
CA GLY C 191 -4.41 -44.81 -9.74
C GLY C 191 -5.87 -45.17 -9.58
N LYS C 192 -6.26 -45.40 -8.32
CA LYS C 192 -7.59 -45.90 -7.97
C LYS C 192 -8.46 -44.74 -7.53
N LEU C 193 -9.59 -44.55 -8.21
CA LEU C 193 -10.55 -43.52 -7.80
C LEU C 193 -11.36 -44.01 -6.61
N TYR C 194 -11.60 -43.11 -5.66
CA TYR C 194 -12.37 -43.41 -4.47
C TYR C 194 -13.38 -42.30 -4.22
N SER C 195 -14.65 -42.67 -4.08
CA SER C 195 -15.69 -41.73 -3.69
C SER C 195 -15.84 -41.81 -2.17
N LEU C 196 -15.63 -40.68 -1.49
CA LEU C 196 -15.71 -40.64 -0.04
C LEU C 196 -16.94 -39.89 0.45
N GLY C 197 -17.83 -39.49 -0.44
CA GLY C 197 -19.06 -38.82 -0.07
C GLY C 197 -18.85 -37.37 0.33
N LYS C 198 -19.97 -36.66 0.45
CA LYS C 198 -19.98 -35.24 0.78
C LYS C 198 -19.11 -34.46 -0.20
N GLY C 199 -19.03 -34.97 -1.44
CA GLY C 199 -18.30 -34.30 -2.49
C GLY C 199 -16.84 -34.65 -2.58
N ARG C 200 -16.29 -35.40 -1.63
CA ARG C 200 -14.87 -35.69 -1.64
C ARG C 200 -14.55 -36.81 -2.64
N TRP C 201 -13.36 -36.73 -3.23
CA TRP C 201 -12.86 -37.72 -4.16
C TRP C 201 -11.35 -37.80 -3.96
N MET C 202 -10.82 -39.00 -4.12
CA MET C 202 -9.40 -39.25 -3.87
C MET C 202 -8.86 -40.18 -4.94
N LEU C 203 -7.76 -39.78 -5.57
CA LEU C 203 -7.04 -40.62 -6.53
C LEU C 203 -5.79 -41.13 -5.81
N SER C 204 -5.91 -42.28 -5.16
CA SER C 204 -4.76 -42.91 -4.55
C SER C 204 -3.79 -43.31 -5.65
N LEU C 205 -2.63 -42.67 -5.70
CA LEU C 205 -1.69 -42.90 -6.79
C LEU C 205 -0.97 -44.23 -6.58
N THR C 206 -1.11 -45.14 -7.55
CA THR C 206 -0.34 -46.38 -7.51
C THR C 206 1.15 -46.10 -7.48
N LYS C 207 1.58 -44.98 -8.07
CA LYS C 207 2.99 -44.60 -8.14
C LYS C 207 3.15 -43.26 -7.45
N LYS C 208 3.99 -43.22 -6.41
CA LYS C 208 4.24 -41.95 -5.75
C LYS C 208 4.89 -40.96 -6.71
N MET C 209 4.21 -39.85 -6.98
CA MET C 209 4.81 -38.79 -7.78
C MET C 209 5.88 -38.07 -6.97
N GLU C 210 7.09 -37.97 -7.55
CA GLU C 210 8.22 -37.29 -6.94
C GLU C 210 8.44 -35.96 -7.64
N VAL C 211 8.54 -34.88 -6.86
CA VAL C 211 8.66 -33.54 -7.39
C VAL C 211 9.88 -32.85 -6.79
N LYS C 212 10.63 -32.15 -7.64
CA LYS C 212 11.78 -31.38 -7.20
C LYS C 212 11.31 -30.04 -6.64
N ALA C 213 11.90 -29.63 -5.52
CA ALA C 213 11.45 -28.42 -4.85
C ALA C 213 12.58 -27.79 -4.06
N ILE C 214 12.54 -26.46 -3.97
CA ILE C 214 13.52 -25.68 -3.21
C ILE C 214 12.82 -25.14 -1.97
N PHE C 215 13.46 -25.30 -0.82
CA PHE C 215 12.94 -24.74 0.43
C PHE C 215 13.49 -23.33 0.61
N THR C 216 12.59 -22.36 0.66
CA THR C 216 12.99 -20.97 0.85
C THR C 216 11.78 -20.18 1.36
N GLY C 217 11.92 -18.86 1.44
CA GLY C 217 10.85 -17.97 1.83
C GLY C 217 10.37 -17.19 0.64
N TYR C 218 9.10 -16.82 0.66
CA TYR C 218 8.45 -16.07 -0.41
C TYR C 218 8.00 -14.74 0.16
N TYR C 219 8.44 -13.65 -0.48
CA TYR C 219 8.17 -12.31 0.03
C TYR C 219 7.01 -11.62 -0.69
N GLY C 220 6.61 -12.11 -1.85
CA GLY C 220 5.47 -11.56 -2.55
C GLY C 220 5.72 -10.15 -3.09
N GLU D 1 16.93 -11.04 -12.88
CA GLU D 1 16.92 -10.08 -14.04
C GLU D 1 16.55 -10.81 -15.34
N VAL D 2 15.26 -10.75 -15.67
CA VAL D 2 14.73 -11.40 -16.85
C VAL D 2 14.66 -10.39 -17.98
N GLN D 3 14.67 -10.90 -19.20
CA GLN D 3 14.51 -10.10 -20.42
C GLN D 3 13.40 -10.72 -21.24
N LEU D 4 12.39 -9.92 -21.56
CA LEU D 4 11.27 -10.32 -22.40
C LEU D 4 11.50 -9.83 -23.81
N GLU D 5 11.44 -10.75 -24.78
CA GLU D 5 11.65 -10.40 -26.18
C GLU D 5 10.45 -10.84 -27.00
N GLU D 6 9.73 -9.89 -27.58
CA GLU D 6 8.58 -10.24 -28.41
C GLU D 6 9.05 -10.69 -29.80
N SER D 7 8.09 -11.19 -30.57
CA SER D 7 8.30 -11.58 -31.95
C SER D 7 6.95 -11.51 -32.65
N GLY D 8 6.95 -11.78 -33.95
CA GLY D 8 5.75 -11.59 -34.74
C GLY D 8 5.51 -10.13 -35.06
N GLY D 9 4.26 -9.84 -35.41
CA GLY D 9 3.88 -8.48 -35.78
C GLY D 9 4.11 -8.19 -37.25
N GLY D 10 3.31 -7.26 -37.77
CA GLY D 10 3.41 -6.89 -39.16
C GLY D 10 2.17 -6.14 -39.62
N TRP D 11 2.02 -6.05 -40.93
CA TRP D 11 0.92 -5.35 -41.57
C TRP D 11 -0.06 -6.37 -42.11
N VAL D 12 -1.34 -6.21 -41.78
CA VAL D 12 -2.34 -7.21 -42.14
C VAL D 12 -3.54 -6.52 -42.75
N HIS D 13 -4.17 -7.20 -43.69
CA HIS D 13 -5.38 -6.75 -44.36
C HIS D 13 -6.58 -6.98 -43.45
N PRO D 14 -7.55 -6.03 -43.41
CA PRO D 14 -8.73 -6.23 -42.56
C PRO D 14 -9.32 -7.62 -42.72
N GLY D 15 -9.34 -8.39 -41.64
CA GLY D 15 -9.78 -9.76 -41.68
C GLY D 15 -8.68 -10.79 -41.67
N GLY D 16 -7.46 -10.42 -41.30
CA GLY D 16 -6.35 -11.32 -41.23
C GLY D 16 -5.97 -11.67 -39.80
N SER D 17 -4.82 -12.30 -39.67
CA SER D 17 -4.39 -12.85 -38.38
C SER D 17 -2.86 -12.87 -38.28
N LEU D 18 -2.37 -12.57 -37.07
CA LEU D 18 -0.96 -12.72 -36.73
C LEU D 18 -0.86 -13.54 -35.46
N ARG D 19 0.31 -14.14 -35.23
CA ARG D 19 0.58 -14.89 -34.01
C ARG D 19 1.77 -14.23 -33.31
N LEU D 20 1.48 -13.39 -32.32
CA LEU D 20 2.51 -12.72 -31.54
C LEU D 20 3.02 -13.65 -30.45
N SER D 21 4.34 -13.85 -30.41
CA SER D 21 4.98 -14.66 -29.38
C SER D 21 5.82 -13.77 -28.48
N CYS D 22 6.29 -14.35 -27.37
CA CYS D 22 7.07 -13.61 -26.38
C CYS D 22 7.65 -14.53 -25.32
N ALA D 23 8.92 -14.89 -25.44
CA ALA D 23 9.59 -15.68 -24.43
C ALA D 23 10.24 -14.79 -23.38
N ALA D 24 10.69 -15.41 -22.29
CA ALA D 24 11.35 -14.70 -21.19
C ALA D 24 12.66 -15.42 -20.89
N SER D 25 13.76 -14.70 -21.01
CA SER D 25 15.09 -15.23 -20.77
C SER D 25 15.67 -14.64 -19.49
N GLY D 26 16.40 -15.46 -18.74
CA GLY D 26 17.01 -15.00 -17.51
C GLY D 26 16.83 -15.93 -16.33
N ASN D 27 16.75 -15.37 -15.13
CA ASN D 27 16.72 -16.17 -13.90
C ASN D 27 15.29 -16.23 -13.36
N VAL D 28 14.44 -16.91 -14.11
CA VAL D 28 13.04 -17.08 -13.77
C VAL D 28 12.85 -18.43 -13.08
N PHE D 29 12.30 -18.40 -11.87
CA PHE D 29 12.03 -19.62 -11.11
C PHE D 29 10.69 -20.23 -11.47
N GLY D 30 9.71 -19.41 -11.82
CA GLY D 30 8.44 -19.89 -12.31
C GLY D 30 7.59 -18.74 -12.79
N VAL D 31 6.61 -19.08 -13.62
CA VAL D 31 5.73 -18.10 -14.24
C VAL D 31 4.40 -18.10 -13.48
N ASN D 32 3.93 -16.91 -13.11
CA ASN D 32 2.65 -16.75 -12.45
C ASN D 32 1.57 -16.21 -13.37
N THR D 33 1.93 -15.33 -14.30
CA THR D 33 0.98 -14.72 -15.20
C THR D 33 1.72 -14.21 -16.44
N MET D 34 1.01 -14.25 -17.57
CA MET D 34 1.49 -13.74 -18.85
C MET D 34 0.31 -13.07 -19.51
N ALA D 35 0.50 -11.85 -19.99
CA ALA D 35 -0.60 -11.07 -20.54
C ALA D 35 -0.13 -10.26 -21.74
N TRP D 36 -1.09 -9.74 -22.49
CA TRP D 36 -0.85 -8.92 -23.67
C TRP D 36 -1.62 -7.63 -23.52
N TYR D 37 -0.90 -6.51 -23.50
CA TYR D 37 -1.47 -5.17 -23.51
C TYR D 37 -1.22 -4.54 -24.86
N ARG D 38 -1.98 -3.49 -25.16
CA ARG D 38 -1.82 -2.76 -26.41
C ARG D 38 -2.06 -1.28 -26.15
N GLN D 39 -1.40 -0.45 -26.96
CA GLN D 39 -1.47 1.01 -26.87
C GLN D 39 -1.68 1.54 -28.26
N ALA D 40 -2.82 2.22 -28.49
CA ALA D 40 -3.19 2.64 -29.82
C ALA D 40 -2.32 3.80 -30.30
N PRO D 41 -2.33 4.05 -31.61
CA PRO D 41 -1.55 5.18 -32.14
C PRO D 41 -1.92 6.49 -31.47
N GLY D 42 -0.91 7.17 -30.93
CA GLY D 42 -1.07 8.46 -30.30
C GLY D 42 -1.08 8.42 -28.79
N LYS D 43 -1.79 7.46 -28.23
CA LYS D 43 -1.92 7.39 -26.77
C LYS D 43 -0.60 6.99 -26.13
N GLN D 44 -0.57 7.13 -24.80
CA GLN D 44 0.59 6.91 -23.97
C GLN D 44 0.40 5.66 -23.13
N ARG D 45 1.40 5.33 -22.31
CA ARG D 45 1.29 4.18 -21.43
C ARG D 45 0.15 4.34 -20.44
N GLU D 46 -0.34 5.57 -20.24
CA GLU D 46 -1.48 5.77 -19.34
C GLU D 46 -2.74 5.10 -19.86
N GLN D 47 -2.80 4.80 -21.16
CA GLN D 47 -3.93 4.10 -21.73
C GLN D 47 -3.50 2.77 -22.35
N ARG D 48 -2.46 2.15 -21.79
CA ARG D 48 -2.06 0.81 -22.22
C ARG D 48 -3.14 -0.14 -21.71
N GLU D 49 -3.95 -0.68 -22.62
CA GLU D 49 -5.10 -1.49 -22.27
C GLU D 49 -4.80 -2.98 -22.34
N LEU D 50 -5.44 -3.74 -21.44
CA LEU D 50 -5.30 -5.19 -21.45
C LEU D 50 -6.09 -5.77 -22.62
N VAL D 51 -5.49 -6.72 -23.31
CA VAL D 51 -6.12 -7.41 -24.42
C VAL D 51 -6.44 -8.86 -24.06
N ALA D 52 -5.54 -9.52 -23.33
CA ALA D 52 -5.71 -10.91 -23.00
C ALA D 52 -4.78 -11.26 -21.84
N SER D 53 -5.23 -12.18 -21.01
CA SER D 53 -4.43 -12.65 -19.89
C SER D 53 -4.52 -14.16 -19.80
N ILE D 54 -3.51 -14.76 -19.20
CA ILE D 54 -3.47 -16.20 -18.97
C ILE D 54 -2.67 -16.41 -17.68
N THR D 55 -3.12 -17.35 -16.88
CA THR D 55 -2.49 -17.64 -15.60
C THR D 55 -1.64 -18.89 -15.71
N ASP D 56 -0.83 -19.13 -14.67
CA ASP D 56 -0.16 -20.41 -14.55
C ASP D 56 -1.16 -21.56 -14.60
N TYR D 57 -2.34 -21.37 -13.99
CA TYR D 57 -3.38 -22.39 -14.00
C TYR D 57 -3.99 -22.58 -15.38
N GLY D 58 -3.91 -21.57 -16.24
CA GLY D 58 -4.48 -21.63 -17.58
C GLY D 58 -5.73 -20.81 -17.79
N THR D 59 -6.19 -20.09 -16.77
CA THR D 59 -7.42 -19.32 -16.89
C THR D 59 -7.18 -18.09 -17.77
N THR D 60 -8.06 -17.89 -18.76
CA THR D 60 -7.93 -16.79 -19.70
C THR D 60 -8.99 -15.72 -19.43
N GLU D 61 -8.59 -14.46 -19.58
CA GLU D 61 -9.49 -13.32 -19.58
C GLU D 61 -9.21 -12.50 -20.83
N TYR D 62 -10.27 -12.04 -21.49
CA TYR D 62 -10.14 -11.26 -22.71
C TYR D 62 -10.92 -9.97 -22.56
N ALA D 63 -10.66 -9.03 -23.46
CA ALA D 63 -11.39 -7.78 -23.52
C ALA D 63 -12.52 -7.91 -24.54
N ASP D 64 -13.68 -7.34 -24.20
CA ASP D 64 -14.84 -7.45 -25.08
C ASP D 64 -14.51 -6.96 -26.48
N SER D 65 -13.69 -5.93 -26.58
CA SER D 65 -13.30 -5.43 -27.90
C SER D 65 -12.70 -6.55 -28.74
N VAL D 66 -11.97 -7.47 -28.11
CA VAL D 66 -11.32 -8.57 -28.81
C VAL D 66 -11.93 -9.92 -28.49
N LYS D 67 -12.84 -9.99 -27.51
CA LYS D 67 -13.43 -11.26 -27.09
C LYS D 67 -14.03 -12.01 -28.27
N GLY D 68 -13.52 -13.22 -28.52
CA GLY D 68 -13.96 -14.03 -29.62
C GLY D 68 -13.02 -14.00 -30.81
N ARG D 69 -12.28 -12.92 -30.97
CA ARG D 69 -11.33 -12.77 -32.06
C ARG D 69 -9.94 -13.25 -31.67
N PHE D 70 -9.46 -12.90 -30.49
CA PHE D 70 -8.13 -13.30 -30.05
C PHE D 70 -8.19 -14.55 -29.19
N THR D 71 -7.05 -15.23 -29.08
CA THR D 71 -6.95 -16.44 -28.27
C THR D 71 -5.52 -16.56 -27.78
N ILE D 72 -5.33 -16.46 -26.48
CA ILE D 72 -4.01 -16.51 -25.86
C ILE D 72 -3.66 -17.95 -25.54
N SER D 73 -2.42 -18.32 -25.85
CA SER D 73 -1.85 -19.63 -25.51
C SER D 73 -0.72 -19.43 -24.50
N GLY D 74 -0.08 -20.53 -24.12
CA GLY D 74 0.97 -20.43 -23.12
C GLY D 74 1.79 -21.69 -23.02
N ASP D 75 2.89 -21.57 -22.26
CA ASP D 75 3.77 -22.72 -21.99
C ASP D 75 4.69 -22.29 -20.83
N ASN D 76 4.23 -22.54 -19.60
CA ASN D 76 4.97 -22.08 -18.44
C ASN D 76 6.40 -22.65 -18.38
N ALA D 77 6.61 -23.82 -18.98
CA ALA D 77 7.92 -24.47 -18.86
C ALA D 77 9.01 -23.67 -19.56
N LYS D 78 8.69 -23.05 -20.68
CA LYS D 78 9.65 -22.24 -21.42
C LYS D 78 9.39 -20.75 -21.28
N ALA D 79 8.46 -20.37 -20.40
CA ALA D 79 8.18 -18.97 -20.12
C ALA D 79 7.85 -18.22 -21.40
N THR D 80 6.99 -18.82 -22.21
CA THR D 80 6.56 -18.24 -23.48
C THR D 80 5.04 -18.11 -23.47
N VAL D 81 4.56 -17.04 -24.09
CA VAL D 81 3.14 -16.79 -24.25
C VAL D 81 2.89 -16.51 -25.72
N TYR D 82 1.66 -16.78 -26.17
CA TYR D 82 1.30 -16.53 -27.55
C TYR D 82 -0.06 -15.84 -27.56
N LEU D 83 -0.28 -15.01 -28.58
CA LEU D 83 -1.55 -14.34 -28.79
C LEU D 83 -1.87 -14.41 -30.27
N GLN D 84 -2.55 -15.48 -30.67
CA GLN D 84 -3.01 -15.64 -32.05
C GLN D 84 -4.25 -14.77 -32.24
N MET D 85 -4.12 -13.72 -33.04
CA MET D 85 -5.18 -12.76 -33.28
C MET D 85 -5.91 -13.11 -34.58
N ASN D 86 -7.23 -13.19 -34.52
CA ASN D 86 -8.04 -13.57 -35.67
C ASN D 86 -9.01 -12.45 -36.04
N SER D 87 -9.43 -12.48 -37.30
CA SER D 87 -10.34 -11.48 -37.87
C SER D 87 -10.00 -10.08 -37.34
N LEU D 88 -8.82 -9.58 -37.71
CA LEU D 88 -8.36 -8.30 -37.18
C LEU D 88 -9.10 -7.15 -37.83
N LYS D 89 -9.37 -6.12 -37.06
CA LYS D 89 -10.06 -4.93 -37.51
C LYS D 89 -9.10 -3.75 -37.58
N PRO D 90 -9.44 -2.69 -38.33
CA PRO D 90 -8.57 -1.50 -38.32
C PRO D 90 -8.39 -0.92 -36.94
N GLU D 91 -9.41 -0.99 -36.09
CA GLU D 91 -9.28 -0.46 -34.73
C GLU D 91 -8.27 -1.22 -33.89
N ASP D 92 -7.79 -2.37 -34.36
CA ASP D 92 -6.83 -3.16 -33.61
C ASP D 92 -5.39 -2.66 -33.76
N THR D 93 -5.14 -1.72 -34.67
CA THR D 93 -3.79 -1.20 -34.86
C THR D 93 -3.25 -0.63 -33.55
N ALA D 94 -2.06 -1.09 -33.16
CA ALA D 94 -1.44 -0.63 -31.93
C ALA D 94 -0.06 -1.27 -31.78
N VAL D 95 0.62 -0.95 -30.68
CA VAL D 95 1.82 -1.68 -30.26
C VAL D 95 1.40 -2.63 -29.16
N TYR D 96 1.69 -3.92 -29.34
CA TYR D 96 1.26 -4.95 -28.40
C TYR D 96 2.41 -5.28 -27.47
N TYR D 97 2.25 -4.97 -26.19
CA TYR D 97 3.29 -5.18 -25.21
C TYR D 97 3.02 -6.44 -24.41
N CYS D 98 4.08 -7.17 -24.10
CA CYS D 98 4.02 -8.45 -23.42
C CYS D 98 4.37 -8.24 -21.96
N ASN D 99 3.44 -8.58 -21.08
CA ASN D 99 3.66 -8.46 -19.64
C ASN D 99 3.77 -9.85 -19.05
N MET D 100 4.54 -9.96 -17.97
CA MET D 100 4.77 -11.26 -17.34
C MET D 100 5.09 -11.04 -15.86
N ASP D 101 4.22 -11.52 -14.99
CA ASP D 101 4.48 -11.56 -13.56
C ASP D 101 5.20 -12.88 -13.27
N LEU D 102 6.44 -12.79 -12.81
CA LEU D 102 7.31 -13.95 -12.67
C LEU D 102 7.85 -14.04 -11.25
N THR D 103 8.10 -15.26 -10.81
CA THR D 103 8.82 -15.48 -9.55
C THR D 103 10.29 -15.65 -9.89
N VAL D 104 11.15 -14.96 -9.14
CA VAL D 104 12.58 -14.91 -9.40
C VAL D 104 13.30 -15.20 -8.10
N MET D 105 14.39 -15.94 -8.18
CA MET D 105 15.17 -16.27 -7.00
C MET D 105 16.37 -15.35 -6.91
N THR D 106 16.53 -14.70 -5.76
CA THR D 106 17.64 -13.81 -5.51
C THR D 106 18.89 -14.61 -5.21
N ALA D 107 19.98 -13.93 -4.84
CA ALA D 107 21.21 -14.64 -4.54
C ALA D 107 21.12 -15.38 -3.21
N THR D 108 20.36 -14.85 -2.26
CA THR D 108 20.17 -15.51 -0.97
C THR D 108 19.15 -16.64 -1.03
N SER D 109 18.66 -16.98 -2.24
CA SER D 109 17.73 -18.06 -2.54
C SER D 109 16.29 -17.64 -2.28
N SER D 110 16.05 -16.45 -1.73
CA SER D 110 14.69 -15.96 -1.53
C SER D 110 13.96 -15.83 -2.86
N LEU D 111 12.63 -15.84 -2.77
CA LEU D 111 11.76 -15.73 -3.95
C LEU D 111 11.00 -14.41 -3.89
N TYR D 112 10.87 -13.78 -5.05
CA TYR D 112 10.14 -12.54 -5.22
C TYR D 112 9.35 -12.64 -6.52
N ALA D 113 8.26 -11.91 -6.60
CA ALA D 113 7.42 -11.90 -7.79
C ALA D 113 7.62 -10.56 -8.49
N TYR D 114 8.19 -10.60 -9.68
CA TYR D 114 8.50 -9.35 -10.37
C TYR D 114 7.62 -9.22 -11.61
N ASP D 115 7.45 -7.98 -12.05
CA ASP D 115 6.66 -7.67 -13.23
C ASP D 115 7.61 -7.19 -14.30
N TYR D 116 7.71 -7.94 -15.38
CA TYR D 116 8.58 -7.60 -16.49
C TYR D 116 7.71 -7.19 -17.68
N TRP D 117 8.23 -6.26 -18.46
CA TRP D 117 7.57 -5.73 -19.64
C TRP D 117 8.46 -5.97 -20.86
N GLY D 118 7.83 -6.11 -22.01
CA GLY D 118 8.54 -6.25 -23.25
C GLY D 118 8.61 -4.92 -23.98
N GLN D 119 9.50 -4.86 -24.96
CA GLN D 119 9.71 -3.60 -25.69
C GLN D 119 8.49 -3.25 -26.54
N GLY D 120 7.91 -4.23 -27.22
CA GLY D 120 6.74 -3.99 -28.04
C GLY D 120 6.83 -4.61 -29.42
N THR D 121 5.69 -4.84 -30.05
CA THR D 121 5.64 -5.36 -31.41
C THR D 121 4.56 -4.62 -32.17
N GLN D 122 4.87 -4.18 -33.39
CA GLN D 122 3.97 -3.34 -34.15
C GLN D 122 2.92 -4.19 -34.84
N VAL D 123 1.66 -3.76 -34.77
CA VAL D 123 0.54 -4.41 -35.43
C VAL D 123 -0.26 -3.34 -36.16
N THR D 124 -0.36 -3.46 -37.47
CA THR D 124 -1.14 -2.53 -38.29
C THR D 124 -2.13 -3.29 -39.14
N VAL D 125 -3.33 -2.74 -39.27
CA VAL D 125 -4.46 -3.37 -39.95
C VAL D 125 -4.96 -2.38 -41.00
N SER D 126 -4.73 -2.69 -42.27
CA SER D 126 -5.13 -1.85 -43.39
C SER D 126 -4.19 -0.66 -43.53
N PHE E 6 -16.20 -28.40 13.81
CA PHE E 6 -16.49 -27.64 15.02
C PHE E 6 -17.99 -27.55 15.30
N LEU E 7 -18.46 -28.33 16.27
CA LEU E 7 -19.86 -28.46 16.64
C LEU E 7 -20.25 -27.49 17.74
N PRO E 8 -21.51 -27.18 17.84
CA PRO E 8 -22.00 -26.19 18.82
C PRO E 8 -22.22 -26.82 20.18
N LEU E 9 -22.67 -25.99 21.12
CA LEU E 9 -23.07 -26.52 22.42
C LEU E 9 -24.29 -27.41 22.28
N TYR E 10 -25.21 -27.05 21.39
CA TYR E 10 -26.36 -27.89 21.08
C TYR E 10 -27.05 -27.35 19.83
N PHE E 11 -27.74 -28.25 19.13
CA PHE E 11 -28.63 -27.87 18.05
C PHE E 11 -30.03 -27.65 18.62
N GLY E 12 -30.94 -27.16 17.79
CA GLY E 12 -32.30 -26.98 18.21
C GLY E 12 -32.96 -25.83 17.46
N TRP E 13 -34.20 -25.54 17.87
CA TRP E 13 -35.00 -24.47 17.30
C TRP E 13 -34.99 -23.28 18.26
N PHE E 14 -34.56 -22.12 17.76
CA PHE E 14 -34.43 -20.90 18.55
C PHE E 14 -35.47 -19.89 18.11
N LEU E 15 -36.26 -19.41 19.06
CA LEU E 15 -37.36 -18.51 18.73
C LEU E 15 -36.83 -17.12 18.39
N THR E 16 -37.50 -16.48 17.44
CA THR E 16 -37.15 -15.12 17.04
C THR E 16 -37.53 -14.14 18.15
N LYS E 17 -37.12 -12.88 17.96
CA LYS E 17 -37.41 -11.82 18.93
C LYS E 17 -38.89 -11.74 19.24
N LYS E 18 -39.75 -11.83 18.22
CA LYS E 18 -41.18 -11.67 18.40
C LYS E 18 -41.79 -12.91 19.04
N SER E 19 -41.67 -14.08 18.38
CA SER E 19 -42.21 -15.31 18.95
C SER E 19 -41.72 -15.49 20.38
N SER E 20 -40.45 -15.21 20.62
CA SER E 20 -39.91 -15.35 21.97
C SER E 20 -40.77 -14.59 22.97
N GLU E 21 -41.23 -13.40 22.61
CA GLU E 21 -42.07 -12.61 23.51
C GLU E 21 -43.49 -13.11 23.53
N THR E 22 -43.99 -13.63 22.40
CA THR E 22 -45.32 -14.23 22.38
C THR E 22 -45.42 -15.38 23.38
N LEU E 23 -44.44 -16.29 23.34
CA LEU E 23 -44.47 -17.44 24.23
C LEU E 23 -44.16 -17.03 25.67
N ARG E 24 -43.19 -16.15 25.86
CA ARG E 24 -42.80 -15.75 27.21
C ARG E 24 -43.97 -15.14 27.94
N LYS E 25 -44.66 -14.18 27.30
CA LYS E 25 -45.76 -13.47 27.97
C LYS E 25 -46.93 -14.39 28.21
N ALA E 26 -47.22 -15.31 27.29
CA ALA E 26 -48.27 -16.29 27.52
C ALA E 26 -47.94 -17.12 28.74
N GLY E 27 -46.67 -17.52 28.89
CA GLY E 27 -46.26 -18.24 30.08
C GLY E 27 -46.23 -17.37 31.32
N GLN E 28 -46.03 -16.06 31.14
CA GLN E 28 -46.06 -15.15 32.27
C GLN E 28 -47.48 -15.02 32.82
N VAL E 29 -48.44 -14.72 31.95
CA VAL E 29 -49.82 -14.57 32.38
C VAL E 29 -50.37 -15.88 32.92
N PHE E 30 -49.98 -17.01 32.31
CA PHE E 30 -50.40 -18.32 32.81
C PHE E 30 -50.03 -18.49 34.28
N LEU E 31 -48.75 -18.29 34.61
CA LEU E 31 -48.32 -18.37 36.00
C LEU E 31 -49.08 -17.38 36.88
N GLU E 32 -49.50 -16.24 36.32
CA GLU E 32 -50.29 -15.30 37.10
C GLU E 32 -51.72 -15.81 37.29
N GLU E 33 -52.26 -16.52 36.29
CA GLU E 33 -53.61 -17.03 36.41
C GLU E 33 -53.65 -18.25 37.33
N LEU E 34 -52.72 -19.18 37.15
CA LEU E 34 -52.67 -20.38 37.99
C LEU E 34 -52.49 -20.00 39.45
N GLY E 35 -51.55 -19.10 39.74
CA GLY E 35 -51.24 -18.75 41.11
C GLY E 35 -52.40 -18.08 41.84
N ASN E 36 -53.34 -17.51 41.11
CA ASN E 36 -54.51 -16.88 41.69
C ASN E 36 -55.77 -17.71 41.52
N HIS E 37 -55.64 -18.97 41.08
CA HIS E 37 -56.79 -19.83 40.85
C HIS E 37 -57.12 -20.62 42.11
N LYS E 38 -58.41 -20.70 42.42
CA LYS E 38 -58.83 -21.35 43.67
C LYS E 38 -58.32 -22.78 43.71
N ALA E 39 -58.42 -23.50 42.58
CA ALA E 39 -57.94 -24.88 42.51
C ALA E 39 -56.48 -24.97 42.91
N PHE E 40 -55.62 -24.19 42.26
CA PHE E 40 -54.19 -24.23 42.56
C PHE E 40 -53.93 -23.91 44.04
N LYS E 41 -54.63 -22.91 44.58
CA LYS E 41 -54.42 -22.58 46.00
C LYS E 41 -54.82 -23.74 46.91
N LYS E 42 -55.76 -24.59 46.48
CA LYS E 42 -56.17 -25.70 47.31
C LYS E 42 -54.98 -26.59 47.64
N GLU E 43 -54.36 -27.18 46.60
CA GLU E 43 -53.29 -28.14 46.77
C GLU E 43 -51.92 -27.50 46.89
N LEU E 44 -51.84 -26.28 47.43
CA LEU E 44 -50.56 -25.59 47.53
C LEU E 44 -49.58 -26.38 48.39
N ARG E 45 -50.09 -27.07 49.41
CA ARG E 45 -49.19 -27.77 50.31
C ARG E 45 -48.41 -28.85 49.58
N HIS E 46 -48.84 -29.23 48.37
CA HIS E 46 -48.09 -30.15 47.53
C HIS E 46 -47.20 -29.44 46.52
N PHE E 47 -47.00 -28.14 46.67
CA PHE E 47 -46.22 -27.35 45.75
C PHE E 47 -45.03 -26.66 46.42
N ILE E 48 -44.94 -26.71 47.74
CA ILE E 48 -43.91 -25.98 48.47
C ILE E 48 -43.61 -26.71 49.78
N LEU E 57 -47.60 -16.98 47.33
CA LEU E 57 -46.53 -17.44 46.46
C LEU E 57 -46.75 -17.02 45.02
N GLU E 58 -46.13 -15.93 44.59
CA GLU E 58 -46.20 -15.57 43.18
C GLU E 58 -45.34 -16.50 42.35
N LEU E 59 -45.94 -17.05 41.30
CA LEU E 59 -45.25 -18.05 40.49
C LEU E 59 -44.22 -17.44 39.56
N VAL E 60 -44.45 -16.20 39.09
CA VAL E 60 -43.52 -15.57 38.17
C VAL E 60 -42.12 -15.51 38.79
N SER E 61 -42.01 -14.88 39.96
CA SER E 61 -40.72 -14.84 40.64
C SER E 61 -40.24 -16.23 41.03
N TYR E 62 -41.17 -17.13 41.37
CA TYR E 62 -40.78 -18.48 41.76
C TYR E 62 -40.06 -19.20 40.63
N PHE E 63 -40.55 -19.05 39.40
CA PHE E 63 -39.97 -19.72 38.24
C PHE E 63 -39.04 -18.80 37.47
N GLY E 64 -38.61 -17.69 38.07
CA GLY E 64 -37.76 -16.73 37.40
C GLY E 64 -36.30 -17.00 37.67
N LYS E 65 -35.92 -18.28 37.70
CA LYS E 65 -34.54 -18.68 37.95
C LYS E 65 -33.89 -19.32 36.73
N ARG E 66 -34.59 -19.38 35.60
CA ARG E 66 -33.99 -19.88 34.38
C ARG E 66 -32.76 -19.03 34.04
N PRO E 67 -31.66 -19.65 33.63
CA PRO E 67 -30.51 -18.88 33.19
C PRO E 67 -30.89 -17.99 32.02
N PRO E 68 -30.68 -16.68 32.13
CA PRO E 68 -31.04 -15.78 31.01
C PRO E 68 -30.45 -16.30 29.70
N GLY E 69 -31.26 -16.27 28.65
CA GLY E 69 -30.83 -16.80 27.38
C GLY E 69 -32.00 -16.93 26.43
N VAL E 70 -31.66 -17.31 25.20
CA VAL E 70 -32.67 -17.40 24.15
C VAL E 70 -33.58 -18.61 24.40
N LEU E 71 -34.88 -18.39 24.30
CA LEU E 71 -35.81 -19.50 24.34
C LEU E 71 -35.50 -20.46 23.19
N HIS E 72 -35.65 -21.76 23.45
CA HIS E 72 -35.27 -22.73 22.44
C HIS E 72 -35.87 -24.09 22.76
N CYS E 73 -36.02 -24.90 21.70
CA CYS E 73 -36.37 -26.30 21.81
C CYS E 73 -35.15 -27.08 21.32
N THR E 74 -34.40 -27.65 22.26
CA THR E 74 -33.21 -28.40 21.92
C THR E 74 -33.57 -29.66 21.14
N THR E 75 -32.69 -30.05 20.21
CA THR E 75 -32.77 -31.35 19.57
C THR E 75 -31.69 -32.25 20.17
N LYS E 76 -30.43 -31.97 19.82
CA LYS E 76 -29.29 -32.76 20.28
C LYS E 76 -28.33 -31.82 21.02
N PHE E 77 -28.07 -32.14 22.29
CA PHE E 77 -27.04 -31.47 23.06
C PHE E 77 -25.68 -32.08 22.71
N CYS E 78 -24.75 -31.24 22.25
CA CYS E 78 -23.47 -31.71 21.73
C CYS E 78 -22.27 -31.37 22.59
N ASP E 79 -22.34 -30.28 23.36
CA ASP E 79 -21.21 -29.84 24.19
C ASP E 79 -19.95 -29.68 23.32
N TYR E 80 -20.14 -29.00 22.18
CA TYR E 80 -19.05 -28.79 21.23
C TYR E 80 -18.46 -30.11 20.75
N GLY E 81 -19.32 -31.11 20.57
CA GLY E 81 -18.91 -32.39 20.04
C GLY E 81 -18.51 -33.42 21.08
N LYS E 82 -18.37 -33.02 22.34
CA LYS E 82 -17.98 -33.98 23.37
C LYS E 82 -19.13 -34.91 23.75
N ALA E 83 -20.37 -34.50 23.57
CA ALA E 83 -21.50 -35.32 23.99
C ALA E 83 -21.59 -36.58 23.13
N ALA E 84 -22.03 -37.67 23.77
CA ALA E 84 -22.12 -38.96 23.10
C ALA E 84 -23.12 -38.89 21.96
N GLY E 85 -22.71 -39.36 20.79
CA GLY E 85 -23.53 -39.31 19.60
C GLY E 85 -23.54 -37.97 18.91
N ALA E 86 -22.95 -36.94 19.51
CA ALA E 86 -23.00 -35.60 18.93
C ALA E 86 -22.52 -35.60 17.50
N GLU E 87 -21.29 -36.11 17.28
CA GLU E 87 -20.72 -36.08 15.94
C GLU E 87 -21.64 -36.79 14.94
N GLU E 88 -22.18 -37.94 15.32
CA GLU E 88 -23.08 -38.66 14.43
C GLU E 88 -24.29 -37.81 14.08
N TYR E 89 -24.89 -37.16 15.06
CA TYR E 89 -26.06 -36.31 14.80
C TYR E 89 -25.72 -35.20 13.81
N ALA E 90 -24.63 -34.48 14.06
CA ALA E 90 -24.28 -33.36 13.19
C ALA E 90 -24.02 -33.83 11.77
N GLN E 91 -23.45 -35.02 11.61
CA GLN E 91 -23.11 -35.54 10.29
C GLN E 91 -24.34 -35.83 9.44
N GLN E 92 -25.54 -35.68 9.96
CA GLN E 92 -26.74 -35.98 9.19
C GLN E 92 -26.93 -34.96 8.07
N GLU E 93 -27.44 -35.45 6.93
CA GLU E 93 -27.69 -34.57 5.80
C GLU E 93 -28.84 -33.62 6.09
N VAL E 94 -29.88 -34.11 6.76
CA VAL E 94 -31.02 -33.27 7.09
C VAL E 94 -30.62 -32.13 8.01
N VAL E 95 -29.71 -32.38 8.95
CA VAL E 95 -29.26 -31.32 9.84
C VAL E 95 -28.44 -30.30 9.05
N LYS E 96 -27.61 -30.78 8.13
CA LYS E 96 -26.88 -29.85 7.25
C LYS E 96 -27.85 -29.09 6.36
N ARG E 97 -28.90 -29.75 5.90
CA ARG E 97 -29.84 -29.15 4.97
C ARG E 97 -30.89 -28.30 5.66
N SER E 98 -30.91 -28.27 6.99
CA SER E 98 -31.86 -27.47 7.75
C SER E 98 -31.21 -26.33 8.49
N TYR E 99 -29.88 -26.25 8.51
CA TYR E 99 -29.18 -25.20 9.23
C TYR E 99 -29.64 -23.83 8.77
N GLY E 100 -30.12 -23.02 9.71
CA GLY E 100 -30.59 -21.68 9.40
C GLY E 100 -31.97 -21.61 8.82
N LYS E 101 -32.56 -22.75 8.46
CA LYS E 101 -33.92 -22.76 7.91
C LYS E 101 -34.93 -22.43 9.00
N ALA E 102 -35.97 -21.70 8.62
CA ALA E 102 -36.99 -21.27 9.57
C ALA E 102 -38.13 -22.29 9.63
N PHE E 103 -38.52 -22.63 10.85
CA PHE E 103 -39.61 -23.56 11.08
C PHE E 103 -40.69 -22.91 11.93
N LYS E 104 -41.84 -23.60 11.99
CA LYS E 104 -42.97 -23.21 12.82
C LYS E 104 -43.19 -24.30 13.84
N LEU E 105 -43.12 -23.94 15.13
CA LEU E 105 -43.27 -24.88 16.23
C LEU E 105 -44.64 -24.71 16.87
N SER E 106 -45.35 -25.80 17.06
CA SER E 106 -46.70 -25.80 17.60
C SER E 106 -46.67 -26.09 19.09
N ILE E 107 -47.20 -25.15 19.88
CA ILE E 107 -47.30 -25.30 21.33
C ILE E 107 -48.69 -25.83 21.65
N SER E 108 -48.75 -27.09 22.12
CA SER E 108 -50.05 -27.70 22.40
C SER E 108 -50.49 -27.48 23.84
N ALA E 109 -49.57 -27.14 24.75
CA ALA E 109 -49.95 -26.92 26.14
C ALA E 109 -48.78 -26.35 26.91
N LEU E 110 -49.10 -25.57 27.94
CA LEU E 110 -48.15 -25.14 28.95
C LEU E 110 -48.31 -26.02 30.19
N PHE E 111 -47.27 -26.03 31.03
CA PHE E 111 -47.29 -26.87 32.22
C PHE E 111 -46.37 -26.28 33.27
N VAL E 112 -46.58 -26.69 34.53
CA VAL E 112 -45.73 -26.29 35.63
C VAL E 112 -45.61 -27.45 36.60
N THR E 113 -44.45 -27.56 37.24
CA THR E 113 -44.22 -28.54 38.29
C THR E 113 -43.48 -27.81 39.42
N PRO E 114 -43.28 -28.45 40.58
CA PRO E 114 -42.56 -27.76 41.66
C PRO E 114 -41.19 -27.31 41.26
N LYS E 115 -40.64 -27.85 40.17
CA LYS E 115 -39.27 -27.54 39.74
C LYS E 115 -39.19 -26.62 38.53
N THR E 116 -40.01 -26.84 37.51
CA THR E 116 -39.90 -26.10 36.26
C THR E 116 -41.27 -25.64 35.79
N ALA E 117 -41.25 -24.72 34.83
CA ALA E 117 -42.44 -24.26 34.13
C ALA E 117 -42.08 -24.15 32.66
N GLY E 118 -42.71 -24.97 31.82
CA GLY E 118 -42.32 -25.05 30.42
C GLY E 118 -43.47 -25.06 29.45
N ALA E 119 -43.20 -25.44 28.19
CA ALA E 119 -44.20 -25.49 27.15
C ALA E 119 -43.99 -26.73 26.29
N GLN E 120 -45.07 -27.42 25.97
CA GLN E 120 -45.00 -28.66 25.22
C GLN E 120 -45.01 -28.36 23.72
N VAL E 121 -44.09 -28.99 23.00
CA VAL E 121 -43.96 -28.81 21.55
C VAL E 121 -44.36 -30.11 20.86
N VAL E 122 -45.26 -30.01 19.88
CA VAL E 122 -45.66 -31.15 19.08
C VAL E 122 -45.03 -31.04 17.69
N LEU E 123 -43.87 -31.66 17.52
CA LEU E 123 -43.11 -31.51 16.29
C LEU E 123 -43.83 -32.14 15.12
N THR E 124 -43.66 -31.54 13.95
CA THR E 124 -44.22 -32.07 12.72
C THR E 124 -43.34 -33.21 12.21
N ASP E 125 -43.78 -33.84 11.11
CA ASP E 125 -43.05 -35.00 10.60
C ASP E 125 -41.62 -34.64 10.21
N GLN E 126 -41.44 -33.52 9.49
CA GLN E 126 -40.08 -33.18 9.07
C GLN E 126 -39.27 -32.66 10.25
N GLU E 127 -39.89 -31.91 11.16
CA GLU E 127 -39.18 -31.48 12.36
C GLU E 127 -38.65 -32.67 13.15
N LEU E 128 -39.38 -33.80 13.15
CA LEU E 128 -38.87 -34.99 13.82
C LEU E 128 -37.67 -35.60 13.11
N GLN E 129 -37.49 -35.34 11.80
CA GLN E 129 -36.28 -35.79 11.12
C GLN E 129 -35.04 -35.22 11.79
N LEU E 130 -35.18 -34.07 12.45
CA LEU E 130 -34.09 -33.44 13.19
C LEU E 130 -34.04 -33.92 14.63
N TRP E 131 -35.08 -34.57 15.11
CA TRP E 131 -35.06 -35.10 16.47
C TRP E 131 -34.04 -36.23 16.59
N PRO E 132 -33.24 -36.26 17.65
CA PRO E 132 -32.17 -37.28 17.76
C PRO E 132 -32.69 -38.68 17.95
N SER E 133 -31.78 -39.64 18.11
CA SER E 133 -32.09 -41.04 18.33
C SER E 133 -31.63 -41.60 19.66
N ASP E 134 -30.76 -40.91 20.40
CA ASP E 134 -30.33 -41.28 21.74
C ASP E 134 -30.92 -40.29 22.74
N LEU E 135 -31.69 -40.82 23.70
CA LEU E 135 -32.29 -40.06 24.81
C LEU E 135 -33.39 -40.90 25.45
N SER E 139 -35.73 -42.29 29.29
CA SER E 139 -35.93 -42.98 30.57
C SER E 139 -37.43 -43.19 30.78
N ALA E 140 -38.22 -42.15 30.48
CA ALA E 140 -39.68 -42.20 30.54
C ALA E 140 -40.32 -42.38 29.16
N SER E 141 -39.55 -42.23 28.08
CA SER E 141 -40.11 -42.42 26.74
C SER E 141 -40.70 -43.82 26.57
N GLU E 142 -40.34 -44.75 27.46
CA GLU E 142 -40.95 -46.07 27.52
C GLU E 142 -42.46 -46.04 27.23
N GLY E 143 -42.82 -46.19 25.96
CA GLY E 143 -44.20 -46.18 25.53
C GLY E 143 -44.69 -44.85 25.01
N LEU E 144 -43.96 -43.75 25.25
CA LEU E 144 -44.33 -42.49 24.64
C LEU E 144 -43.74 -42.39 23.23
N PRO E 145 -44.43 -41.72 22.30
CA PRO E 145 -43.93 -41.67 20.91
C PRO E 145 -42.68 -40.82 20.81
N PRO E 146 -41.91 -40.98 19.74
CA PRO E 146 -40.70 -40.16 19.59
C PRO E 146 -41.03 -38.68 19.52
N GLY E 147 -40.25 -37.88 20.24
CA GLY E 147 -40.41 -36.44 20.22
C GLY E 147 -41.31 -35.88 21.28
N SER E 148 -41.82 -36.72 22.19
CA SER E 148 -42.69 -36.22 23.26
C SER E 148 -41.93 -35.30 24.21
N ARG E 149 -40.61 -35.50 24.32
CA ARG E 149 -39.80 -34.65 25.19
C ARG E 149 -39.67 -33.22 24.66
N ALA E 150 -39.99 -33.00 23.39
CA ALA E 150 -39.88 -31.68 22.79
C ALA E 150 -40.58 -30.63 23.62
N HIS E 151 -39.85 -29.59 23.99
CA HIS E 151 -40.38 -28.58 24.89
C HIS E 151 -39.61 -27.27 24.74
N VAL E 152 -40.13 -26.23 25.38
CA VAL E 152 -39.46 -24.94 25.53
C VAL E 152 -39.53 -24.57 27.00
N THR E 153 -38.39 -24.53 27.67
CA THR E 153 -38.34 -24.14 29.07
C THR E 153 -38.67 -22.65 29.21
N LEU E 154 -39.69 -22.34 30.03
CA LEU E 154 -40.04 -20.96 30.30
C LEU E 154 -39.54 -20.47 31.65
N GLY E 155 -39.29 -21.37 32.60
CA GLY E 155 -38.88 -20.96 33.92
C GLY E 155 -38.26 -22.12 34.67
N CYS E 156 -37.62 -21.80 35.78
CA CYS E 156 -36.95 -22.78 36.62
C CYS E 156 -37.08 -22.35 38.07
N ALA E 157 -37.15 -23.33 38.96
CA ALA E 157 -37.12 -23.05 40.39
C ALA E 157 -35.67 -22.75 40.76
N ALA E 158 -35.40 -22.60 42.06
CA ALA E 158 -34.08 -22.15 42.51
C ALA E 158 -32.94 -22.92 41.87
N ASP E 159 -32.74 -24.18 42.26
CA ASP E 159 -31.61 -24.98 41.79
C ASP E 159 -32.11 -26.09 40.88
N VAL E 160 -32.56 -25.70 39.68
CA VAL E 160 -33.13 -26.63 38.72
C VAL E 160 -32.46 -26.39 37.38
N GLN E 161 -31.82 -27.42 36.84
CA GLN E 161 -31.20 -27.33 35.53
C GLN E 161 -32.27 -27.46 34.44
N PRO E 162 -32.22 -26.64 33.38
CA PRO E 162 -33.26 -26.71 32.36
C PRO E 162 -33.47 -28.10 31.76
N VAL E 163 -32.45 -28.97 31.86
CA VAL E 163 -32.64 -30.34 31.40
C VAL E 163 -33.78 -31.01 32.17
N GLN E 164 -34.07 -30.54 33.38
CA GLN E 164 -35.17 -31.09 34.15
C GLN E 164 -36.50 -30.90 33.43
N THR E 165 -36.66 -29.78 32.72
CA THR E 165 -37.94 -29.48 32.10
C THR E 165 -38.38 -30.60 31.16
N GLY E 166 -37.44 -31.19 30.43
CA GLY E 166 -37.78 -32.28 29.54
C GLY E 166 -38.24 -33.53 30.27
N LEU E 167 -37.63 -33.81 31.42
CA LEU E 167 -38.02 -35.00 32.17
C LEU E 167 -39.37 -34.79 32.86
N ASP E 168 -39.60 -33.60 33.42
CA ASP E 168 -40.89 -33.30 34.03
C ASP E 168 -42.01 -33.39 33.02
N LEU E 169 -41.76 -33.02 31.78
CA LEU E 169 -42.76 -33.15 30.73
C LEU E 169 -43.07 -34.61 30.47
N LEU E 170 -42.04 -35.45 30.36
CA LEU E 170 -42.27 -36.87 30.12
C LEU E 170 -43.06 -37.51 31.26
N ASP E 171 -42.78 -37.10 32.51
CA ASP E 171 -43.57 -37.60 33.63
C ASP E 171 -45.02 -37.14 33.52
N ILE E 172 -45.24 -35.89 33.09
CA ILE E 172 -46.60 -35.39 32.94
C ILE E 172 -47.31 -36.13 31.81
N LEU E 173 -46.62 -36.36 30.69
CA LEU E 173 -47.26 -37.04 29.57
C LEU E 173 -47.58 -38.49 29.92
N GLN E 174 -46.71 -39.14 30.69
CA GLN E 174 -46.98 -40.52 31.12
C GLN E 174 -48.31 -40.57 31.87
N GLN E 175 -48.58 -39.57 32.69
CA GLN E 175 -49.89 -39.49 33.34
C GLN E 175 -50.97 -39.10 32.35
N VAL E 176 -50.70 -38.10 31.50
CA VAL E 176 -51.70 -37.65 30.54
C VAL E 176 -52.10 -38.77 29.61
N LYS E 177 -51.16 -39.61 29.20
CA LYS E 177 -51.53 -40.71 28.34
C LYS E 177 -52.39 -41.72 29.10
N GLY E 178 -52.00 -42.03 30.34
CA GLY E 178 -52.65 -43.05 31.14
C GLY E 178 -54.04 -42.75 31.65
N GLY E 179 -54.65 -41.68 31.18
CA GLY E 179 -55.97 -41.34 31.65
C GLY E 179 -56.05 -40.91 33.09
N SER E 180 -54.90 -40.63 33.71
CA SER E 180 -54.84 -40.15 35.08
C SER E 180 -54.75 -38.63 35.14
N GLN E 181 -54.90 -37.96 34.00
CA GLN E 181 -54.96 -36.51 34.02
C GLN E 181 -56.18 -36.03 34.79
N GLY E 182 -57.21 -36.86 34.90
CA GLY E 182 -58.41 -36.47 35.61
C GLY E 182 -59.30 -35.64 34.71
N GLU E 183 -60.09 -34.78 35.34
CA GLU E 183 -60.99 -33.87 34.63
C GLU E 183 -60.53 -32.44 34.87
N ALA E 184 -60.81 -31.57 33.89
CA ALA E 184 -60.44 -30.17 34.01
C ALA E 184 -61.04 -29.55 35.26
N VAL E 185 -60.18 -29.12 36.19
CA VAL E 185 -60.65 -28.47 37.41
C VAL E 185 -61.07 -27.02 37.16
N GLY E 186 -60.90 -26.55 35.93
CA GLY E 186 -61.24 -25.18 35.59
C GLY E 186 -60.85 -24.87 34.17
N GLU E 187 -61.37 -23.74 33.68
CA GLU E 187 -61.09 -23.28 32.32
C GLU E 187 -60.39 -21.93 32.40
N LEU E 188 -59.11 -21.89 32.02
CA LEU E 188 -58.43 -20.62 31.86
C LEU E 188 -58.77 -20.03 30.50
N PRO E 189 -58.55 -18.73 30.31
CA PRO E 189 -58.88 -18.11 29.01
C PRO E 189 -58.27 -18.84 27.83
N ARG E 190 -57.06 -19.39 27.99
CA ARG E 190 -56.38 -20.07 26.90
C ARG E 190 -56.79 -21.53 26.76
N GLY E 191 -57.21 -22.18 27.83
CA GLY E 191 -57.60 -23.56 27.74
C GLY E 191 -58.05 -24.11 29.07
N LYS E 192 -58.01 -25.44 29.18
CA LYS E 192 -58.53 -26.15 30.34
C LYS E 192 -57.38 -26.52 31.26
N LEU E 193 -57.44 -26.07 32.51
CA LEU E 193 -56.45 -26.41 33.52
C LEU E 193 -56.71 -27.82 34.04
N TYR E 194 -55.63 -28.55 34.29
CA TYR E 194 -55.70 -29.93 34.77
C TYR E 194 -54.78 -30.10 35.97
N SER E 195 -55.33 -30.63 37.06
CA SER E 195 -54.53 -30.97 38.23
C SER E 195 -54.12 -32.44 38.13
N LEU E 196 -52.81 -32.69 38.10
CA LEU E 196 -52.28 -34.05 38.00
C LEU E 196 -51.62 -34.52 39.28
N GLY E 197 -51.70 -33.75 40.35
CA GLY E 197 -51.13 -34.18 41.62
C GLY E 197 -49.63 -34.09 41.61
N LYS E 198 -49.02 -34.25 42.79
CA LYS E 198 -47.57 -34.14 42.93
C LYS E 198 -47.03 -32.81 42.42
N GLY E 199 -47.86 -31.77 42.48
CA GLY E 199 -47.44 -30.44 42.11
C GLY E 199 -47.55 -30.11 40.64
N ARG E 200 -47.88 -31.08 39.80
CA ARG E 200 -47.92 -30.84 38.37
C ARG E 200 -49.22 -30.19 37.94
N TRP E 201 -49.14 -29.36 36.91
CA TRP E 201 -50.30 -28.71 36.32
C TRP E 201 -50.08 -28.60 34.82
N MET E 202 -51.16 -28.72 34.06
CA MET E 202 -51.09 -28.70 32.60
C MET E 202 -52.23 -27.85 32.07
N LEU E 203 -51.89 -26.89 31.21
CA LEU E 203 -52.86 -26.06 30.51
C LEU E 203 -52.94 -26.54 29.07
N SER E 204 -53.86 -27.46 28.80
CA SER E 204 -54.09 -27.90 27.43
C SER E 204 -54.61 -26.73 26.61
N LEU E 205 -53.83 -26.25 25.64
CA LEU E 205 -54.25 -25.09 24.86
C LEU E 205 -55.34 -25.49 23.89
N THR E 206 -56.49 -24.83 23.99
CA THR E 206 -57.60 -25.11 23.06
C THR E 206 -57.15 -24.90 21.61
N LYS E 207 -56.32 -23.90 21.36
CA LYS E 207 -55.77 -23.65 20.03
C LYS E 207 -54.26 -23.64 20.12
N LYS E 208 -53.61 -24.46 19.32
CA LYS E 208 -52.16 -24.55 19.32
C LYS E 208 -51.52 -23.22 19.00
N MET E 209 -50.69 -22.72 19.93
CA MET E 209 -49.88 -21.55 19.65
C MET E 209 -48.79 -21.92 18.65
N GLU E 210 -48.71 -21.18 17.56
CA GLU E 210 -47.72 -21.42 16.52
C GLU E 210 -46.65 -20.35 16.62
N VAL E 211 -45.40 -20.76 16.77
CA VAL E 211 -44.28 -19.84 17.00
C VAL E 211 -43.17 -20.10 15.98
N LYS E 212 -42.61 -19.02 15.45
CA LYS E 212 -41.54 -19.10 14.48
C LYS E 212 -40.21 -19.31 15.18
N ALA E 213 -39.38 -20.18 14.63
CA ALA E 213 -38.12 -20.55 15.24
C ALA E 213 -37.14 -20.95 14.15
N ILE E 214 -35.85 -20.72 14.43
CA ILE E 214 -34.79 -21.03 13.48
C ILE E 214 -34.03 -22.25 13.99
N PHE E 215 -33.82 -23.22 13.12
CA PHE E 215 -33.01 -24.37 13.46
C PHE E 215 -31.55 -24.05 13.14
N THR E 216 -30.71 -24.06 14.16
CA THR E 216 -29.29 -23.76 14.00
C THR E 216 -28.56 -24.33 15.21
N GLY E 217 -27.27 -24.00 15.32
CA GLY E 217 -26.45 -24.37 16.44
C GLY E 217 -26.15 -23.16 17.30
N TYR E 218 -26.00 -23.39 18.60
CA TYR E 218 -25.69 -22.34 19.57
C TYR E 218 -24.37 -22.66 20.24
N TYR E 219 -23.44 -21.70 20.18
CA TYR E 219 -22.10 -21.90 20.70
C TYR E 219 -21.84 -21.23 22.04
N GLY E 220 -22.70 -20.30 22.45
CA GLY E 220 -22.56 -19.67 23.74
C GLY E 220 -21.34 -18.77 23.83
N GLU F 1 -22.36 -8.06 15.24
CA GLU F 1 -21.91 -6.67 15.50
C GLU F 1 -23.07 -5.71 15.79
N VAL F 2 -23.34 -5.52 17.08
CA VAL F 2 -24.37 -4.60 17.53
C VAL F 2 -23.71 -3.30 17.95
N GLN F 3 -24.49 -2.21 17.93
CA GLN F 3 -24.04 -0.92 18.42
C GLN F 3 -25.07 -0.44 19.45
N LEU F 4 -24.60 -0.14 20.65
CA LEU F 4 -25.43 0.46 21.70
C LEU F 4 -25.18 1.97 21.73
N GLU F 5 -26.24 2.76 21.58
CA GLU F 5 -26.13 4.22 21.61
C GLU F 5 -27.08 4.73 22.68
N GLU F 6 -26.54 5.36 23.71
CA GLU F 6 -27.39 5.89 24.76
C GLU F 6 -28.06 7.18 24.31
N SER F 7 -29.02 7.63 25.11
CA SER F 7 -29.72 8.88 24.87
C SER F 7 -30.27 9.37 26.21
N GLY F 8 -30.89 10.53 26.19
CA GLY F 8 -31.27 11.18 27.42
C GLY F 8 -30.03 11.77 28.06
N GLY F 9 -30.14 12.08 29.35
CA GLY F 9 -29.01 12.64 30.05
C GLY F 9 -28.88 14.13 29.87
N GLY F 10 -28.27 14.79 30.85
CA GLY F 10 -28.14 16.23 30.80
C GLY F 10 -27.84 16.78 32.18
N TRP F 11 -28.08 18.07 32.34
CA TRP F 11 -27.90 18.76 33.60
C TRP F 11 -29.28 18.95 34.23
N VAL F 12 -29.42 18.52 35.48
CA VAL F 12 -30.71 18.50 36.14
C VAL F 12 -30.56 19.12 37.52
N HIS F 13 -31.61 19.77 37.98
CA HIS F 13 -31.57 20.38 39.30
C HIS F 13 -31.72 19.29 40.36
N PRO F 14 -30.95 19.38 41.47
CA PRO F 14 -31.08 18.36 42.53
C PRO F 14 -32.53 18.10 42.88
N GLY F 15 -32.98 16.86 42.71
CA GLY F 15 -34.36 16.51 42.93
C GLY F 15 -35.20 16.41 41.68
N GLY F 16 -34.57 16.34 40.50
CA GLY F 16 -35.28 16.21 39.25
C GLY F 16 -35.20 14.79 38.69
N SER F 17 -35.56 14.68 37.41
CA SER F 17 -35.69 13.38 36.78
C SER F 17 -35.33 13.47 35.31
N LEU F 18 -34.67 12.42 34.82
CA LEU F 18 -34.37 12.26 33.40
C LEU F 18 -34.83 10.86 32.99
N ARG F 19 -35.01 10.68 31.68
CA ARG F 19 -35.37 9.38 31.12
C ARG F 19 -34.25 8.92 30.19
N LEU F 20 -33.37 8.07 30.71
CA LEU F 20 -32.28 7.53 29.92
C LEU F 20 -32.81 6.36 29.08
N SER F 21 -32.60 6.44 27.78
CA SER F 21 -32.94 5.37 26.86
C SER F 21 -31.67 4.74 26.32
N CYS F 22 -31.84 3.61 25.64
CA CYS F 22 -30.72 2.89 25.03
C CYS F 22 -31.25 1.77 24.16
N ALA F 23 -31.33 2.01 22.86
CA ALA F 23 -31.69 0.96 21.91
C ALA F 23 -30.42 0.24 21.47
N ALA F 24 -30.61 -0.85 20.74
CA ALA F 24 -29.49 -1.66 20.25
C ALA F 24 -29.65 -1.79 18.74
N SER F 25 -28.66 -1.32 18.01
CA SER F 25 -28.67 -1.34 16.56
C SER F 25 -27.69 -2.39 16.06
N GLY F 26 -28.08 -3.10 15.00
CA GLY F 26 -27.22 -4.13 14.46
C GLY F 26 -27.91 -5.46 14.24
N ASN F 27 -27.15 -6.54 14.38
CA ASN F 27 -27.63 -7.88 14.11
C ASN F 27 -27.88 -8.61 15.42
N VAL F 28 -28.93 -8.18 16.12
CA VAL F 28 -29.32 -8.78 17.39
C VAL F 28 -30.40 -9.83 17.12
N PHE F 29 -30.15 -11.06 17.55
CA PHE F 29 -31.12 -12.13 17.41
C PHE F 29 -32.09 -12.16 18.58
N GLY F 30 -31.62 -11.81 19.77
CA GLY F 30 -32.47 -11.68 20.94
C GLY F 30 -31.69 -11.07 22.07
N VAL F 31 -32.43 -10.56 23.05
CA VAL F 31 -31.82 -9.90 24.21
C VAL F 31 -31.88 -10.86 25.40
N ASN F 32 -30.74 -11.02 26.07
CA ASN F 32 -30.65 -11.83 27.27
C ASN F 32 -30.61 -11.00 28.54
N THR F 33 -30.00 -9.82 28.49
CA THR F 33 -29.86 -8.96 29.66
C THR F 33 -29.69 -7.53 29.19
N MET F 34 -30.21 -6.60 29.99
CA MET F 34 -30.03 -5.17 29.76
C MET F 34 -29.87 -4.52 31.12
N ALA F 35 -28.83 -3.71 31.28
CA ALA F 35 -28.52 -3.10 32.57
C ALA F 35 -27.97 -1.71 32.36
N TRP F 36 -27.88 -0.96 33.46
CA TRP F 36 -27.32 0.38 33.45
C TRP F 36 -26.22 0.42 34.50
N TYR F 37 -24.99 0.69 34.06
CA TYR F 37 -23.86 0.90 34.96
C TYR F 37 -23.48 2.37 34.93
N ARG F 38 -22.75 2.82 35.95
CA ARG F 38 -22.36 4.22 36.02
C ARG F 38 -20.96 4.37 36.60
N GLN F 39 -20.28 5.44 36.21
CA GLN F 39 -18.94 5.76 36.66
C GLN F 39 -18.92 7.23 37.06
N ALA F 40 -18.63 7.48 38.33
CA ALA F 40 -18.69 8.84 38.84
C ALA F 40 -17.52 9.65 38.29
N PRO F 41 -17.62 10.98 38.34
CA PRO F 41 -16.50 11.82 37.90
C PRO F 41 -15.22 11.43 38.63
N GLY F 42 -14.18 11.13 37.84
CA GLY F 42 -12.89 10.78 38.40
C GLY F 42 -12.61 9.29 38.32
N LYS F 43 -13.61 8.47 38.59
CA LYS F 43 -13.42 7.04 38.60
C LYS F 43 -13.14 6.53 37.18
N GLN F 44 -12.63 5.30 37.11
CA GLN F 44 -12.31 4.65 35.83
C GLN F 44 -13.20 3.44 35.64
N ARG F 45 -13.00 2.73 34.53
CA ARG F 45 -13.81 1.55 34.26
C ARG F 45 -13.65 0.48 35.33
N GLU F 46 -12.57 0.52 36.10
CA GLU F 46 -12.38 -0.43 37.19
C GLU F 46 -13.36 -0.23 38.33
N GLN F 47 -14.02 0.91 38.41
CA GLN F 47 -14.96 1.20 39.49
C GLN F 47 -16.38 1.39 38.94
N ARG F 48 -16.69 0.71 37.85
CA ARG F 48 -18.03 0.71 37.27
C ARG F 48 -19.03 -0.05 38.13
N GLU F 49 -19.95 0.68 38.74
CA GLU F 49 -20.94 0.06 39.61
C GLU F 49 -22.24 -0.16 38.85
N LEU F 50 -22.90 -1.28 39.14
CA LEU F 50 -24.19 -1.61 38.54
C LEU F 50 -25.27 -0.76 39.20
N VAL F 51 -26.17 -0.21 38.38
CA VAL F 51 -27.25 0.63 38.87
C VAL F 51 -28.60 -0.08 38.77
N ALA F 52 -28.85 -0.80 37.69
CA ALA F 52 -30.11 -1.50 37.51
C ALA F 52 -29.94 -2.52 36.40
N SER F 53 -30.63 -3.65 36.54
CA SER F 53 -30.59 -4.71 35.55
C SER F 53 -32.00 -5.22 35.30
N ILE F 54 -32.19 -5.78 34.11
CA ILE F 54 -33.46 -6.38 33.72
C ILE F 54 -33.15 -7.52 32.77
N THR F 55 -33.83 -8.64 32.97
CA THR F 55 -33.60 -9.84 32.17
C THR F 55 -34.73 -10.01 31.15
N ASP F 56 -34.48 -10.90 30.18
CA ASP F 56 -35.54 -11.29 29.25
C ASP F 56 -36.78 -11.77 30.00
N TYR F 57 -36.57 -12.47 31.12
CA TYR F 57 -37.70 -12.92 31.92
C TYR F 57 -38.44 -11.78 32.61
N GLY F 58 -37.78 -10.63 32.79
CA GLY F 58 -38.36 -9.49 33.46
C GLY F 58 -37.84 -9.24 34.85
N THR F 59 -36.89 -10.04 35.32
CA THR F 59 -36.38 -9.87 36.68
C THR F 59 -35.53 -8.62 36.78
N THR F 60 -35.82 -7.79 37.76
CA THR F 60 -35.11 -6.53 37.96
C THR F 60 -34.22 -6.61 39.20
N GLU F 61 -33.03 -6.04 39.09
CA GLU F 61 -32.13 -5.87 40.22
C GLU F 61 -31.74 -4.39 40.28
N TYR F 62 -31.73 -3.83 41.49
CA TYR F 62 -31.41 -2.43 41.69
C TYR F 62 -30.29 -2.28 42.72
N ALA F 63 -29.70 -1.09 42.74
CA ALA F 63 -28.69 -0.72 43.72
C ALA F 63 -29.34 0.06 44.85
N ASP F 64 -28.90 -0.19 46.09
CA ASP F 64 -29.50 0.45 47.24
C ASP F 64 -29.50 1.97 47.11
N SER F 65 -28.42 2.53 46.57
CA SER F 65 -28.37 3.98 46.39
C SER F 65 -29.55 4.49 45.58
N VAL F 66 -30.03 3.69 44.64
CA VAL F 66 -31.13 4.09 43.76
C VAL F 66 -32.43 3.35 44.06
N LYS F 67 -32.39 2.32 44.92
CA LYS F 67 -33.58 1.54 45.22
C LYS F 67 -34.71 2.42 45.69
N GLY F 68 -35.79 2.47 44.91
CA GLY F 68 -36.92 3.31 45.17
C GLY F 68 -36.93 4.59 44.36
N ARG F 69 -35.76 5.09 43.97
CA ARG F 69 -35.69 6.33 43.19
C ARG F 69 -35.68 6.07 41.69
N PHE F 70 -34.93 5.09 41.23
CA PHE F 70 -34.87 4.76 39.80
C PHE F 70 -35.81 3.60 39.50
N THR F 71 -36.14 3.44 38.23
CA THR F 71 -37.05 2.38 37.79
C THR F 71 -36.64 1.97 36.39
N ILE F 72 -36.16 0.73 36.24
CA ILE F 72 -35.67 0.24 34.95
C ILE F 72 -36.84 -0.38 34.19
N SER F 73 -36.92 -0.06 32.90
CA SER F 73 -37.89 -0.62 31.98
C SER F 73 -37.17 -1.41 30.91
N GLY F 74 -37.93 -2.00 30.00
CA GLY F 74 -37.34 -2.84 28.97
C GLY F 74 -38.31 -3.13 27.86
N ASP F 75 -37.78 -3.72 26.78
CA ASP F 75 -38.61 -4.10 25.64
C ASP F 75 -37.78 -5.06 24.78
N ASN F 76 -37.88 -6.36 25.10
CA ASN F 76 -37.06 -7.35 24.42
C ASN F 76 -37.30 -7.33 22.91
N ALA F 77 -38.50 -6.98 22.49
CA ALA F 77 -38.83 -7.00 21.06
C ALA F 77 -38.06 -5.94 20.29
N LYS F 78 -37.85 -4.76 20.89
CA LYS F 78 -37.09 -3.72 20.22
C LYS F 78 -35.70 -3.54 20.82
N ALA F 79 -35.31 -4.38 21.78
CA ALA F 79 -33.98 -4.36 22.38
C ALA F 79 -33.63 -2.97 22.91
N THR F 80 -34.57 -2.36 23.63
CA THR F 80 -34.35 -1.05 24.24
C THR F 80 -34.56 -1.16 25.74
N VAL F 81 -33.81 -0.35 26.49
CA VAL F 81 -33.93 -0.29 27.94
C VAL F 81 -34.09 1.17 28.33
N TYR F 82 -34.74 1.42 29.47
CA TYR F 82 -34.97 2.76 29.97
C TYR F 82 -34.67 2.80 31.46
N LEU F 83 -34.29 3.98 31.94
CA LEU F 83 -34.02 4.20 33.37
C LEU F 83 -34.63 5.54 33.76
N GLN F 84 -35.87 5.49 34.28
CA GLN F 84 -36.53 6.69 34.80
C GLN F 84 -35.94 6.98 36.18
N MET F 85 -35.17 8.05 36.28
CA MET F 85 -34.51 8.43 37.54
C MET F 85 -35.31 9.54 38.22
N ASN F 86 -35.63 9.33 39.49
CA ASN F 86 -36.41 10.28 40.27
C ASN F 86 -35.63 10.71 41.51
N SER F 87 -36.03 11.87 42.05
CA SER F 87 -35.38 12.45 43.22
C SER F 87 -33.87 12.27 43.19
N LEU F 88 -33.21 12.91 42.23
CA LEU F 88 -31.78 12.72 42.04
C LEU F 88 -30.98 13.44 43.11
N LYS F 89 -29.86 12.81 43.50
CA LYS F 89 -28.97 13.34 44.51
C LYS F 89 -27.65 13.77 43.88
N PRO F 90 -26.85 14.60 44.56
CA PRO F 90 -25.53 14.92 44.01
C PRO F 90 -24.67 13.70 43.81
N GLU F 91 -24.84 12.67 44.62
CA GLU F 91 -24.06 11.44 44.44
C GLU F 91 -24.34 10.75 43.11
N ASP F 92 -25.41 11.13 42.41
CA ASP F 92 -25.75 10.48 41.16
C ASP F 92 -25.00 11.03 39.96
N THR F 93 -24.28 12.15 40.11
CA THR F 93 -23.53 12.70 38.98
C THR F 93 -22.54 11.66 38.47
N ALA F 94 -22.65 11.34 37.18
CA ALA F 94 -21.79 10.34 36.57
C ALA F 94 -22.10 10.20 35.09
N VAL F 95 -21.38 9.32 34.40
CA VAL F 95 -21.71 8.92 33.04
C VAL F 95 -22.41 7.57 33.14
N TYR F 96 -23.62 7.49 32.59
CA TYR F 96 -24.44 6.29 32.68
C TYR F 96 -24.27 5.51 31.38
N TYR F 97 -23.70 4.32 31.48
CA TYR F 97 -23.41 3.44 30.36
C TYR F 97 -24.42 2.30 30.33
N CYS F 98 -24.78 1.88 29.12
CA CYS F 98 -25.77 0.83 28.88
C CYS F 98 -25.07 -0.46 28.50
N ASN F 99 -25.34 -1.53 29.26
CA ASN F 99 -24.81 -2.85 28.96
C ASN F 99 -25.93 -3.76 28.48
N MET F 100 -25.56 -4.71 27.61
CA MET F 100 -26.55 -5.61 27.03
C MET F 100 -25.87 -6.91 26.62
N ASP F 101 -26.26 -8.01 27.26
CA ASP F 101 -25.83 -9.35 26.85
C ASP F 101 -26.82 -9.86 25.82
N LEU F 102 -26.37 -10.07 24.59
CA LEU F 102 -27.24 -10.35 23.45
C LEU F 102 -26.80 -11.62 22.74
N THR F 103 -27.76 -12.30 22.13
CA THR F 103 -27.49 -13.41 21.23
C THR F 103 -27.46 -12.89 19.80
N VAL F 104 -26.46 -13.32 19.03
CA VAL F 104 -26.20 -12.80 17.70
C VAL F 104 -26.02 -13.96 16.74
N MET F 105 -26.47 -13.77 15.51
CA MET F 105 -26.37 -14.78 14.46
C MET F 105 -25.20 -14.46 13.55
N THR F 106 -24.34 -15.43 13.31
CA THR F 106 -23.21 -15.26 12.40
C THR F 106 -23.73 -15.34 10.96
N ALA F 107 -22.81 -15.32 10.00
CA ALA F 107 -23.20 -15.39 8.60
C ALA F 107 -23.62 -16.80 8.22
N THR F 108 -23.05 -17.82 8.86
CA THR F 108 -23.43 -19.20 8.63
C THR F 108 -24.70 -19.59 9.40
N SER F 109 -25.35 -18.63 10.06
CA SER F 109 -26.59 -18.75 10.83
C SER F 109 -26.37 -19.28 12.25
N SER F 110 -25.14 -19.63 12.63
CA SER F 110 -24.89 -20.04 14.01
C SER F 110 -25.23 -18.91 14.97
N LEU F 111 -25.51 -19.27 16.23
CA LEU F 111 -25.87 -18.32 17.27
C LEU F 111 -24.82 -18.32 18.37
N TYR F 112 -24.50 -17.14 18.87
CA TYR F 112 -23.59 -16.97 19.98
C TYR F 112 -24.07 -15.82 20.84
N ALA F 113 -23.67 -15.82 22.11
CA ALA F 113 -24.03 -14.79 23.07
C ALA F 113 -22.83 -13.92 23.44
N TYR F 114 -22.90 -12.63 23.13
CA TYR F 114 -21.88 -11.67 23.47
C TYR F 114 -22.44 -10.55 24.33
N ASP F 115 -21.55 -9.84 25.02
CA ASP F 115 -21.88 -8.70 25.86
C ASP F 115 -21.32 -7.43 25.21
N TYR F 116 -22.20 -6.50 24.87
CA TYR F 116 -21.83 -5.25 24.21
C TYR F 116 -21.98 -4.08 25.17
N TRP F 117 -21.17 -3.05 24.96
CA TRP F 117 -21.19 -1.86 25.80
C TRP F 117 -21.55 -0.64 24.98
N GLY F 118 -22.15 0.34 25.66
CA GLY F 118 -22.47 1.60 25.06
C GLY F 118 -21.46 2.66 25.45
N GLN F 119 -21.45 3.75 24.67
CA GLN F 119 -20.45 4.80 24.91
C GLN F 119 -20.73 5.51 26.22
N GLY F 120 -21.97 5.93 26.46
CA GLY F 120 -22.29 6.60 27.69
C GLY F 120 -23.07 7.87 27.48
N THR F 121 -23.77 8.32 28.52
CA THR F 121 -24.46 9.60 28.51
C THR F 121 -24.20 10.26 29.86
N GLN F 122 -23.81 11.53 29.84
CA GLN F 122 -23.40 12.21 31.06
C GLN F 122 -24.62 12.74 31.82
N VAL F 123 -24.59 12.56 33.13
CA VAL F 123 -25.62 13.06 34.02
C VAL F 123 -24.94 13.85 35.13
N THR F 124 -25.24 15.13 35.22
CA THR F 124 -24.69 16.01 36.25
C THR F 124 -25.84 16.67 36.99
N VAL F 125 -25.70 16.78 38.31
CA VAL F 125 -26.76 17.22 39.19
C VAL F 125 -26.23 18.37 40.04
N SER F 126 -26.69 19.58 39.76
CA SER F 126 -26.27 20.76 40.52
C SER F 126 -27.23 21.92 40.26
N PHE G 6 41.03 6.08 -10.17
CA PHE G 6 40.17 6.05 -11.36
C PHE G 6 40.18 7.44 -12.01
N LEU G 7 41.01 7.61 -13.09
CA LEU G 7 41.14 8.93 -13.67
C LEU G 7 40.27 9.09 -14.92
N PRO G 8 39.91 10.35 -15.21
CA PRO G 8 39.09 10.62 -16.40
C PRO G 8 39.89 10.73 -17.66
N LEU G 9 39.22 10.95 -18.78
CA LEU G 9 39.93 11.27 -20.00
C LEU G 9 40.62 12.61 -19.87
N TYR G 10 39.98 13.56 -19.19
CA TYR G 10 40.61 14.84 -18.91
C TYR G 10 39.77 15.62 -17.91
N PHE G 11 40.43 16.52 -17.18
CA PHE G 11 39.75 17.48 -16.33
C PHE G 11 39.44 18.76 -17.12
N GLY G 12 38.70 19.66 -16.51
CA GLY G 12 38.39 20.93 -17.11
C GLY G 12 37.03 21.43 -16.65
N TRP G 13 36.63 22.57 -17.23
CA TRP G 13 35.37 23.22 -16.93
C TRP G 13 34.37 22.92 -18.05
N PHE G 14 33.23 22.34 -17.69
CA PHE G 14 32.19 21.92 -18.64
C PHE G 14 30.96 22.80 -18.47
N LEU G 15 30.51 23.36 -19.59
CA LEU G 15 29.44 24.34 -19.59
C LEU G 15 28.09 23.67 -19.34
N THR G 16 27.21 24.40 -18.64
CA THR G 16 25.87 23.92 -18.37
C THR G 16 25.05 23.91 -19.67
N LYS G 17 23.87 23.31 -19.59
CA LYS G 17 23.04 23.19 -20.79
C LYS G 17 22.79 24.56 -21.42
N LYS G 18 22.47 25.56 -20.60
CA LYS G 18 22.16 26.89 -21.12
C LYS G 18 23.44 27.63 -21.56
N SER G 19 24.40 27.81 -20.64
CA SER G 19 25.65 28.48 -21.01
C SER G 19 26.24 27.89 -22.28
N SER G 20 26.22 26.57 -22.40
CA SER G 20 26.71 25.93 -23.61
C SER G 20 26.01 26.49 -24.84
N GLU G 21 24.71 26.74 -24.73
CA GLU G 21 23.96 27.22 -25.90
C GLU G 21 24.19 28.71 -26.12
N THR G 22 24.47 29.47 -25.05
CA THR G 22 24.84 30.87 -25.19
C THR G 22 26.09 31.02 -26.06
N LEU G 23 27.14 30.24 -25.77
CA LEU G 23 28.38 30.36 -26.52
C LEU G 23 28.24 29.81 -27.93
N ARG G 24 27.56 28.66 -28.09
CA ARG G 24 27.45 28.07 -29.42
C ARG G 24 26.82 29.03 -30.41
N LYS G 25 25.70 29.65 -30.02
CA LYS G 25 25.04 30.56 -30.95
C LYS G 25 25.86 31.82 -31.20
N ALA G 26 26.56 32.31 -30.18
CA ALA G 26 27.40 33.49 -30.35
C ALA G 26 28.52 33.25 -31.35
N GLY G 27 29.18 32.10 -31.27
CA GLY G 27 30.19 31.77 -32.26
C GLY G 27 29.61 31.44 -33.61
N GLN G 28 28.37 30.95 -33.64
CA GLN G 28 27.70 30.65 -34.90
C GLN G 28 27.35 31.94 -35.63
N VAL G 29 26.68 32.87 -34.95
CA VAL G 29 26.33 34.13 -35.58
C VAL G 29 27.58 34.87 -36.03
N PHE G 30 28.65 34.79 -35.23
CA PHE G 30 29.94 35.35 -35.61
C PHE G 30 30.41 34.78 -36.95
N LEU G 31 30.44 33.45 -37.07
CA LEU G 31 30.83 32.83 -38.32
C LEU G 31 29.94 33.27 -39.48
N GLU G 32 28.68 33.58 -39.20
CA GLU G 32 27.79 34.08 -40.24
C GLU G 32 28.12 35.52 -40.59
N GLU G 33 28.59 36.31 -39.61
CA GLU G 33 28.96 37.69 -39.85
C GLU G 33 30.32 37.79 -40.55
N LEU G 34 31.29 37.02 -40.06
CA LEU G 34 32.63 37.05 -40.65
C LEU G 34 32.64 36.63 -42.10
N GLY G 35 31.98 35.51 -42.42
CA GLY G 35 32.02 34.98 -43.77
C GLY G 35 31.43 35.90 -44.81
N ASN G 36 30.57 36.82 -44.40
CA ASN G 36 29.95 37.79 -45.29
C ASN G 36 30.54 39.20 -45.13
N HIS G 37 31.64 39.33 -44.41
CA HIS G 37 32.22 40.65 -44.14
C HIS G 37 33.23 41.02 -45.20
N LYS G 38 33.21 42.29 -45.63
CA LYS G 38 34.01 42.74 -46.75
C LYS G 38 35.51 42.50 -46.50
N ALA G 39 35.99 42.78 -45.30
CA ALA G 39 37.39 42.51 -44.99
C ALA G 39 37.71 41.05 -45.22
N PHE G 40 36.95 40.15 -44.59
CA PHE G 40 37.16 38.72 -44.79
C PHE G 40 37.02 38.34 -46.25
N LYS G 41 36.10 38.97 -46.97
CA LYS G 41 35.89 38.61 -48.37
C LYS G 41 37.18 38.82 -49.17
N LYS G 42 37.95 39.86 -48.83
CA LYS G 42 39.19 40.15 -49.55
C LYS G 42 40.22 39.03 -49.38
N GLU G 43 40.60 38.75 -48.14
CA GLU G 43 41.72 37.84 -47.88
C GLU G 43 41.30 36.38 -47.89
N LEU G 44 40.29 36.04 -48.69
CA LEU G 44 39.82 34.66 -48.72
C LEU G 44 40.92 33.71 -49.18
N ARG G 45 41.74 34.14 -50.14
CA ARG G 45 42.82 33.29 -50.64
C ARG G 45 43.85 32.94 -49.56
N HIS G 46 43.84 33.65 -48.43
CA HIS G 46 44.70 33.30 -47.30
C HIS G 46 43.99 32.44 -46.26
N PHE G 47 42.80 31.92 -46.59
CA PHE G 47 42.02 31.09 -45.69
C PHE G 47 41.65 29.74 -46.28
N ILE G 48 41.89 29.53 -47.57
CA ILE G 48 41.47 28.31 -48.25
C ILE G 48 42.38 28.02 -49.44
N LYS G 56 30.52 31.13 -52.42
CA LYS G 56 31.32 31.57 -51.30
C LYS G 56 31.60 30.42 -50.33
N LEU G 57 32.17 30.76 -49.17
CA LEU G 57 32.51 29.79 -48.14
C LEU G 57 31.70 30.11 -46.90
N GLU G 58 30.72 29.27 -46.59
CA GLU G 58 30.05 29.36 -45.30
C GLU G 58 30.92 28.80 -44.20
N LEU G 59 31.14 29.61 -43.16
CA LEU G 59 32.03 29.22 -42.08
C LEU G 59 31.38 28.19 -41.16
N VAL G 60 30.05 28.27 -40.99
CA VAL G 60 29.36 27.35 -40.11
C VAL G 60 29.60 25.91 -40.55
N SER G 61 29.23 25.59 -41.80
CA SER G 61 29.46 24.25 -42.31
C SER G 61 30.95 23.94 -42.38
N TYR G 62 31.78 24.95 -42.66
CA TYR G 62 33.21 24.72 -42.74
C TYR G 62 33.78 24.23 -41.42
N PHE G 63 33.31 24.79 -40.31
CA PHE G 63 33.80 24.43 -38.99
C PHE G 63 32.89 23.43 -38.28
N GLY G 64 31.99 22.76 -39.00
CA GLY G 64 31.09 21.83 -38.38
C GLY G 64 31.60 20.40 -38.39
N LYS G 65 32.91 20.24 -38.21
CA LYS G 65 33.54 18.93 -38.20
C LYS G 65 34.08 18.56 -36.82
N ARG G 66 33.85 19.40 -35.83
CA ARG G 66 34.26 19.09 -34.46
C ARG G 66 33.55 17.81 -34.01
N PRO G 67 34.23 16.92 -33.29
CA PRO G 67 33.55 15.74 -32.75
C PRO G 67 32.41 16.19 -31.84
N PRO G 68 31.17 15.81 -32.15
CA PRO G 68 30.05 16.21 -31.29
C PRO G 68 30.32 15.86 -29.84
N GLY G 69 30.04 16.81 -28.95
CA GLY G 69 30.29 16.61 -27.55
C GLY G 69 30.12 17.90 -26.78
N VAL G 70 30.22 17.77 -25.45
CA VAL G 70 29.97 18.90 -24.57
C VAL G 70 31.09 19.92 -24.70
N LEU G 71 30.72 21.19 -24.87
CA LEU G 71 31.69 22.28 -24.87
C LEU G 71 32.42 22.34 -23.53
N HIS G 72 33.70 22.67 -23.59
CA HIS G 72 34.51 22.62 -22.38
C HIS G 72 35.81 23.40 -22.58
N CYS G 73 36.38 23.84 -21.46
CA CYS G 73 37.71 24.43 -21.41
C CYS G 73 38.58 23.42 -20.66
N THR G 74 39.39 22.68 -21.42
CA THR G 74 40.25 21.67 -20.83
C THR G 74 41.27 22.31 -19.91
N THR G 75 41.58 21.63 -18.81
CA THR G 75 42.69 22.01 -17.94
C THR G 75 43.82 21.01 -18.14
N LYS G 76 43.65 19.76 -17.70
CA LYS G 76 44.68 18.73 -17.81
C LYS G 76 44.09 17.54 -18.56
N PHE G 77 44.71 17.18 -19.68
CA PHE G 77 44.36 15.94 -20.37
C PHE G 77 45.10 14.79 -19.68
N CYS G 78 44.36 13.79 -19.20
CA CYS G 78 44.93 12.73 -18.39
C CYS G 78 45.00 11.38 -19.08
N ASP G 79 44.07 11.11 -20.00
CA ASP G 79 44.02 9.82 -20.68
C ASP G 79 43.95 8.67 -19.66
N TYR G 80 43.08 8.85 -18.67
CA TYR G 80 42.88 7.87 -17.59
C TYR G 80 44.20 7.58 -16.86
N GLY G 81 45.02 8.61 -16.69
CA GLY G 81 46.26 8.49 -15.97
C GLY G 81 47.46 8.14 -16.81
N LYS G 82 47.25 7.76 -18.08
CA LYS G 82 48.38 7.45 -18.94
C LYS G 82 49.12 8.71 -19.37
N ALA G 83 48.46 9.85 -19.41
CA ALA G 83 49.12 11.08 -19.83
C ALA G 83 50.16 11.50 -18.80
N ALA G 84 51.26 12.08 -19.29
CA ALA G 84 52.36 12.47 -18.41
C ALA G 84 51.91 13.58 -17.46
N GLY G 85 52.18 13.38 -16.17
CA GLY G 85 51.78 14.33 -15.16
C GLY G 85 50.35 14.24 -14.70
N ALA G 86 49.53 13.40 -15.36
CA ALA G 86 48.11 13.33 -15.03
C ALA G 86 47.90 13.03 -13.56
N GLU G 87 48.47 11.90 -13.08
CA GLU G 87 48.23 11.50 -11.69
C GLU G 87 48.65 12.60 -10.73
N GLU G 88 49.78 13.25 -10.99
CA GLU G 88 50.22 14.34 -10.12
C GLU G 88 49.16 15.43 -10.07
N TYR G 89 48.62 15.80 -11.24
CA TYR G 89 47.58 16.83 -11.28
C TYR G 89 46.36 16.39 -10.47
N ALA G 90 45.88 15.17 -10.72
CA ALA G 90 44.66 14.70 -10.07
C ALA G 90 44.83 14.65 -8.56
N GLN G 91 46.01 14.24 -8.09
CA GLN G 91 46.26 14.14 -6.65
C GLN G 91 46.33 15.50 -5.97
N GLN G 92 46.21 16.60 -6.70
CA GLN G 92 46.23 17.92 -6.09
C GLN G 92 45.00 18.12 -5.23
N GLU G 93 45.14 18.80 -4.10
CA GLU G 93 44.00 19.05 -3.21
C GLU G 93 43.02 20.05 -3.81
N VAL G 94 43.53 21.06 -4.52
CA VAL G 94 42.61 22.00 -5.16
C VAL G 94 41.72 21.26 -6.15
N VAL G 95 42.29 20.29 -6.86
CA VAL G 95 41.49 19.43 -7.72
C VAL G 95 40.61 18.55 -6.85
N LYS G 96 41.11 18.18 -5.68
CA LYS G 96 40.34 17.35 -4.76
C LYS G 96 39.11 18.10 -4.23
N ARG G 97 39.25 19.36 -3.87
CA ARG G 97 38.17 20.14 -3.29
C ARG G 97 37.34 20.91 -4.32
N SER G 98 37.68 20.87 -5.60
CA SER G 98 36.95 21.60 -6.61
C SER G 98 36.13 20.72 -7.54
N TYR G 99 36.28 19.40 -7.46
CA TYR G 99 35.52 18.49 -8.32
C TYR G 99 34.02 18.75 -8.15
N GLY G 100 33.35 19.03 -9.26
CA GLY G 100 31.94 19.33 -9.25
C GLY G 100 31.57 20.74 -8.86
N LYS G 101 32.54 21.53 -8.38
CA LYS G 101 32.25 22.91 -8.02
C LYS G 101 32.06 23.77 -9.28
N ALA G 102 31.13 24.72 -9.18
CA ALA G 102 30.78 25.58 -10.31
C ALA G 102 31.63 26.86 -10.31
N PHE G 103 32.15 27.20 -11.48
CA PHE G 103 32.94 28.41 -11.68
C PHE G 103 32.32 29.26 -12.77
N LYS G 104 32.81 30.49 -12.88
CA LYS G 104 32.37 31.45 -13.90
C LYS G 104 33.56 31.77 -14.80
N LEU G 105 33.40 31.49 -16.10
CA LEU G 105 34.45 31.68 -17.09
C LEU G 105 34.15 32.89 -17.95
N SER G 106 35.14 33.76 -18.13
CA SER G 106 34.99 34.97 -18.91
C SER G 106 35.47 34.70 -20.33
N ILE G 107 34.60 34.94 -21.31
CA ILE G 107 34.95 34.82 -22.71
C ILE G 107 35.34 36.22 -23.18
N SER G 108 36.63 36.44 -23.42
CA SER G 108 37.12 37.75 -23.80
C SER G 108 37.16 37.96 -25.31
N ALA G 109 37.12 36.90 -26.10
CA ALA G 109 37.17 37.09 -27.54
C ALA G 109 36.87 35.79 -28.25
N LEU G 110 36.32 35.91 -29.46
CA LEU G 110 36.19 34.83 -30.41
C LEU G 110 37.31 34.92 -31.43
N PHE G 111 37.61 33.79 -32.07
CA PHE G 111 38.67 33.78 -33.08
C PHE G 111 38.43 32.60 -34.02
N VAL G 112 39.01 32.70 -35.21
CA VAL G 112 38.93 31.63 -36.19
C VAL G 112 40.24 31.60 -36.98
N THR G 113 40.61 30.39 -37.41
CA THR G 113 41.78 30.19 -38.26
C THR G 113 41.38 29.18 -39.34
N PRO G 114 42.24 28.91 -40.33
CA PRO G 114 41.88 27.90 -41.34
C PRO G 114 41.59 26.53 -40.76
N LYS G 115 41.99 26.27 -39.51
CA LYS G 115 41.85 24.97 -38.88
C LYS G 115 40.76 24.91 -37.83
N THR G 116 40.64 25.93 -36.97
CA THR G 116 39.73 25.86 -35.83
C THR G 116 38.94 27.16 -35.71
N ALA G 117 37.89 27.09 -34.90
CA ALA G 117 37.07 28.24 -34.54
C ALA G 117 36.76 28.12 -33.05
N GLY G 118 37.29 29.05 -32.25
CA GLY G 118 37.19 28.91 -30.81
C GLY G 118 36.83 30.16 -30.05
N ALA G 119 37.03 30.12 -28.73
CA ALA G 119 36.73 31.23 -27.84
C ALA G 119 37.81 31.30 -26.77
N GLN G 120 38.25 32.52 -26.49
CA GLN G 120 39.35 32.73 -25.54
C GLN G 120 38.80 32.84 -24.13
N VAL G 121 39.45 32.15 -23.21
CA VAL G 121 39.05 32.12 -21.80
C VAL G 121 40.09 32.88 -20.99
N VAL G 122 39.65 33.85 -20.19
CA VAL G 122 40.53 34.59 -19.31
C VAL G 122 40.28 34.13 -17.88
N LEU G 123 41.06 33.16 -17.43
CA LEU G 123 40.84 32.54 -16.13
C LEU G 123 41.15 33.53 -15.00
N THR G 124 40.42 33.40 -13.91
CA THR G 124 40.67 34.21 -12.73
C THR G 124 41.85 33.64 -11.94
N ASP G 125 42.28 34.39 -10.93
CA ASP G 125 43.42 33.95 -10.12
C ASP G 125 43.13 32.62 -9.44
N GLN G 126 41.92 32.46 -8.91
CA GLN G 126 41.58 31.19 -8.26
C GLN G 126 41.43 30.08 -9.28
N GLU G 127 40.85 30.38 -10.45
CA GLU G 127 40.79 29.42 -11.53
C GLU G 127 42.18 29.00 -11.99
N LEU G 128 43.16 29.91 -11.93
CA LEU G 128 44.52 29.56 -12.34
C LEU G 128 45.15 28.53 -11.42
N GLN G 129 44.67 28.41 -10.18
CA GLN G 129 45.18 27.36 -9.29
C GLN G 129 44.96 25.98 -9.89
N LEU G 130 43.92 25.83 -10.71
CA LEU G 130 43.64 24.57 -11.37
C LEU G 130 44.33 24.44 -12.72
N TRP G 131 44.85 25.53 -13.26
CA TRP G 131 45.56 25.41 -14.53
C TRP G 131 46.82 24.58 -14.29
N PRO G 132 47.07 23.56 -15.10
CA PRO G 132 48.23 22.68 -14.83
C PRO G 132 49.53 23.38 -15.14
N SER G 133 50.62 22.73 -14.72
CA SER G 133 51.95 23.25 -14.98
C SER G 133 52.82 22.22 -15.70
N ASP G 134 52.21 21.17 -16.26
CA ASP G 134 52.95 20.17 -17.04
C ASP G 134 52.60 20.30 -18.53
N LEU G 135 52.16 21.47 -18.95
CA LEU G 135 51.90 21.76 -20.35
C LEU G 135 53.19 22.20 -21.01
N ASP G 136 53.34 21.82 -22.28
CA ASP G 136 54.58 22.03 -23.01
C ASP G 136 54.34 22.25 -24.49
N LYS G 137 53.19 22.78 -24.85
CA LYS G 137 52.91 23.22 -26.20
C LYS G 137 53.76 24.43 -26.54
N PRO G 138 53.86 25.43 -25.65
CA PRO G 138 54.65 26.62 -25.97
C PRO G 138 56.05 26.26 -26.45
N SER G 139 56.50 26.95 -27.50
CA SER G 139 57.91 26.95 -27.87
C SER G 139 58.37 28.38 -28.08
N ALA G 140 57.59 29.16 -28.85
CA ALA G 140 57.80 30.59 -28.94
C ALA G 140 56.76 31.38 -28.16
N SER G 141 55.61 30.77 -27.87
CA SER G 141 54.58 31.41 -27.05
C SER G 141 55.03 31.64 -25.61
N GLU G 142 56.11 30.97 -25.18
CA GLU G 142 56.69 31.21 -23.88
C GLU G 142 56.74 32.72 -23.63
N GLY G 143 56.55 33.14 -22.39
CA GLY G 143 56.47 34.55 -22.07
C GLY G 143 55.06 35.08 -22.01
N LEU G 144 54.09 34.30 -22.48
CA LEU G 144 52.68 34.63 -22.34
C LEU G 144 52.24 34.22 -20.93
N PRO G 145 51.28 34.94 -20.35
CA PRO G 145 50.93 34.67 -18.94
C PRO G 145 50.30 33.30 -18.80
N PRO G 146 50.30 32.74 -17.58
CA PRO G 146 49.72 31.41 -17.39
C PRO G 146 48.25 31.37 -17.76
N GLY G 147 47.87 30.34 -18.51
CA GLY G 147 46.49 30.18 -18.89
C GLY G 147 46.08 30.84 -20.18
N SER G 148 47.02 31.38 -20.93
CA SER G 148 46.67 32.04 -22.18
C SER G 148 46.07 31.06 -23.17
N ARG G 149 46.44 29.79 -23.08
CA ARG G 149 45.86 28.78 -23.96
C ARG G 149 44.41 28.48 -23.59
N ALA G 150 43.97 28.83 -22.39
CA ALA G 150 42.61 28.52 -21.94
C ALA G 150 41.61 28.92 -23.00
N HIS G 151 40.78 27.95 -23.41
CA HIS G 151 39.88 28.17 -24.53
C HIS G 151 38.71 27.20 -24.47
N VAL G 152 37.73 27.46 -25.33
CA VAL G 152 36.61 26.58 -25.58
C VAL G 152 36.50 26.41 -27.08
N THR G 153 36.76 25.20 -27.56
CA THR G 153 36.67 24.91 -28.99
C THR G 153 35.21 24.95 -29.43
N LEU G 154 34.90 25.80 -30.41
CA LEU G 154 33.56 25.86 -30.99
C LEU G 154 33.45 25.12 -32.32
N GLY G 155 34.55 24.91 -33.03
CA GLY G 155 34.48 24.26 -34.33
C GLY G 155 35.84 23.78 -34.77
N CYS G 156 35.82 22.95 -35.81
CA CYS G 156 37.01 22.37 -36.40
C CYS G 156 36.78 22.22 -37.89
N ALA G 157 37.85 22.34 -38.68
CA ALA G 157 37.77 22.07 -40.09
C ALA G 157 37.77 20.55 -40.28
N ALA G 158 37.82 20.09 -41.53
CA ALA G 158 37.63 18.68 -41.85
C ALA G 158 38.48 17.75 -40.97
N ASP G 159 39.79 17.73 -41.19
CA ASP G 159 40.68 16.82 -40.48
C ASP G 159 41.56 17.61 -39.52
N VAL G 160 40.92 18.13 -38.46
CA VAL G 160 41.59 18.98 -37.49
C VAL G 160 41.24 18.48 -36.10
N GLN G 161 42.27 18.13 -35.31
CA GLN G 161 42.03 17.72 -33.94
C GLN G 161 41.76 18.94 -33.06
N PRO G 162 40.77 18.87 -32.16
CA PRO G 162 40.46 20.06 -31.34
C PRO G 162 41.65 20.58 -30.55
N VAL G 163 42.67 19.75 -30.30
CA VAL G 163 43.87 20.23 -29.63
C VAL G 163 44.50 21.39 -30.40
N GLN G 164 44.24 21.47 -31.71
CA GLN G 164 44.78 22.56 -32.52
C GLN G 164 44.27 23.91 -32.01
N THR G 165 43.04 23.95 -31.50
CA THR G 165 42.45 25.23 -31.09
C THR G 165 43.30 25.93 -30.04
N GLY G 166 43.88 25.16 -29.11
CA GLY G 166 44.72 25.77 -28.10
C GLY G 166 46.00 26.35 -28.67
N LEU G 167 46.55 25.70 -29.69
CA LEU G 167 47.78 26.21 -30.30
C LEU G 167 47.51 27.48 -31.11
N ASP G 168 46.40 27.50 -31.84
CA ASP G 168 46.03 28.69 -32.60
C ASP G 168 45.80 29.89 -31.69
N LEU G 169 45.26 29.66 -30.49
CA LEU G 169 45.09 30.77 -29.56
C LEU G 169 46.45 31.31 -29.11
N LEU G 170 47.37 30.42 -28.72
CA LEU G 170 48.70 30.86 -28.33
C LEU G 170 49.41 31.53 -29.50
N ASP G 171 49.20 31.02 -30.71
CA ASP G 171 49.77 31.64 -31.90
C ASP G 171 49.22 33.04 -32.09
N ILE G 172 47.92 33.23 -31.87
CA ILE G 172 47.31 34.54 -32.03
C ILE G 172 47.79 35.50 -30.95
N LEU G 173 47.84 35.04 -29.70
CA LEU G 173 48.17 35.95 -28.60
C LEU G 173 49.62 36.42 -28.66
N GLN G 174 50.54 35.55 -29.06
CA GLN G 174 51.93 35.99 -29.16
C GLN G 174 52.06 37.20 -30.09
N GLN G 175 51.26 37.22 -31.16
CA GLN G 175 51.25 38.38 -32.05
C GLN G 175 50.59 39.57 -31.37
N VAL G 176 49.46 39.36 -30.69
CA VAL G 176 48.76 40.47 -30.05
C VAL G 176 49.66 41.17 -29.04
N LYS G 177 50.49 40.42 -28.32
CA LYS G 177 51.42 41.05 -27.38
C LYS G 177 52.49 41.84 -28.11
N GLY G 178 52.98 41.32 -29.24
CA GLY G 178 54.02 42.00 -29.99
C GLY G 178 53.55 43.26 -30.68
N GLY G 179 52.34 43.72 -30.36
CA GLY G 179 51.77 44.91 -30.95
C GLY G 179 51.45 44.82 -32.43
N SER G 180 51.43 43.61 -32.99
CA SER G 180 51.14 43.42 -34.40
C SER G 180 49.69 43.03 -34.68
N GLN G 181 48.82 43.09 -33.67
CA GLN G 181 47.40 42.82 -33.91
C GLN G 181 46.80 43.85 -34.85
N GLY G 182 47.36 45.06 -34.87
CA GLY G 182 46.87 46.11 -35.73
C GLY G 182 45.66 46.83 -35.14
N GLU G 183 44.86 47.41 -36.03
CA GLU G 183 43.66 48.15 -35.68
C GLU G 183 42.45 47.41 -36.24
N ALA G 184 41.31 47.59 -35.59
CA ALA G 184 40.09 46.92 -36.01
C ALA G 184 39.81 47.20 -37.49
N VAL G 185 39.83 46.13 -38.29
CA VAL G 185 39.51 46.22 -39.71
C VAL G 185 38.01 46.39 -39.87
N GLY G 186 37.29 46.36 -38.75
CA GLY G 186 35.85 46.51 -38.74
C GLY G 186 35.29 46.26 -37.36
N GLU G 187 34.05 46.68 -37.12
CA GLU G 187 33.39 46.48 -35.83
C GLU G 187 32.13 45.65 -36.06
N LEU G 188 32.15 44.42 -35.57
CA LEU G 188 30.97 43.58 -35.58
C LEU G 188 30.07 43.96 -34.41
N PRO G 189 28.80 43.54 -34.45
CA PRO G 189 27.89 43.91 -33.35
C PRO G 189 28.44 43.58 -31.98
N ARG G 190 29.19 42.48 -31.85
CA ARG G 190 29.66 42.07 -30.54
C ARG G 190 30.97 42.75 -30.12
N GLY G 191 31.79 43.15 -31.08
CA GLY G 191 33.07 43.77 -30.74
C GLY G 191 33.85 44.17 -31.97
N LYS G 192 35.17 44.30 -31.79
CA LYS G 192 36.04 44.82 -32.83
C LYS G 192 36.71 43.66 -33.56
N LEU G 193 36.49 43.56 -34.87
CA LEU G 193 37.12 42.53 -35.66
C LEU G 193 38.56 42.91 -35.97
N TYR G 194 39.45 41.93 -35.93
CA TYR G 194 40.87 42.16 -36.17
C TYR G 194 41.41 41.13 -37.15
N SER G 195 42.07 41.60 -38.21
CA SER G 195 42.77 40.73 -39.13
C SER G 195 44.23 40.65 -38.70
N LEU G 196 44.70 39.44 -38.41
CA LEU G 196 46.07 39.21 -37.99
C LEU G 196 46.89 38.52 -39.06
N GLY G 197 46.32 38.34 -40.25
CA GLY G 197 47.03 37.74 -41.36
C GLY G 197 47.16 36.24 -41.25
N LYS G 198 47.55 35.64 -42.37
CA LYS G 198 47.67 34.18 -42.48
C LYS G 198 46.36 33.49 -42.09
N GLY G 199 45.23 34.16 -42.34
CA GLY G 199 43.94 33.58 -42.14
C GLY G 199 43.34 33.73 -40.76
N ARG G 200 44.09 34.24 -39.79
CA ARG G 200 43.57 34.35 -38.43
C ARG G 200 42.67 35.59 -38.31
N TRP G 201 41.67 35.47 -37.45
CA TRP G 201 40.73 36.55 -37.17
C TRP G 201 40.35 36.48 -35.70
N MET G 202 40.15 37.65 -35.09
CA MET G 202 39.82 37.72 -33.67
C MET G 202 38.75 38.78 -33.48
N LEU G 203 37.66 38.41 -32.82
CA LEU G 203 36.59 39.35 -32.46
C LEU G 203 36.70 39.64 -30.97
N SER G 204 37.45 40.68 -30.63
CA SER G 204 37.55 41.12 -29.25
C SER G 204 36.20 41.61 -28.75
N LEU G 205 35.63 40.90 -27.78
CA LEU G 205 34.29 41.21 -27.28
C LEU G 205 34.34 42.48 -26.43
N THR G 206 33.56 43.50 -26.81
CA THR G 206 33.54 44.73 -26.03
C THR G 206 33.11 44.48 -24.59
N LYS G 207 32.18 43.54 -24.37
CA LYS G 207 31.77 43.14 -23.03
C LYS G 207 31.99 41.65 -22.86
N LYS G 208 32.75 41.28 -21.83
CA LYS G 208 33.11 39.90 -21.57
C LYS G 208 31.86 39.06 -21.35
N MET G 209 31.67 38.07 -22.23
CA MET G 209 30.60 37.11 -22.05
C MET G 209 30.93 36.18 -20.90
N GLU G 210 30.03 36.05 -19.94
CA GLU G 210 30.21 35.21 -18.78
C GLU G 210 29.36 33.95 -18.91
N VAL G 211 30.01 32.79 -18.78
CA VAL G 211 29.36 31.50 -18.97
C VAL G 211 29.60 30.62 -17.75
N LYS G 212 28.55 29.94 -17.31
CA LYS G 212 28.64 29.04 -16.18
C LYS G 212 29.17 27.68 -16.61
N ALA G 213 30.09 27.13 -15.81
CA ALA G 213 30.77 25.89 -16.15
C ALA G 213 31.14 25.16 -14.87
N ILE G 214 31.15 23.83 -14.96
CA ILE G 214 31.47 22.97 -13.82
C ILE G 214 32.85 22.36 -14.05
N PHE G 215 33.68 22.38 -13.02
CA PHE G 215 34.95 21.70 -13.07
C PHE G 215 34.77 20.26 -12.61
N THR G 216 35.06 19.32 -13.50
CA THR G 216 34.95 17.90 -13.16
C THR G 216 35.79 17.11 -14.16
N GLY G 217 35.67 15.79 -14.10
CA GLY G 217 36.35 14.90 -15.03
C GLY G 217 35.35 14.30 -15.99
N TYR G 218 35.82 14.03 -17.21
CA TYR G 218 35.01 13.45 -18.26
C TYR G 218 35.63 12.12 -18.66
N TYR G 219 34.83 11.05 -18.61
CA TYR G 219 35.31 9.70 -18.88
C TYR G 219 34.97 9.19 -20.26
N GLY G 220 34.02 9.83 -20.95
CA GLY G 220 33.71 9.47 -22.32
C GLY G 220 33.10 8.11 -22.48
N GLU H 1 20.71 8.22 -15.74
CA GLU H 1 19.48 7.44 -16.08
C GLU H 1 18.42 8.37 -16.66
N VAL H 2 18.40 8.49 -17.97
CA VAL H 2 17.47 9.35 -18.67
C VAL H 2 16.32 8.50 -19.21
N GLN H 3 15.19 9.17 -19.47
CA GLN H 3 14.05 8.55 -20.12
C GLN H 3 13.65 9.37 -21.33
N LEU H 4 13.62 8.73 -22.48
CA LEU H 4 13.15 9.32 -23.73
C LEU H 4 11.71 8.89 -23.94
N GLU H 5 10.82 9.85 -24.10
CA GLU H 5 9.40 9.60 -24.32
C GLU H 5 8.99 10.27 -25.62
N GLU H 6 8.62 9.47 -26.61
CA GLU H 6 8.18 10.04 -27.87
C GLU H 6 6.75 10.55 -27.72
N SER H 7 6.31 11.30 -28.73
CA SER H 7 4.94 11.81 -28.76
C SER H 7 4.57 12.04 -30.21
N GLY H 8 3.34 12.47 -30.44
CA GLY H 8 2.83 12.51 -31.78
C GLY H 8 2.46 11.11 -32.22
N GLY H 9 2.32 10.94 -33.53
CA GLY H 9 1.93 9.65 -34.04
C GLY H 9 0.43 9.48 -34.04
N GLY H 10 -0.08 8.72 -34.99
CA GLY H 10 -1.51 8.56 -35.12
C GLY H 10 -1.85 8.09 -36.53
N TRP H 11 -3.11 8.32 -36.88
CA TRP H 11 -3.65 7.97 -38.18
C TRP H 11 -3.75 9.22 -39.04
N VAL H 12 -3.21 9.14 -40.26
CA VAL H 12 -3.19 10.26 -41.18
C VAL H 12 -3.55 9.76 -42.56
N HIS H 13 -4.27 10.58 -43.29
CA HIS H 13 -4.60 10.20 -44.66
C HIS H 13 -3.38 10.48 -45.55
N PRO H 14 -3.09 9.60 -46.52
CA PRO H 14 -1.91 9.83 -47.37
C PRO H 14 -1.83 11.28 -47.84
N GLY H 15 -0.73 11.95 -47.49
CA GLY H 15 -0.57 13.35 -47.78
C GLY H 15 -0.79 14.29 -46.62
N GLY H 16 -0.78 13.78 -45.39
CA GLY H 16 -0.96 14.58 -44.19
C GLY H 16 0.34 14.82 -43.46
N SER H 17 0.23 15.27 -42.22
CA SER H 17 1.40 15.73 -41.50
C SER H 17 1.30 15.39 -40.02
N LEU H 18 2.44 14.99 -39.44
CA LEU H 18 2.58 14.75 -38.02
C LEU H 18 3.79 15.47 -37.46
N ARG H 19 3.76 15.72 -36.15
CA ARG H 19 4.86 16.33 -35.41
C ARG H 19 5.30 15.39 -34.29
N LEU H 20 6.32 14.59 -34.56
CA LEU H 20 6.85 13.69 -33.54
C LEU H 20 7.80 14.49 -32.64
N SER H 21 7.54 14.47 -31.34
CA SER H 21 8.43 15.10 -30.37
C SER H 21 9.06 14.02 -29.51
N CYS H 22 10.04 14.44 -28.72
CA CYS H 22 10.76 13.50 -27.85
C CYS H 22 11.65 14.29 -26.90
N ALA H 23 11.20 14.49 -25.67
CA ALA H 23 12.01 15.10 -24.65
C ALA H 23 12.81 14.02 -23.91
N ALA H 24 13.74 14.47 -23.08
CA ALA H 24 14.58 13.57 -22.29
C ALA H 24 14.53 14.02 -20.84
N SER H 25 14.07 13.13 -19.96
CA SER H 25 13.94 13.41 -18.54
C SER H 25 15.00 12.64 -17.79
N GLY H 26 15.53 13.25 -16.73
CA GLY H 26 16.54 12.62 -15.91
C GLY H 26 17.70 13.56 -15.63
N ASN H 27 18.90 13.00 -15.48
CA ASN H 27 20.06 13.81 -15.13
C ASN H 27 20.96 14.00 -16.35
N VAL H 28 20.44 14.77 -17.31
CA VAL H 28 21.19 15.04 -18.54
C VAL H 28 21.97 16.34 -18.34
N PHE H 29 23.28 16.26 -18.55
CA PHE H 29 24.14 17.44 -18.43
C PHE H 29 24.19 18.23 -19.72
N GLY H 30 24.10 17.53 -20.86
CA GLY H 30 24.00 18.19 -22.14
C GLY H 30 23.74 17.15 -23.20
N VAL H 31 23.26 17.61 -24.35
CA VAL H 31 22.96 16.75 -25.47
C VAL H 31 24.09 16.86 -26.49
N ASN H 32 24.55 15.70 -26.97
CA ASN H 32 25.55 15.63 -28.03
C ASN H 32 24.96 15.26 -29.37
N THR H 33 23.88 14.48 -29.38
CA THR H 33 23.22 14.05 -30.61
C THR H 33 21.79 13.68 -30.29
N MET H 34 20.91 13.93 -31.26
CA MET H 34 19.51 13.55 -31.17
C MET H 34 19.08 13.08 -32.55
N ALA H 35 18.44 11.90 -32.63
CA ALA H 35 18.08 11.33 -33.91
C ALA H 35 16.73 10.63 -33.81
N TRP H 36 16.18 10.33 -34.99
CA TRP H 36 14.91 9.61 -35.12
C TRP H 36 15.16 8.43 -36.04
N TYR H 37 14.90 7.22 -35.53
CA TYR H 37 14.93 6.01 -36.32
C TYR H 37 13.51 5.51 -36.52
N ARG H 38 13.35 4.63 -37.50
CA ARG H 38 12.03 4.07 -37.80
C ARG H 38 12.19 2.61 -38.18
N GLN H 39 11.16 1.83 -37.83
CA GLN H 39 11.11 0.39 -38.12
C GLN H 39 9.72 0.09 -38.64
N ALA H 40 9.63 -0.40 -39.88
CA ALA H 40 8.33 -0.63 -40.48
C ALA H 40 7.64 -1.85 -39.89
N PRO H 41 6.33 -1.97 -40.09
CA PRO H 41 5.63 -3.18 -39.62
C PRO H 41 6.28 -4.42 -40.22
N GLY H 42 6.62 -5.37 -39.35
CA GLY H 42 7.22 -6.62 -39.80
C GLY H 42 8.71 -6.68 -39.54
N LYS H 43 9.41 -5.57 -39.77
CA LYS H 43 10.86 -5.56 -39.61
C LYS H 43 11.23 -5.75 -38.15
N GLN H 44 12.52 -6.01 -37.92
CA GLN H 44 13.05 -6.30 -36.60
C GLN H 44 13.96 -5.16 -36.13
N ARG H 45 14.28 -5.18 -34.84
CA ARG H 45 15.10 -4.11 -34.28
C ARG H 45 16.47 -4.04 -34.94
N GLU H 46 16.93 -5.11 -35.57
CA GLU H 46 18.16 -5.07 -36.35
C GLU H 46 18.02 -4.24 -37.61
N GLN H 47 16.79 -3.93 -38.02
CA GLN H 47 16.52 -3.20 -39.26
C GLN H 47 15.93 -1.82 -38.98
N ARG H 48 16.30 -1.23 -37.83
CA ARG H 48 15.93 0.14 -37.50
C ARG H 48 16.68 1.10 -38.43
N GLU H 49 15.96 1.75 -39.32
CA GLU H 49 16.54 2.62 -40.33
C GLU H 49 16.55 4.07 -39.84
N LEU H 50 17.62 4.78 -40.20
CA LEU H 50 17.74 6.18 -39.83
C LEU H 50 16.81 7.04 -40.67
N VAL H 51 16.15 7.99 -40.02
CA VAL H 51 15.24 8.92 -40.68
C VAL H 51 15.81 10.33 -40.69
N ALA H 52 16.41 10.76 -39.59
CA ALA H 52 16.95 12.12 -39.48
C ALA H 52 17.88 12.17 -38.28
N SER H 53 18.91 13.00 -38.39
CA SER H 53 19.87 13.20 -37.32
C SER H 53 20.14 14.69 -37.15
N ILE H 54 20.52 15.08 -35.94
CA ILE H 54 20.86 16.46 -35.63
C ILE H 54 21.90 16.45 -34.52
N THR H 55 22.89 17.32 -34.64
CA THR H 55 23.97 17.43 -33.66
C THR H 55 23.76 18.66 -32.79
N ASP H 56 24.52 18.72 -31.69
CA ASP H 56 24.54 19.93 -30.88
C ASP H 56 24.91 21.15 -31.74
N TYR H 57 25.83 20.97 -32.70
CA TYR H 57 26.22 22.06 -33.58
C TYR H 57 25.10 22.47 -34.51
N GLY H 58 24.13 21.59 -34.75
CA GLY H 58 23.01 21.88 -35.63
C GLY H 58 23.05 21.16 -36.97
N THR H 59 24.06 20.33 -37.22
CA THR H 59 24.18 19.65 -38.49
C THR H 59 23.12 18.56 -38.63
N THR H 60 22.39 18.57 -39.74
CA THR H 60 21.32 17.61 -39.98
C THR H 60 21.73 16.63 -41.07
N GLU H 61 21.32 15.38 -40.90
CA GLU H 61 21.44 14.34 -41.92
C GLU H 61 20.06 13.74 -42.12
N TYR H 62 19.69 13.50 -43.37
CA TYR H 62 18.39 12.93 -43.72
C TYR H 62 18.57 11.72 -44.63
N ALA H 63 17.50 10.94 -44.72
CA ALA H 63 17.41 9.79 -45.60
C ALA H 63 16.69 10.19 -46.88
N ASP H 64 17.13 9.63 -48.01
CA ASP H 64 16.55 10.01 -49.29
C ASP H 64 15.03 9.85 -49.31
N SER H 65 14.52 8.80 -48.67
CA SER H 65 13.08 8.57 -48.65
C SER H 65 12.31 9.75 -48.06
N VAL H 66 12.89 10.44 -47.08
CA VAL H 66 12.20 11.54 -46.40
C VAL H 66 12.77 12.91 -46.73
N LYS H 67 13.91 12.99 -47.42
CA LYS H 67 14.53 14.26 -47.73
C LYS H 67 13.54 15.16 -48.46
N GLY H 68 13.22 16.30 -47.87
CA GLY H 68 12.26 17.24 -48.41
C GLY H 68 10.88 17.15 -47.79
N ARG H 69 10.50 15.97 -47.28
CA ARG H 69 9.21 15.81 -46.63
C ARG H 69 9.31 16.03 -45.13
N PHE H 70 10.34 15.49 -44.48
CA PHE H 70 10.51 15.63 -43.05
C PHE H 70 11.48 16.77 -42.76
N THR H 71 11.44 17.26 -41.52
CA THR H 71 12.30 18.35 -41.08
C THR H 71 12.56 18.18 -39.60
N ILE H 72 13.79 17.88 -39.22
CA ILE H 72 14.14 17.65 -37.83
C ILE H 72 14.51 18.99 -37.20
N SER H 73 13.99 19.23 -36.00
CA SER H 73 14.29 20.40 -35.20
C SER H 73 15.00 19.94 -33.94
N GLY H 74 15.35 20.90 -33.08
CA GLY H 74 16.10 20.54 -31.88
C GLY H 74 16.08 21.67 -30.87
N ASP H 75 16.56 21.33 -29.67
CA ASP H 75 16.68 22.31 -28.59
C ASP H 75 17.57 21.76 -27.48
N ASN H 76 18.88 21.98 -27.59
CA ASN H 76 19.82 21.41 -26.64
C ASN H 76 19.54 21.83 -25.21
N ALA H 77 18.92 23.00 -25.00
CA ALA H 77 18.76 23.50 -23.64
C ALA H 77 17.74 22.67 -22.86
N LYS H 78 16.69 22.15 -23.49
CA LYS H 78 15.71 21.26 -22.83
C LYS H 78 15.80 19.82 -23.32
N ALA H 79 16.81 19.49 -24.11
CA ALA H 79 17.05 18.12 -24.53
C ALA H 79 15.85 17.52 -25.26
N THR H 80 15.30 18.28 -26.20
CA THR H 80 14.15 17.86 -27.00
C THR H 80 14.47 17.91 -28.49
N VAL H 81 13.89 16.97 -29.22
CA VAL H 81 14.00 16.91 -30.68
C VAL H 81 12.59 16.79 -31.25
N TYR H 82 12.43 17.23 -32.50
CA TYR H 82 11.16 17.16 -33.20
C TYR H 82 11.39 16.64 -34.61
N LEU H 83 10.35 16.01 -35.16
CA LEU H 83 10.36 15.50 -36.54
C LEU H 83 9.01 15.87 -37.16
N GLN H 84 8.97 17.02 -37.83
CA GLN H 84 7.77 17.47 -38.52
C GLN H 84 7.65 16.75 -39.86
N MET H 85 6.67 15.87 -39.97
CA MET H 85 6.39 15.15 -41.21
C MET H 85 5.23 15.85 -41.90
N ASN H 86 5.38 16.16 -43.20
CA ASN H 86 4.36 16.95 -43.88
C ASN H 86 3.69 16.27 -45.06
N SER H 87 4.41 15.45 -45.83
CA SER H 87 3.84 14.80 -47.01
C SER H 87 3.92 13.29 -46.82
N LEU H 88 3.11 12.76 -45.92
CA LEU H 88 3.23 11.36 -45.53
C LEU H 88 2.73 10.44 -46.62
N LYS H 89 3.46 9.36 -46.83
CA LYS H 89 3.18 8.30 -47.79
C LYS H 89 2.89 7.00 -47.06
N PRO H 90 2.33 6.01 -47.76
CA PRO H 90 2.18 4.68 -47.14
C PRO H 90 3.52 4.09 -46.71
N GLU H 91 4.61 4.45 -47.38
CA GLU H 91 5.91 3.93 -46.98
C GLU H 91 6.31 4.35 -45.58
N ASP H 92 5.66 5.39 -45.04
CA ASP H 92 6.04 5.94 -43.75
C ASP H 92 5.41 5.22 -42.57
N THR H 93 4.46 4.33 -42.81
CA THR H 93 3.87 3.59 -41.71
C THR H 93 4.96 2.85 -40.95
N ALA H 94 5.11 3.15 -39.67
CA ALA H 94 6.14 2.53 -38.85
C ALA H 94 6.05 3.06 -37.42
N VAL H 95 6.92 2.53 -36.55
CA VAL H 95 7.13 3.09 -35.22
C VAL H 95 8.43 3.89 -35.26
N TYR H 96 8.36 5.15 -34.86
CA TYR H 96 9.48 6.08 -34.94
C TYR H 96 10.17 6.13 -33.59
N TYR H 97 11.43 5.68 -33.54
CA TYR H 97 12.19 5.60 -32.32
C TYR H 97 13.15 6.78 -32.22
N CYS H 98 13.29 7.30 -31.00
CA CYS H 98 14.06 8.49 -30.72
C CYS H 98 15.39 8.10 -30.09
N ASN H 99 16.49 8.51 -30.73
CA ASN H 99 17.84 8.27 -30.23
C ASN H 99 18.47 9.57 -29.76
N MET H 100 19.32 9.46 -28.73
CA MET H 100 19.96 10.62 -28.16
C MET H 100 21.26 10.18 -27.49
N ASP H 101 22.39 10.65 -28.02
CA ASP H 101 23.68 10.50 -27.37
C ASP H 101 23.86 11.69 -26.44
N LEU H 102 23.92 11.43 -25.14
CA LEU H 102 23.88 12.47 -24.12
C LEU H 102 25.05 12.34 -23.16
N THR H 103 25.45 13.48 -22.60
CA THR H 103 26.42 13.52 -21.52
C THR H 103 25.65 13.56 -20.20
N VAL H 104 26.08 12.76 -19.24
CA VAL H 104 25.35 12.54 -17.99
C VAL H 104 26.32 12.70 -16.83
N MET H 105 25.82 13.25 -15.72
CA MET H 105 26.62 13.45 -14.52
C MET H 105 26.34 12.34 -13.53
N THR H 106 27.40 11.68 -13.06
CA THR H 106 27.28 10.64 -12.05
C THR H 106 27.05 11.29 -10.69
N ALA H 107 27.03 10.48 -9.64
CA ALA H 107 26.82 11.02 -8.30
C ALA H 107 28.04 11.76 -7.79
N THR H 108 29.23 11.33 -8.21
CA THR H 108 30.47 11.99 -7.80
C THR H 108 30.77 13.25 -8.63
N SER H 109 29.84 13.67 -9.49
CA SER H 109 29.92 14.85 -10.36
C SER H 109 30.68 14.55 -11.65
N SER H 110 31.23 13.34 -11.80
CA SER H 110 31.90 12.97 -13.05
C SER H 110 30.92 13.03 -14.21
N LEU H 111 31.47 13.22 -15.42
CA LEU H 111 30.67 13.29 -16.63
C LEU H 111 31.04 12.14 -17.58
N TYR H 112 30.02 11.55 -18.20
CA TYR H 112 30.25 10.50 -19.20
C TYR H 112 29.19 10.63 -20.29
N ALA H 113 29.50 10.07 -21.45
CA ALA H 113 28.61 10.10 -22.61
C ALA H 113 28.02 8.71 -22.89
N TYR H 114 26.69 8.61 -22.82
CA TYR H 114 25.95 7.39 -23.10
C TYR H 114 24.96 7.65 -24.23
N ASP H 115 24.53 6.59 -24.90
CA ASP H 115 23.55 6.67 -25.97
C ASP H 115 22.26 5.98 -25.51
N TYR H 116 21.17 6.74 -25.45
CA TYR H 116 19.88 6.27 -24.95
C TYR H 116 18.86 6.12 -26.07
N TRP H 117 17.91 5.19 -25.87
CA TRP H 117 16.86 4.93 -26.82
C TRP H 117 15.49 5.20 -26.20
N GLY H 118 14.52 5.53 -27.04
CA GLY H 118 13.15 5.71 -26.61
C GLY H 118 12.29 4.50 -26.92
N GLN H 119 11.12 4.44 -26.26
CA GLN H 119 10.24 3.29 -26.44
C GLN H 119 9.63 3.27 -27.85
N GLY H 120 9.12 4.41 -28.30
CA GLY H 120 8.56 4.50 -29.63
C GLY H 120 7.19 5.14 -29.69
N THR H 121 6.83 5.67 -30.87
CA THR H 121 5.51 6.23 -31.12
C THR H 121 5.06 5.75 -32.50
N GLN H 122 3.85 5.20 -32.57
CA GLN H 122 3.38 4.55 -33.77
C GLN H 122 2.80 5.56 -34.76
N VAL H 123 3.12 5.36 -36.04
CA VAL H 123 2.61 6.17 -37.13
C VAL H 123 2.02 5.25 -38.19
N THR H 124 0.74 5.42 -38.48
CA THR H 124 0.04 4.65 -39.51
C THR H 124 -0.57 5.62 -40.51
N VAL H 125 -0.53 5.24 -41.79
CA VAL H 125 -0.92 6.12 -42.88
C VAL H 125 -2.02 5.43 -43.68
N SER H 126 -3.24 5.93 -43.55
CA SER H 126 -4.43 5.39 -44.23
C SER H 126 -4.98 4.19 -43.48
#